data_2D96
#
_entry.id   2D96
#
_entity_poly.entity_id   1
_entity_poly.type   'polypeptide(L)'
_entity_poly.pdbx_seq_one_letter_code
;GSSGSSGPGLSLGDTALQNLEQLLDGPEAQGSWAELAERLGLRSLVDTYRQTTSPSGSLLRSYELAGGDLAGLLEALSDM
GLEEGVRLLRGPETRDKLPSTEVSGPSSG
;
_entity_poly.pdbx_strand_id   A
#
# COMPACT_ATOMS: atom_id res chain seq x y z
N GLY A 1 13.32 -5.20 3.83
CA GLY A 1 12.42 -6.34 3.88
C GLY A 1 11.84 -6.68 2.53
N SER A 2 12.00 -7.95 2.13
CA SER A 2 11.50 -8.40 0.84
C SER A 2 10.42 -9.47 1.01
N SER A 3 9.53 -9.24 1.98
CA SER A 3 8.45 -10.18 2.26
C SER A 3 7.22 -9.45 2.79
N GLY A 4 6.06 -10.09 2.68
CA GLY A 4 4.82 -9.49 3.15
C GLY A 4 3.88 -10.51 3.74
N SER A 5 3.64 -11.59 3.00
CA SER A 5 2.74 -12.65 3.45
C SER A 5 3.27 -13.31 4.72
N SER A 6 4.53 -13.76 4.66
CA SER A 6 5.16 -14.42 5.80
C SER A 6 4.87 -13.65 7.10
N GLY A 7 5.23 -12.37 7.11
CA GLY A 7 5.02 -11.55 8.29
C GLY A 7 3.59 -11.05 8.39
N PRO A 8 3.08 -10.91 9.62
CA PRO A 8 1.72 -10.43 9.86
C PRO A 8 1.56 -8.95 9.54
N GLY A 9 2.67 -8.29 9.22
CA GLY A 9 2.63 -6.88 8.90
C GLY A 9 3.03 -6.61 7.45
N LEU A 10 2.61 -5.46 6.93
CA LEU A 10 2.93 -5.10 5.56
C LEU A 10 4.26 -4.36 5.49
N SER A 11 5.04 -4.65 4.46
CA SER A 11 6.34 -4.01 4.27
C SER A 11 6.19 -2.67 3.59
N LEU A 12 5.33 -1.82 4.13
CA LEU A 12 5.08 -0.49 3.58
C LEU A 12 5.55 0.60 4.55
N GLY A 13 5.42 1.85 4.13
CA GLY A 13 5.82 2.96 4.97
C GLY A 13 4.70 3.95 5.21
N ASP A 14 4.69 4.55 6.40
CA ASP A 14 3.66 5.51 6.76
C ASP A 14 3.29 6.39 5.56
N THR A 15 4.31 6.97 4.93
CA THR A 15 4.09 7.83 3.77
C THR A 15 3.48 7.05 2.62
N ALA A 16 3.90 5.81 2.45
CA ALA A 16 3.39 4.95 1.39
C ALA A 16 1.86 4.90 1.42
N LEU A 17 1.31 4.53 2.56
CA LEU A 17 -0.13 4.45 2.73
C LEU A 17 -0.80 5.79 2.43
N GLN A 18 -0.24 6.85 2.99
CA GLN A 18 -0.78 8.19 2.78
C GLN A 18 -0.96 8.48 1.30
N ASN A 19 0.00 8.04 0.49
CA ASN A 19 -0.06 8.26 -0.96
C ASN A 19 -1.07 7.31 -1.61
N LEU A 20 -0.94 6.02 -1.31
CA LEU A 20 -1.84 5.02 -1.87
C LEU A 20 -3.30 5.37 -1.58
N GLU A 21 -3.54 5.93 -0.39
CA GLU A 21 -4.88 6.31 0.01
C GLU A 21 -5.44 7.40 -0.89
N GLN A 22 -4.73 8.53 -0.94
CA GLN A 22 -5.15 9.65 -1.78
C GLN A 22 -5.24 9.24 -3.24
N LEU A 23 -4.22 8.53 -3.72
CA LEU A 23 -4.19 8.07 -5.11
C LEU A 23 -5.51 7.43 -5.50
N LEU A 24 -5.98 6.49 -4.69
CA LEU A 24 -7.24 5.80 -4.95
C LEU A 24 -8.41 6.77 -4.91
N ASP A 25 -8.30 7.80 -4.07
CA ASP A 25 -9.34 8.80 -3.93
C ASP A 25 -9.06 10.00 -4.83
N GLY A 26 -9.82 10.13 -5.91
CA GLY A 26 -9.63 11.24 -6.82
C GLY A 26 -10.32 11.02 -8.16
N PRO A 27 -10.71 12.12 -8.81
CA PRO A 27 -11.40 12.07 -10.10
C PRO A 27 -10.48 11.61 -11.23
N GLU A 28 -9.19 11.87 -11.06
CA GLU A 28 -8.20 11.49 -12.08
C GLU A 28 -7.82 10.02 -11.92
N ALA A 29 -7.98 9.49 -10.72
CA ALA A 29 -7.64 8.10 -10.44
C ALA A 29 -8.24 7.18 -11.49
N GLN A 30 -7.41 6.75 -12.43
CA GLN A 30 -7.86 5.86 -13.50
C GLN A 30 -8.74 4.73 -12.94
N GLY A 31 -8.56 4.44 -11.65
CA GLY A 31 -9.34 3.40 -11.02
C GLY A 31 -10.03 3.87 -9.75
N SER A 32 -10.04 3.02 -8.73
CA SER A 32 -10.66 3.35 -7.47
C SER A 32 -10.42 2.26 -6.43
N TRP A 33 -10.77 2.55 -5.18
CA TRP A 33 -10.58 1.59 -4.10
C TRP A 33 -11.82 0.70 -3.94
N ALA A 34 -13.00 1.30 -4.08
CA ALA A 34 -14.25 0.57 -3.97
C ALA A 34 -14.20 -0.73 -4.77
N GLU A 35 -13.83 -0.61 -6.05
CA GLU A 35 -13.74 -1.78 -6.92
C GLU A 35 -12.57 -2.67 -6.54
N LEU A 36 -11.42 -2.05 -6.26
CA LEU A 36 -10.22 -2.78 -5.89
C LEU A 36 -10.52 -3.79 -4.79
N ALA A 37 -11.12 -3.32 -3.70
CA ALA A 37 -11.46 -4.19 -2.58
C ALA A 37 -12.18 -5.45 -3.06
N GLU A 38 -13.14 -5.26 -3.96
CA GLU A 38 -13.91 -6.37 -4.50
C GLU A 38 -12.99 -7.41 -5.13
N ARG A 39 -12.00 -6.94 -5.88
CA ARG A 39 -11.05 -7.83 -6.54
C ARG A 39 -10.29 -8.68 -5.52
N LEU A 40 -10.00 -8.07 -4.37
CA LEU A 40 -9.28 -8.78 -3.31
C LEU A 40 -10.20 -9.75 -2.58
N GLY A 41 -11.49 -9.43 -2.56
CA GLY A 41 -12.45 -10.29 -1.90
C GLY A 41 -13.04 -9.66 -0.66
N LEU A 42 -12.65 -8.41 -0.40
CA LEU A 42 -13.14 -7.68 0.77
C LEU A 42 -14.33 -6.80 0.40
N ARG A 43 -15.17 -7.30 -0.50
CA ARG A 43 -16.34 -6.56 -0.94
C ARG A 43 -17.35 -6.42 0.20
N SER A 44 -17.48 -7.47 1.01
CA SER A 44 -18.41 -7.47 2.12
C SER A 44 -17.99 -6.45 3.18
N LEU A 45 -16.82 -5.86 2.98
CA LEU A 45 -16.30 -4.86 3.92
C LEU A 45 -16.34 -3.46 3.30
N VAL A 46 -16.50 -3.41 1.99
CA VAL A 46 -16.55 -2.14 1.28
C VAL A 46 -17.53 -1.17 1.96
N ASP A 47 -18.61 -1.72 2.50
CA ASP A 47 -19.61 -0.91 3.19
C ASP A 47 -19.10 -0.43 4.53
N THR A 48 -18.61 -1.37 5.35
CA THR A 48 -18.10 -1.03 6.67
C THR A 48 -17.00 0.02 6.58
N TYR A 49 -16.34 0.09 5.44
CA TYR A 49 -15.26 1.05 5.22
C TYR A 49 -15.83 2.43 4.89
N ARG A 50 -16.56 2.50 3.78
CA ARG A 50 -17.16 3.76 3.34
C ARG A 50 -17.85 4.47 4.49
N GLN A 51 -18.23 3.70 5.51
CA GLN A 51 -18.90 4.24 6.68
C GLN A 51 -18.01 5.26 7.39
N THR A 52 -16.73 4.93 7.53
CA THR A 52 -15.77 5.81 8.20
C THR A 52 -15.44 7.01 7.32
N THR A 53 -14.55 7.87 7.81
CA THR A 53 -14.13 9.05 7.07
C THR A 53 -12.89 8.78 6.24
N SER A 54 -12.00 7.95 6.77
CA SER A 54 -10.76 7.60 6.07
C SER A 54 -10.69 6.10 5.80
N PRO A 55 -11.53 5.62 4.88
CA PRO A 55 -11.57 4.21 4.50
C PRO A 55 -10.33 3.77 3.75
N SER A 56 -9.74 4.67 2.98
CA SER A 56 -8.54 4.37 2.21
C SER A 56 -7.54 3.60 3.05
N GLY A 57 -7.08 4.23 4.14
CA GLY A 57 -6.11 3.58 5.01
C GLY A 57 -6.67 2.34 5.67
N SER A 58 -7.88 2.45 6.21
CA SER A 58 -8.53 1.33 6.89
C SER A 58 -8.78 0.18 5.91
N LEU A 59 -8.60 0.45 4.62
CA LEU A 59 -8.81 -0.55 3.59
C LEU A 59 -7.55 -1.39 3.40
N LEU A 60 -6.41 -0.73 3.31
CA LEU A 60 -5.13 -1.42 3.13
C LEU A 60 -4.75 -2.21 4.38
N ARG A 61 -4.57 -1.49 5.49
CA ARG A 61 -4.22 -2.12 6.75
C ARG A 61 -5.08 -3.37 7.01
N SER A 62 -6.27 -3.37 6.43
CA SER A 62 -7.19 -4.50 6.59
C SER A 62 -6.94 -5.57 5.54
N TYR A 63 -6.44 -5.14 4.37
CA TYR A 63 -6.17 -6.06 3.28
C TYR A 63 -5.16 -7.13 3.71
N GLU A 64 -4.27 -6.76 4.63
CA GLU A 64 -3.26 -7.69 5.13
C GLU A 64 -3.84 -8.60 6.20
N LEU A 65 -4.73 -8.04 7.01
CA LEU A 65 -5.36 -8.81 8.08
C LEU A 65 -5.97 -10.10 7.56
N ALA A 66 -6.57 -10.02 6.38
CA ALA A 66 -7.19 -11.18 5.76
C ALA A 66 -6.14 -12.20 5.33
N GLY A 67 -4.96 -11.73 5.00
CA GLY A 67 -3.89 -12.61 4.58
C GLY A 67 -3.37 -12.28 3.18
N GLY A 68 -3.49 -11.01 2.80
CA GLY A 68 -3.03 -10.59 1.49
C GLY A 68 -1.65 -9.96 1.53
N ASP A 69 -0.94 -10.02 0.42
CA ASP A 69 0.40 -9.44 0.33
C ASP A 69 0.48 -8.42 -0.79
N LEU A 70 1.48 -7.53 -0.72
CA LEU A 70 1.67 -6.51 -1.73
C LEU A 70 1.36 -7.04 -3.12
N ALA A 71 2.00 -8.16 -3.48
CA ALA A 71 1.79 -8.77 -4.78
C ALA A 71 0.31 -8.81 -5.14
N GLY A 72 -0.46 -9.59 -4.39
CA GLY A 72 -1.89 -9.70 -4.64
C GLY A 72 -2.51 -8.36 -5.00
N LEU A 73 -2.20 -7.33 -4.22
CA LEU A 73 -2.73 -6.00 -4.45
C LEU A 73 -2.29 -5.46 -5.80
N LEU A 74 -0.99 -5.60 -6.08
CA LEU A 74 -0.43 -5.12 -7.35
C LEU A 74 -1.18 -5.73 -8.53
N GLU A 75 -1.65 -6.96 -8.36
CA GLU A 75 -2.38 -7.64 -9.42
C GLU A 75 -3.71 -6.96 -9.70
N ALA A 76 -4.40 -6.56 -8.63
CA ALA A 76 -5.69 -5.89 -8.76
C ALA A 76 -5.52 -4.50 -9.38
N LEU A 77 -4.63 -3.70 -8.80
CA LEU A 77 -4.38 -2.36 -9.29
C LEU A 77 -4.12 -2.36 -10.79
N SER A 78 -3.26 -3.28 -11.23
CA SER A 78 -2.92 -3.39 -12.65
C SER A 78 -4.16 -3.70 -13.48
N ASP A 79 -4.86 -4.76 -13.13
CA ASP A 79 -6.06 -5.17 -13.84
C ASP A 79 -7.06 -4.02 -13.91
N MET A 80 -7.08 -3.19 -12.88
CA MET A 80 -7.99 -2.05 -12.82
C MET A 80 -7.45 -0.90 -13.66
N GLY A 81 -6.14 -0.87 -13.85
CA GLY A 81 -5.52 0.19 -14.63
C GLY A 81 -4.59 1.05 -13.79
N LEU A 82 -4.81 1.07 -12.48
CA LEU A 82 -3.98 1.85 -11.59
C LEU A 82 -2.52 1.43 -11.68
N GLU A 83 -1.77 2.09 -12.56
CA GLU A 83 -0.36 1.79 -12.74
C GLU A 83 0.49 2.49 -11.70
N GLU A 84 0.21 3.77 -11.48
CA GLU A 84 0.95 4.57 -10.51
C GLU A 84 1.06 3.83 -9.17
N GLY A 85 -0.08 3.67 -8.49
CA GLY A 85 -0.09 2.99 -7.22
C GLY A 85 0.85 1.78 -7.19
N VAL A 86 0.87 1.04 -8.28
CA VAL A 86 1.72 -0.15 -8.39
C VAL A 86 3.20 0.24 -8.29
N ARG A 87 3.69 0.96 -9.29
CA ARG A 87 5.08 1.39 -9.31
C ARG A 87 5.47 2.04 -7.99
N LEU A 88 4.53 2.79 -7.41
CA LEU A 88 4.78 3.48 -6.15
C LEU A 88 5.09 2.48 -5.04
N LEU A 89 4.15 1.57 -4.79
CA LEU A 89 4.31 0.55 -3.76
C LEU A 89 5.62 -0.20 -3.95
N ARG A 90 5.98 -0.44 -5.20
CA ARG A 90 7.21 -1.16 -5.52
C ARG A 90 8.43 -0.35 -5.11
N GLY A 91 8.36 0.97 -5.32
CA GLY A 91 9.47 1.83 -4.97
C GLY A 91 10.53 1.88 -6.05
N PRO A 92 11.18 3.05 -6.20
CA PRO A 92 12.22 3.26 -7.21
C PRO A 92 13.49 2.49 -6.87
N GLU A 93 14.39 2.38 -7.85
CA GLU A 93 15.65 1.67 -7.66
C GLU A 93 16.58 2.45 -6.73
N THR A 94 17.74 1.87 -6.45
CA THR A 94 18.72 2.50 -5.57
C THR A 94 20.09 2.56 -6.23
N ARG A 95 20.58 3.77 -6.47
CA ARG A 95 21.88 3.97 -7.09
C ARG A 95 22.92 4.39 -6.07
N ASP A 96 23.99 3.61 -5.96
CA ASP A 96 25.06 3.91 -5.01
C ASP A 96 25.64 5.30 -5.25
N LYS A 97 26.30 5.85 -4.25
CA LYS A 97 26.91 7.17 -4.36
C LYS A 97 28.13 7.29 -3.44
N LEU A 98 28.86 8.38 -3.60
CA LEU A 98 30.05 8.62 -2.78
C LEU A 98 29.76 9.62 -1.67
N PRO A 99 30.42 9.42 -0.51
CA PRO A 99 30.25 10.30 0.65
C PRO A 99 30.85 11.68 0.43
N SER A 100 31.63 11.82 -0.63
CA SER A 100 32.27 13.09 -0.96
C SER A 100 33.19 13.53 0.16
N THR A 101 33.84 12.57 0.80
CA THR A 101 34.76 12.86 1.90
C THR A 101 36.19 12.99 1.40
N GLU A 102 36.91 13.97 1.94
CA GLU A 102 38.29 14.21 1.55
C GLU A 102 39.24 13.21 2.21
N VAL A 103 39.53 12.12 1.51
CA VAL A 103 40.42 11.09 2.03
C VAL A 103 41.68 11.70 2.61
N SER A 104 42.25 11.04 3.62
CA SER A 104 43.47 11.51 4.26
C SER A 104 44.63 11.52 3.28
N GLY A 105 45.60 12.40 3.52
CA GLY A 105 46.76 12.49 2.65
C GLY A 105 47.93 11.68 3.16
N PRO A 106 49.15 12.04 2.71
CA PRO A 106 50.38 11.35 3.11
C PRO A 106 50.74 11.64 4.57
N SER A 107 51.80 10.98 5.04
CA SER A 107 52.25 11.16 6.41
C SER A 107 53.22 12.33 6.52
N SER A 108 53.56 12.71 7.75
CA SER A 108 54.47 13.82 7.99
C SER A 108 53.81 15.15 7.67
N GLY A 109 52.54 15.29 8.07
CA GLY A 109 51.81 16.52 7.82
C GLY A 109 50.75 16.35 6.75
N GLY A 1 17.81 -18.80 8.94
CA GLY A 1 16.54 -18.71 9.62
C GLY A 1 15.45 -18.12 8.74
N SER A 2 14.85 -18.97 7.92
CA SER A 2 13.78 -18.53 7.01
C SER A 2 12.80 -17.61 7.74
N SER A 3 12.81 -16.34 7.35
CA SER A 3 11.92 -15.35 7.95
C SER A 3 10.46 -15.66 7.64
N GLY A 4 9.56 -15.06 8.40
CA GLY A 4 8.13 -15.28 8.19
C GLY A 4 7.58 -14.45 7.05
N SER A 5 6.35 -14.75 6.65
CA SER A 5 5.70 -14.02 5.56
C SER A 5 4.39 -13.41 6.01
N SER A 6 3.45 -14.26 6.43
CA SER A 6 2.15 -13.81 6.88
C SER A 6 2.28 -13.02 8.18
N GLY A 7 2.54 -11.72 8.05
CA GLY A 7 2.67 -10.87 9.21
C GLY A 7 1.54 -9.86 9.33
N PRO A 8 1.16 -9.55 10.59
CA PRO A 8 0.08 -8.60 10.87
C PRO A 8 0.46 -7.17 10.51
N GLY A 9 1.67 -6.99 9.99
CA GLY A 9 2.13 -5.67 9.62
C GLY A 9 2.68 -5.62 8.20
N LEU A 10 2.14 -4.71 7.39
CA LEU A 10 2.57 -4.57 6.00
C LEU A 10 3.93 -3.88 5.93
N SER A 11 4.87 -4.52 5.24
CA SER A 11 6.21 -3.96 5.09
C SER A 11 6.16 -2.49 4.71
N LEU A 12 5.11 -2.10 3.99
CA LEU A 12 4.93 -0.72 3.56
C LEU A 12 5.07 0.23 4.74
N GLY A 13 5.63 1.41 4.49
CA GLY A 13 5.80 2.40 5.55
C GLY A 13 4.62 3.34 5.65
N ASP A 14 4.69 4.26 6.60
CA ASP A 14 3.62 5.24 6.80
C ASP A 14 3.35 6.02 5.52
N THR A 15 4.34 6.79 5.09
CA THR A 15 4.20 7.59 3.87
C THR A 15 3.51 6.80 2.77
N ALA A 16 4.07 5.64 2.43
CA ALA A 16 3.51 4.79 1.40
C ALA A 16 1.98 4.81 1.44
N LEU A 17 1.42 4.34 2.55
CA LEU A 17 -0.02 4.29 2.73
C LEU A 17 -0.65 5.65 2.43
N GLN A 18 -0.25 6.66 3.19
CA GLN A 18 -0.76 8.01 3.01
C GLN A 18 -0.97 8.32 1.53
N ASN A 19 0.01 7.94 0.71
CA ASN A 19 -0.07 8.17 -0.73
C ASN A 19 -1.11 7.27 -1.38
N LEU A 20 -0.88 5.97 -1.30
CA LEU A 20 -1.80 4.99 -1.88
C LEU A 20 -3.25 5.36 -1.56
N GLU A 21 -3.47 5.92 -0.36
CA GLU A 21 -4.80 6.31 0.06
C GLU A 21 -5.42 7.31 -0.91
N GLN A 22 -4.67 8.36 -1.22
CA GLN A 22 -5.14 9.40 -2.14
C GLN A 22 -5.20 8.86 -3.57
N LEU A 23 -4.32 7.91 -3.88
CA LEU A 23 -4.27 7.32 -5.20
C LEU A 23 -5.59 6.61 -5.54
N LEU A 24 -6.22 6.06 -4.52
CA LEU A 24 -7.49 5.36 -4.70
C LEU A 24 -8.67 6.30 -4.49
N ASP A 25 -8.46 7.33 -3.67
CA ASP A 25 -9.50 8.31 -3.39
C ASP A 25 -9.27 9.59 -4.20
N GLY A 26 -10.18 9.86 -5.13
CA GLY A 26 -10.07 11.05 -5.95
C GLY A 26 -10.69 10.88 -7.32
N PRO A 27 -11.11 11.99 -7.93
CA PRO A 27 -11.74 11.98 -9.26
C PRO A 27 -10.75 11.64 -10.36
N GLU A 28 -9.51 12.12 -10.20
CA GLU A 28 -8.46 11.87 -11.18
C GLU A 28 -8.01 10.40 -11.15
N ALA A 29 -8.08 9.80 -9.96
CA ALA A 29 -7.69 8.41 -9.80
C ALA A 29 -8.33 7.52 -10.86
N GLN A 30 -7.55 7.21 -11.89
CA GLN A 30 -8.03 6.37 -12.98
C GLN A 30 -8.91 5.23 -12.45
N GLY A 31 -8.58 4.76 -11.26
CA GLY A 31 -9.34 3.67 -10.65
C GLY A 31 -10.09 4.12 -9.41
N SER A 32 -10.16 3.23 -8.42
CA SER A 32 -10.87 3.53 -7.18
C SER A 32 -10.60 2.45 -6.14
N TRP A 33 -11.18 2.63 -4.95
CA TRP A 33 -11.02 1.66 -3.87
C TRP A 33 -12.15 0.64 -3.88
N ALA A 34 -13.38 1.12 -4.01
CA ALA A 34 -14.55 0.24 -4.03
C ALA A 34 -14.30 -0.96 -4.95
N GLU A 35 -13.64 -0.71 -6.08
CA GLU A 35 -13.35 -1.78 -7.03
C GLU A 35 -12.20 -2.65 -6.55
N LEU A 36 -11.03 -2.04 -6.40
CA LEU A 36 -9.85 -2.76 -5.94
C LEU A 36 -10.21 -3.75 -4.82
N ALA A 37 -11.03 -3.28 -3.88
CA ALA A 37 -11.45 -4.12 -2.76
C ALA A 37 -12.01 -5.45 -3.25
N GLU A 38 -12.95 -5.38 -4.19
CA GLU A 38 -13.56 -6.58 -4.74
C GLU A 38 -12.50 -7.59 -5.18
N ARG A 39 -11.57 -7.13 -6.01
CA ARG A 39 -10.50 -7.99 -6.51
C ARG A 39 -9.72 -8.60 -5.35
N LEU A 40 -9.71 -7.91 -4.21
CA LEU A 40 -9.00 -8.38 -3.04
C LEU A 40 -9.86 -9.36 -2.24
N GLY A 41 -11.17 -9.19 -2.31
CA GLY A 41 -12.08 -10.06 -1.58
C GLY A 41 -12.74 -9.37 -0.41
N LEU A 42 -12.90 -8.06 -0.50
CA LEU A 42 -13.51 -7.28 0.56
C LEU A 42 -14.71 -6.48 0.04
N ARG A 43 -15.29 -6.96 -1.06
CA ARG A 43 -16.44 -6.29 -1.66
C ARG A 43 -17.57 -6.12 -0.64
N SER A 44 -17.65 -7.05 0.30
CA SER A 44 -18.68 -7.00 1.32
C SER A 44 -18.35 -5.97 2.40
N LEU A 45 -17.06 -5.88 2.74
CA LEU A 45 -16.61 -4.94 3.76
C LEU A 45 -16.59 -3.51 3.20
N VAL A 46 -16.74 -3.40 1.87
CA VAL A 46 -16.75 -2.10 1.23
C VAL A 46 -17.49 -1.06 2.06
N ASP A 47 -18.42 -1.53 2.88
CA ASP A 47 -19.20 -0.65 3.74
C ASP A 47 -18.36 -0.16 4.93
N THR A 48 -17.81 -1.10 5.68
CA THR A 48 -16.98 -0.77 6.83
C THR A 48 -16.16 0.49 6.58
N TYR A 49 -15.72 0.65 5.34
CA TYR A 49 -14.92 1.82 4.97
C TYR A 49 -15.79 3.06 4.82
N ARG A 50 -16.94 2.90 4.17
CA ARG A 50 -17.87 4.00 3.97
C ARG A 50 -18.22 4.67 5.30
N GLN A 51 -18.35 3.85 6.34
CA GLN A 51 -18.69 4.37 7.66
C GLN A 51 -17.62 5.33 8.17
N THR A 52 -16.41 4.80 8.37
CA THR A 52 -15.30 5.61 8.85
C THR A 52 -14.91 6.68 7.85
N THR A 53 -14.24 7.72 8.32
CA THR A 53 -13.81 8.81 7.45
C THR A 53 -12.51 8.45 6.73
N SER A 54 -11.88 7.36 7.14
CA SER A 54 -10.63 6.92 6.54
C SER A 54 -10.81 5.59 5.82
N PRO A 55 -11.66 5.58 4.78
CA PRO A 55 -11.95 4.39 3.99
C PRO A 55 -10.76 3.96 3.14
N SER A 56 -9.68 4.75 3.18
CA SER A 56 -8.48 4.46 2.41
C SER A 56 -7.49 3.68 3.25
N GLY A 57 -6.91 4.34 4.25
CA GLY A 57 -5.94 3.70 5.11
C GLY A 57 -6.46 2.40 5.70
N SER A 58 -7.76 2.36 5.99
CA SER A 58 -8.38 1.18 6.56
C SER A 58 -8.46 0.05 5.54
N LEU A 59 -8.80 0.40 4.30
CA LEU A 59 -8.91 -0.58 3.23
C LEU A 59 -7.64 -1.44 3.14
N LEU A 60 -6.49 -0.77 3.16
CA LEU A 60 -5.22 -1.47 3.09
C LEU A 60 -4.89 -2.17 4.40
N ARG A 61 -5.18 -1.49 5.51
CA ARG A 61 -4.93 -2.05 6.84
C ARG A 61 -5.67 -3.36 7.03
N SER A 62 -6.83 -3.48 6.38
CA SER A 62 -7.64 -4.69 6.48
C SER A 62 -7.18 -5.74 5.47
N TYR A 63 -6.73 -5.27 4.31
CA TYR A 63 -6.26 -6.17 3.26
C TYR A 63 -5.18 -7.10 3.79
N GLU A 64 -4.38 -6.61 4.72
CA GLU A 64 -3.31 -7.40 5.30
C GLU A 64 -3.85 -8.37 6.35
N LEU A 65 -4.86 -7.92 7.08
CA LEU A 65 -5.47 -8.75 8.12
C LEU A 65 -6.10 -10.01 7.52
N ALA A 66 -6.66 -9.87 6.32
CA ALA A 66 -7.29 -10.99 5.65
C ALA A 66 -6.25 -12.03 5.22
N GLY A 67 -5.02 -11.58 4.99
CA GLY A 67 -3.96 -12.48 4.59
C GLY A 67 -3.44 -12.18 3.19
N GLY A 68 -3.37 -10.89 2.85
CA GLY A 68 -2.89 -10.50 1.54
C GLY A 68 -1.51 -9.90 1.58
N ASP A 69 -0.78 -9.99 0.48
CA ASP A 69 0.57 -9.45 0.40
C ASP A 69 0.68 -8.45 -0.75
N LEU A 70 1.78 -7.69 -0.76
CA LEU A 70 2.00 -6.69 -1.80
C LEU A 70 1.62 -7.23 -3.17
N ALA A 71 2.05 -8.45 -3.47
CA ALA A 71 1.75 -9.08 -4.75
C ALA A 71 0.25 -9.10 -5.01
N GLY A 72 -0.51 -9.57 -4.02
CA GLY A 72 -1.96 -9.64 -4.16
C GLY A 72 -2.57 -8.28 -4.48
N LEU A 73 -1.89 -7.22 -4.05
CA LEU A 73 -2.38 -5.86 -4.30
C LEU A 73 -1.98 -5.39 -5.69
N LEU A 74 -0.74 -5.66 -6.08
CA LEU A 74 -0.25 -5.26 -7.38
C LEU A 74 -1.02 -5.96 -8.50
N GLU A 75 -1.38 -7.21 -8.27
CA GLU A 75 -2.12 -7.99 -9.25
C GLU A 75 -3.48 -7.36 -9.52
N ALA A 76 -4.06 -6.76 -8.49
CA ALA A 76 -5.36 -6.12 -8.60
C ALA A 76 -5.26 -4.78 -9.33
N LEU A 77 -4.56 -3.83 -8.70
CA LEU A 77 -4.39 -2.51 -9.29
C LEU A 77 -4.19 -2.60 -10.80
N SER A 78 -3.45 -3.62 -11.24
CA SER A 78 -3.19 -3.82 -12.66
C SER A 78 -4.50 -4.04 -13.42
N ASP A 79 -5.28 -5.02 -12.97
CA ASP A 79 -6.55 -5.34 -13.60
C ASP A 79 -7.40 -4.08 -13.79
N MET A 80 -7.44 -3.24 -12.77
CA MET A 80 -8.21 -2.01 -12.82
C MET A 80 -7.52 -0.98 -13.71
N GLY A 81 -6.19 -0.97 -13.69
CA GLY A 81 -5.44 -0.03 -14.49
C GLY A 81 -4.70 0.98 -13.66
N LEU A 82 -4.79 0.85 -12.34
CA LEU A 82 -4.12 1.77 -11.42
C LEU A 82 -2.62 1.59 -11.49
N GLU A 83 -2.01 2.03 -12.59
CA GLU A 83 -0.57 1.92 -12.77
C GLU A 83 0.17 2.92 -11.88
N GLU A 84 -0.59 3.79 -11.23
CA GLU A 84 -0.01 4.79 -10.35
C GLU A 84 0.48 4.16 -9.05
N GLY A 85 -0.39 3.38 -8.42
CA GLY A 85 -0.03 2.72 -7.17
C GLY A 85 1.11 1.74 -7.34
N VAL A 86 1.01 0.89 -8.37
CA VAL A 86 2.03 -0.10 -8.63
C VAL A 86 3.42 0.54 -8.71
N ARG A 87 3.48 1.72 -9.30
CA ARG A 87 4.74 2.45 -9.43
C ARG A 87 5.22 2.96 -8.08
N LEU A 88 4.27 3.21 -7.18
CA LEU A 88 4.60 3.72 -5.85
C LEU A 88 5.08 2.59 -4.94
N LEU A 89 4.28 1.54 -4.85
CA LEU A 89 4.62 0.39 -4.02
C LEU A 89 5.98 -0.18 -4.41
N ARG A 90 6.25 -0.19 -5.71
CA ARG A 90 7.52 -0.70 -6.22
C ARG A 90 8.70 0.13 -5.72
N GLY A 91 8.51 1.45 -5.70
CA GLY A 91 9.57 2.35 -5.25
C GLY A 91 9.99 3.33 -6.31
N PRO A 92 10.36 4.54 -5.88
CA PRO A 92 10.80 5.61 -6.79
C PRO A 92 12.16 5.30 -7.43
N GLU A 93 12.63 6.22 -8.27
CA GLU A 93 13.91 6.04 -8.94
C GLU A 93 14.75 7.32 -8.86
N THR A 94 15.49 7.47 -7.77
CA THR A 94 16.33 8.65 -7.57
C THR A 94 17.19 8.50 -6.32
N ARG A 95 18.36 9.13 -6.35
CA ARG A 95 19.28 9.06 -5.22
C ARG A 95 19.48 10.44 -4.59
N ASP A 96 19.23 10.54 -3.29
CA ASP A 96 19.38 11.79 -2.58
C ASP A 96 20.22 11.61 -1.31
N LYS A 97 21.53 11.76 -1.47
CA LYS A 97 22.45 11.60 -0.35
C LYS A 97 23.76 12.34 -0.61
N LEU A 98 24.05 13.34 0.22
CA LEU A 98 25.28 14.13 0.08
C LEU A 98 26.25 13.81 1.21
N PRO A 99 27.55 13.82 0.87
CA PRO A 99 28.62 13.55 1.84
C PRO A 99 28.78 14.67 2.86
N SER A 100 27.97 14.62 3.92
CA SER A 100 28.01 15.63 4.97
C SER A 100 29.42 15.74 5.54
N THR A 101 29.82 16.96 5.87
CA THR A 101 31.14 17.22 6.43
C THR A 101 31.07 17.48 7.93
N GLU A 102 30.02 18.20 8.34
CA GLU A 102 29.83 18.52 9.75
C GLU A 102 28.48 18.02 10.25
N VAL A 103 28.33 17.93 11.56
CA VAL A 103 27.08 17.46 12.16
C VAL A 103 26.67 18.35 13.33
N SER A 104 25.39 18.68 13.38
CA SER A 104 24.86 19.53 14.46
C SER A 104 23.56 18.96 15.02
N GLY A 105 23.01 19.64 16.02
CA GLY A 105 21.78 19.18 16.63
C GLY A 105 21.31 20.11 17.73
N PRO A 106 20.77 21.28 17.34
CA PRO A 106 20.26 22.27 18.27
C PRO A 106 18.99 21.82 18.98
N SER A 107 18.47 22.67 19.86
CA SER A 107 17.25 22.35 20.60
C SER A 107 17.22 20.87 20.99
N SER A 108 18.37 20.36 21.44
CA SER A 108 18.48 18.96 21.83
C SER A 108 17.36 18.58 22.80
N GLY A 109 17.15 19.42 23.80
CA GLY A 109 16.11 19.16 24.78
C GLY A 109 16.07 17.70 25.22
N GLY A 1 4.93 -23.92 -8.70
CA GLY A 1 5.75 -23.14 -7.79
C GLY A 1 4.93 -22.35 -6.80
N SER A 2 5.35 -22.36 -5.54
CA SER A 2 4.64 -21.65 -4.48
C SER A 2 5.61 -21.14 -3.42
N SER A 3 5.51 -19.86 -3.11
CA SER A 3 6.38 -19.24 -2.11
C SER A 3 5.64 -18.14 -1.35
N GLY A 4 6.27 -17.64 -0.29
CA GLY A 4 5.66 -16.59 0.51
C GLY A 4 6.63 -15.98 1.50
N SER A 5 7.44 -15.04 1.04
CA SER A 5 8.42 -14.39 1.90
C SER A 5 7.84 -13.13 2.54
N SER A 6 6.61 -13.25 3.04
CA SER A 6 5.94 -12.12 3.68
C SER A 6 5.48 -12.49 5.09
N GLY A 7 4.76 -11.56 5.73
CA GLY A 7 4.27 -11.81 7.07
C GLY A 7 2.98 -11.08 7.36
N PRO A 8 2.61 -11.00 8.64
CA PRO A 8 1.39 -10.33 9.08
C PRO A 8 1.46 -8.81 8.92
N GLY A 9 2.62 -8.33 8.51
CA GLY A 9 2.81 -6.90 8.32
C GLY A 9 3.27 -6.56 6.92
N LEU A 10 2.54 -5.67 6.26
CA LEU A 10 2.87 -5.26 4.91
C LEU A 10 4.25 -4.60 4.86
N SER A 11 5.04 -4.98 3.86
CA SER A 11 6.40 -4.43 3.71
C SER A 11 6.34 -3.03 3.10
N LEU A 12 5.51 -2.17 3.67
CA LEU A 12 5.37 -0.81 3.19
C LEU A 12 5.50 0.19 4.33
N GLY A 13 6.09 1.36 4.03
CA GLY A 13 6.27 2.38 5.05
C GLY A 13 5.00 3.16 5.31
N ASP A 14 5.13 4.28 6.00
CA ASP A 14 3.98 5.13 6.32
C ASP A 14 3.63 6.03 5.14
N THR A 15 4.66 6.60 4.50
CA THR A 15 4.46 7.49 3.36
C THR A 15 3.74 6.77 2.24
N ALA A 16 4.33 5.70 1.74
CA ALA A 16 3.75 4.92 0.66
C ALA A 16 2.25 4.73 0.86
N LEU A 17 1.88 4.22 2.03
CA LEU A 17 0.48 3.99 2.36
C LEU A 17 -0.35 5.25 2.16
N GLN A 18 -0.03 6.30 2.92
CA GLN A 18 -0.73 7.56 2.81
C GLN A 18 -1.02 7.92 1.36
N ASN A 19 0.02 7.88 0.54
CA ASN A 19 -0.12 8.20 -0.88
C ASN A 19 -1.14 7.28 -1.55
N LEU A 20 -0.91 5.97 -1.45
CA LEU A 20 -1.81 4.99 -2.04
C LEU A 20 -3.27 5.30 -1.68
N GLU A 21 -3.51 5.52 -0.38
CA GLU A 21 -4.85 5.83 0.09
C GLU A 21 -5.49 6.93 -0.74
N GLN A 22 -4.93 8.13 -0.64
CA GLN A 22 -5.44 9.29 -1.38
C GLN A 22 -5.55 8.97 -2.86
N LEU A 23 -4.46 8.46 -3.44
CA LEU A 23 -4.44 8.12 -4.86
C LEU A 23 -5.72 7.39 -5.26
N LEU A 24 -6.23 6.55 -4.37
CA LEU A 24 -7.45 5.80 -4.63
C LEU A 24 -8.68 6.67 -4.40
N ASP A 25 -8.69 7.38 -3.28
CA ASP A 25 -9.82 8.26 -2.95
C ASP A 25 -9.73 9.57 -3.73
N GLY A 26 -10.59 9.70 -4.74
CA GLY A 26 -10.60 10.90 -5.55
C GLY A 26 -11.01 10.64 -6.98
N PRO A 27 -11.42 11.69 -7.69
CA PRO A 27 -11.84 11.59 -9.10
C PRO A 27 -10.69 11.29 -10.04
N GLU A 28 -9.59 12.03 -9.88
CA GLU A 28 -8.42 11.84 -10.72
C GLU A 28 -7.99 10.37 -10.72
N ALA A 29 -8.14 9.72 -9.58
CA ALA A 29 -7.77 8.31 -9.45
C ALA A 29 -8.19 7.51 -10.68
N GLN A 30 -7.22 7.21 -11.54
CA GLN A 30 -7.49 6.46 -12.76
C GLN A 30 -8.44 5.29 -12.48
N GLY A 31 -8.46 4.84 -11.24
CA GLY A 31 -9.31 3.73 -10.86
C GLY A 31 -10.19 4.05 -9.67
N SER A 32 -10.21 3.15 -8.69
CA SER A 32 -11.01 3.35 -7.49
C SER A 32 -10.72 2.26 -6.45
N TRP A 33 -11.07 2.54 -5.21
CA TRP A 33 -10.83 1.59 -4.12
C TRP A 33 -11.96 0.56 -4.05
N ALA A 34 -13.19 1.02 -4.25
CA ALA A 34 -14.34 0.12 -4.21
C ALA A 34 -14.07 -1.17 -4.96
N GLU A 35 -13.89 -1.07 -6.28
CA GLU A 35 -13.63 -2.23 -7.10
C GLU A 35 -12.39 -2.98 -6.61
N LEU A 36 -11.33 -2.24 -6.31
CA LEU A 36 -10.09 -2.83 -5.83
C LEU A 36 -10.36 -3.81 -4.68
N ALA A 37 -11.07 -3.33 -3.67
CA ALA A 37 -11.40 -4.16 -2.51
C ALA A 37 -12.07 -5.45 -2.94
N GLU A 38 -13.07 -5.35 -3.81
CA GLU A 38 -13.80 -6.51 -4.29
C GLU A 38 -12.84 -7.50 -4.96
N ARG A 39 -11.95 -6.98 -5.79
CA ARG A 39 -10.98 -7.82 -6.50
C ARG A 39 -10.15 -8.63 -5.51
N LEU A 40 -9.73 -7.99 -4.42
CA LEU A 40 -8.93 -8.65 -3.40
C LEU A 40 -9.76 -9.66 -2.62
N GLY A 41 -11.02 -9.29 -2.34
CA GLY A 41 -11.90 -10.17 -1.59
C GLY A 41 -12.58 -9.48 -0.45
N LEU A 42 -12.38 -8.17 -0.33
CA LEU A 42 -12.98 -7.38 0.73
C LEU A 42 -14.28 -6.73 0.26
N ARG A 43 -15.07 -7.48 -0.50
CA ARG A 43 -16.33 -6.97 -1.03
C ARG A 43 -17.36 -6.84 0.10
N SER A 44 -17.03 -7.39 1.26
CA SER A 44 -17.93 -7.34 2.41
C SER A 44 -17.63 -6.13 3.28
N LEU A 45 -16.41 -5.62 3.16
CA LEU A 45 -15.99 -4.45 3.95
C LEU A 45 -16.16 -3.17 3.13
N VAL A 46 -16.74 -3.30 1.95
CA VAL A 46 -16.96 -2.14 1.08
C VAL A 46 -17.96 -1.18 1.71
N ASP A 47 -19.03 -1.73 2.27
CA ASP A 47 -20.06 -0.91 2.91
C ASP A 47 -19.59 -0.40 4.27
N THR A 48 -18.54 -1.02 4.81
CA THR A 48 -18.00 -0.63 6.10
C THR A 48 -17.06 0.57 5.95
N TYR A 49 -16.19 0.52 4.95
CA TYR A 49 -15.24 1.60 4.70
C TYR A 49 -15.97 2.91 4.40
N ARG A 50 -16.70 2.93 3.29
CA ARG A 50 -17.44 4.11 2.89
C ARG A 50 -18.13 4.76 4.08
N GLN A 51 -18.50 3.94 5.06
CA GLN A 51 -19.17 4.42 6.26
C GLN A 51 -18.19 5.18 7.16
N THR A 52 -16.98 4.65 7.27
CA THR A 52 -15.95 5.27 8.11
C THR A 52 -15.47 6.58 7.50
N THR A 53 -14.55 7.24 8.20
CA THR A 53 -14.00 8.51 7.72
C THR A 53 -12.89 8.29 6.70
N SER A 54 -11.97 7.40 7.03
CA SER A 54 -10.85 7.10 6.14
C SER A 54 -10.94 5.67 5.62
N PRO A 55 -11.79 5.47 4.60
CA PRO A 55 -11.99 4.15 3.98
C PRO A 55 -10.77 3.69 3.19
N SER A 56 -9.88 4.62 2.88
CA SER A 56 -8.67 4.31 2.13
C SER A 56 -7.62 3.67 3.04
N GLY A 57 -7.26 4.38 4.11
CA GLY A 57 -6.27 3.88 5.04
C GLY A 57 -6.71 2.59 5.70
N SER A 58 -8.02 2.40 5.84
CA SER A 58 -8.57 1.21 6.47
C SER A 58 -8.67 0.06 5.47
N LEU A 59 -8.64 0.40 4.19
CA LEU A 59 -8.72 -0.61 3.13
C LEU A 59 -7.44 -1.42 3.04
N LEU A 60 -6.30 -0.74 3.15
CA LEU A 60 -5.01 -1.39 3.09
C LEU A 60 -4.73 -2.18 4.38
N ARG A 61 -4.59 -1.46 5.48
CA ARG A 61 -4.32 -2.08 6.77
C ARG A 61 -5.15 -3.35 6.94
N SER A 62 -6.30 -3.39 6.27
CA SER A 62 -7.19 -4.55 6.36
C SER A 62 -6.79 -5.61 5.34
N TYR A 63 -6.53 -5.18 4.12
CA TYR A 63 -6.14 -6.09 3.05
C TYR A 63 -5.04 -7.04 3.51
N GLU A 64 -4.25 -6.58 4.48
CA GLU A 64 -3.15 -7.40 5.02
C GLU A 64 -3.65 -8.25 6.18
N LEU A 65 -4.52 -7.70 7.01
CA LEU A 65 -5.05 -8.41 8.16
C LEU A 65 -5.91 -9.59 7.71
N ALA A 66 -6.64 -9.40 6.62
CA ALA A 66 -7.51 -10.46 6.08
C ALA A 66 -6.67 -11.63 5.57
N GLY A 67 -5.47 -11.34 5.09
CA GLY A 67 -4.60 -12.37 4.57
C GLY A 67 -4.09 -12.07 3.18
N GLY A 68 -3.98 -10.79 2.86
CA GLY A 68 -3.49 -10.38 1.55
C GLY A 68 -2.04 -9.99 1.56
N ASP A 69 -1.39 -10.05 0.41
CA ASP A 69 0.02 -9.69 0.29
C ASP A 69 0.21 -8.57 -0.71
N LEU A 70 1.41 -7.99 -0.73
CA LEU A 70 1.73 -6.90 -1.65
C LEU A 70 1.40 -7.28 -3.09
N ALA A 71 2.06 -8.33 -3.57
CA ALA A 71 1.84 -8.80 -4.94
C ALA A 71 0.35 -8.82 -5.28
N GLY A 72 -0.44 -9.43 -4.41
CA GLY A 72 -1.88 -9.50 -4.64
C GLY A 72 -2.47 -8.16 -5.00
N LEU A 73 -2.14 -7.14 -4.23
CA LEU A 73 -2.65 -5.79 -4.46
C LEU A 73 -2.16 -5.26 -5.80
N LEU A 74 -0.88 -5.45 -6.08
CA LEU A 74 -0.28 -4.99 -7.34
C LEU A 74 -1.03 -5.57 -8.53
N GLU A 75 -1.48 -6.82 -8.41
CA GLU A 75 -2.20 -7.47 -9.48
C GLU A 75 -3.59 -6.86 -9.67
N ALA A 76 -4.29 -6.67 -8.55
CA ALA A 76 -5.63 -6.09 -8.59
C ALA A 76 -5.60 -4.69 -9.21
N LEU A 77 -4.69 -3.85 -8.72
CA LEU A 77 -4.56 -2.49 -9.23
C LEU A 77 -4.37 -2.48 -10.74
N SER A 78 -3.38 -3.23 -11.21
CA SER A 78 -3.09 -3.31 -12.63
C SER A 78 -4.35 -3.65 -13.43
N ASP A 79 -4.96 -4.78 -13.10
CA ASP A 79 -6.18 -5.22 -13.78
C ASP A 79 -7.15 -4.06 -13.95
N MET A 80 -7.26 -3.22 -12.92
CA MET A 80 -8.14 -2.07 -12.95
C MET A 80 -7.57 -0.95 -13.81
N GLY A 81 -6.24 -0.82 -13.79
CA GLY A 81 -5.58 0.21 -14.57
C GLY A 81 -4.66 1.07 -13.73
N LEU A 82 -4.94 1.15 -12.44
CA LEU A 82 -4.14 1.95 -11.52
C LEU A 82 -2.65 1.57 -11.63
N GLU A 83 -1.93 2.31 -12.45
CA GLU A 83 -0.51 2.05 -12.65
C GLU A 83 0.32 2.72 -11.55
N GLU A 84 0.10 4.01 -11.36
CA GLU A 84 0.82 4.77 -10.34
C GLU A 84 0.92 3.97 -9.04
N GLY A 85 -0.23 3.69 -8.44
CA GLY A 85 -0.25 2.94 -7.19
C GLY A 85 0.70 1.76 -7.20
N VAL A 86 0.65 0.96 -8.27
CA VAL A 86 1.50 -0.20 -8.40
C VAL A 86 2.98 0.18 -8.17
N ARG A 87 3.50 1.05 -9.02
CA ARG A 87 4.88 1.48 -8.91
C ARG A 87 5.16 2.06 -7.52
N LEU A 88 4.40 3.08 -7.15
CA LEU A 88 4.56 3.71 -5.86
C LEU A 88 4.85 2.68 -4.77
N LEU A 89 4.01 1.65 -4.71
CA LEU A 89 4.18 0.59 -3.72
C LEU A 89 5.57 -0.05 -3.83
N ARG A 90 5.99 -0.30 -5.06
CA ARG A 90 7.29 -0.92 -5.31
C ARG A 90 8.41 -0.10 -4.65
N GLY A 91 8.34 1.22 -4.81
CA GLY A 91 9.35 2.08 -4.23
C GLY A 91 10.71 1.91 -4.88
N PRO A 92 10.85 2.42 -6.11
CA PRO A 92 12.10 2.34 -6.87
C PRO A 92 13.20 3.21 -6.26
N GLU A 93 14.36 3.21 -6.91
CA GLU A 93 15.50 4.00 -6.43
C GLU A 93 15.53 5.36 -7.13
N THR A 94 16.08 6.36 -6.44
CA THR A 94 16.18 7.70 -6.99
C THR A 94 17.34 8.47 -6.37
N ARG A 95 17.83 9.47 -7.09
CA ARG A 95 18.93 10.29 -6.60
C ARG A 95 18.85 10.48 -5.09
N ASP A 96 19.99 10.31 -4.41
CA ASP A 96 20.04 10.47 -2.97
C ASP A 96 20.42 11.91 -2.59
N LYS A 97 19.75 12.44 -1.57
CA LYS A 97 20.01 13.80 -1.12
C LYS A 97 20.18 13.83 0.40
N LEU A 98 20.72 14.94 0.91
CA LEU A 98 20.94 15.09 2.33
C LEU A 98 19.65 15.54 3.04
N PRO A 99 19.52 15.17 4.33
CA PRO A 99 18.35 15.53 5.13
C PRO A 99 18.29 17.03 5.43
N SER A 100 17.10 17.49 5.82
CA SER A 100 16.90 18.90 6.14
C SER A 100 15.96 19.06 7.32
N THR A 101 16.17 20.10 8.12
CA THR A 101 15.33 20.37 9.28
C THR A 101 14.95 21.84 9.34
N GLU A 102 13.71 22.11 9.78
CA GLU A 102 13.23 23.48 9.89
C GLU A 102 12.31 23.63 11.10
N VAL A 103 12.03 24.87 11.48
CA VAL A 103 11.16 25.15 12.61
C VAL A 103 10.10 26.19 12.25
N SER A 104 8.84 25.78 12.28
CA SER A 104 7.74 26.67 11.96
C SER A 104 7.10 27.23 13.22
N GLY A 105 6.61 26.32 14.07
CA GLY A 105 5.97 26.74 15.30
C GLY A 105 4.63 26.07 15.52
N PRO A 106 4.66 24.83 16.06
CA PRO A 106 3.45 24.06 16.32
C PRO A 106 2.63 24.64 17.48
N SER A 107 1.44 25.14 17.16
CA SER A 107 0.56 25.72 18.16
C SER A 107 -0.24 24.64 18.87
N SER A 108 0.46 23.64 19.39
CA SER A 108 -0.19 22.53 20.09
C SER A 108 0.76 21.90 21.09
N GLY A 109 0.21 21.41 22.20
CA GLY A 109 1.03 20.78 23.23
C GLY A 109 1.09 21.60 24.50
N GLY A 1 17.76 -17.64 -4.76
CA GLY A 1 17.91 -16.25 -4.34
C GLY A 1 16.63 -15.66 -3.80
N SER A 2 16.30 -15.99 -2.56
CA SER A 2 15.09 -15.49 -1.93
C SER A 2 15.22 -15.49 -0.41
N SER A 3 15.04 -14.32 0.20
CA SER A 3 15.14 -14.18 1.64
C SER A 3 14.00 -13.33 2.19
N GLY A 4 13.41 -13.79 3.30
CA GLY A 4 12.31 -13.07 3.91
C GLY A 4 11.75 -13.78 5.12
N SER A 5 10.93 -13.08 5.89
CA SER A 5 10.33 -13.65 7.09
C SER A 5 8.81 -13.67 6.97
N SER A 6 8.16 -14.36 7.91
CA SER A 6 6.70 -14.46 7.90
C SER A 6 6.09 -13.52 8.93
N GLY A 7 5.67 -12.34 8.46
CA GLY A 7 5.07 -11.36 9.35
C GLY A 7 3.74 -10.85 8.84
N PRO A 8 2.82 -10.55 9.77
CA PRO A 8 1.48 -10.05 9.42
C PRO A 8 1.52 -8.63 8.85
N GLY A 9 2.20 -7.73 9.57
CA GLY A 9 2.31 -6.36 9.12
C GLY A 9 2.79 -6.25 7.70
N LEU A 10 2.34 -5.20 6.99
CA LEU A 10 2.74 -4.98 5.61
C LEU A 10 4.11 -4.33 5.53
N SER A 11 4.91 -4.78 4.56
CA SER A 11 6.25 -4.24 4.38
C SER A 11 6.21 -2.91 3.63
N LEU A 12 5.31 -2.03 4.07
CA LEU A 12 5.16 -0.72 3.45
C LEU A 12 5.64 0.38 4.39
N GLY A 13 5.80 1.59 3.86
CA GLY A 13 6.24 2.71 4.66
C GLY A 13 5.17 3.76 4.83
N ASP A 14 5.16 4.42 5.99
CA ASP A 14 4.18 5.46 6.27
C ASP A 14 3.85 6.25 5.02
N THR A 15 4.88 6.84 4.40
CA THR A 15 4.70 7.63 3.19
C THR A 15 3.89 6.87 2.15
N ALA A 16 4.36 5.67 1.81
CA ALA A 16 3.69 4.83 0.83
C ALA A 16 2.19 4.75 1.12
N LEU A 17 1.86 4.44 2.37
CA LEU A 17 0.46 4.32 2.79
C LEU A 17 -0.28 5.63 2.56
N GLN A 18 0.28 6.72 3.08
CA GLN A 18 -0.34 8.03 2.95
C GLN A 18 -0.66 8.34 1.49
N ASN A 19 0.31 8.10 0.61
CA ASN A 19 0.12 8.35 -0.81
C ASN A 19 -0.94 7.42 -1.39
N LEU A 20 -0.70 6.12 -1.30
CA LEU A 20 -1.63 5.13 -1.82
C LEU A 20 -3.06 5.48 -1.44
N GLU A 21 -3.29 5.75 -0.15
CA GLU A 21 -4.61 6.10 0.35
C GLU A 21 -5.29 7.09 -0.59
N GLN A 22 -4.70 8.28 -0.72
CA GLN A 22 -5.26 9.31 -1.59
C GLN A 22 -5.31 8.85 -3.04
N LEU A 23 -4.21 8.27 -3.50
CA LEU A 23 -4.14 7.77 -4.87
C LEU A 23 -5.43 7.07 -5.28
N LEU A 24 -6.05 6.40 -4.30
CA LEU A 24 -7.30 5.68 -4.56
C LEU A 24 -8.51 6.56 -4.24
N ASP A 25 -8.43 7.28 -3.12
CA ASP A 25 -9.51 8.16 -2.71
C ASP A 25 -9.40 9.52 -3.39
N GLY A 26 -10.27 9.76 -4.38
CA GLY A 26 -10.24 11.01 -5.10
C GLY A 26 -10.97 10.93 -6.44
N PRO A 27 -11.54 12.06 -6.87
CA PRO A 27 -12.27 12.13 -8.14
C PRO A 27 -11.35 12.03 -9.35
N GLU A 28 -10.11 12.47 -9.18
CA GLU A 28 -9.13 12.42 -10.26
C GLU A 28 -8.57 11.00 -10.42
N ALA A 29 -8.39 10.31 -9.30
CA ALA A 29 -7.87 8.96 -9.32
C ALA A 29 -8.48 8.15 -10.48
N GLN A 30 -7.69 7.96 -11.53
CA GLN A 30 -8.14 7.21 -12.69
C GLN A 30 -8.98 6.00 -12.27
N GLY A 31 -8.62 5.41 -11.13
CA GLY A 31 -9.33 4.25 -10.64
C GLY A 31 -10.06 4.54 -9.34
N SER A 32 -10.10 3.54 -8.45
CA SER A 32 -10.79 3.69 -7.17
C SER A 32 -10.51 2.48 -6.28
N TRP A 33 -10.89 2.60 -5.01
CA TRP A 33 -10.69 1.52 -4.05
C TRP A 33 -11.90 0.59 -4.00
N ALA A 34 -13.09 1.18 -3.90
CA ALA A 34 -14.32 0.40 -3.85
C ALA A 34 -14.22 -0.85 -4.72
N GLU A 35 -13.73 -0.68 -5.94
CA GLU A 35 -13.58 -1.79 -6.87
C GLU A 35 -12.38 -2.66 -6.50
N LEU A 36 -11.26 -2.01 -6.22
CA LEU A 36 -10.03 -2.72 -5.86
C LEU A 36 -10.33 -3.79 -4.80
N ALA A 37 -11.02 -3.39 -3.74
CA ALA A 37 -11.38 -4.32 -2.68
C ALA A 37 -12.05 -5.57 -3.23
N GLU A 38 -13.09 -5.37 -4.03
CA GLU A 38 -13.81 -6.49 -4.63
C GLU A 38 -12.86 -7.48 -5.28
N ARG A 39 -11.93 -6.96 -6.08
CA ARG A 39 -10.95 -7.80 -6.77
C ARG A 39 -10.19 -8.67 -5.77
N LEU A 40 -9.81 -8.07 -4.65
CA LEU A 40 -9.07 -8.80 -3.61
C LEU A 40 -9.96 -9.83 -2.93
N GLY A 41 -11.23 -9.46 -2.70
CA GLY A 41 -12.16 -10.37 -2.06
C GLY A 41 -12.94 -9.70 -0.95
N LEU A 42 -12.57 -8.48 -0.61
CA LEU A 42 -13.24 -7.73 0.44
C LEU A 42 -14.36 -6.87 -0.14
N ARG A 43 -15.26 -7.50 -0.88
CA ARG A 43 -16.38 -6.79 -1.49
C ARG A 43 -17.44 -6.45 -0.45
N SER A 44 -17.54 -7.28 0.58
CA SER A 44 -18.51 -7.08 1.64
C SER A 44 -18.09 -5.93 2.55
N LEU A 45 -16.80 -5.88 2.85
CA LEU A 45 -16.26 -4.83 3.72
C LEU A 45 -16.39 -3.46 3.07
N VAL A 46 -16.49 -3.45 1.74
CA VAL A 46 -16.63 -2.20 0.99
C VAL A 46 -17.53 -1.22 1.72
N ASP A 47 -18.82 -1.53 1.79
CA ASP A 47 -19.78 -0.67 2.48
C ASP A 47 -19.29 -0.31 3.88
N THR A 48 -19.00 -1.34 4.68
CA THR A 48 -18.53 -1.14 6.04
C THR A 48 -17.51 0.00 6.10
N TYR A 49 -16.55 -0.02 5.19
CA TYR A 49 -15.51 1.00 5.15
C TYR A 49 -16.09 2.35 4.74
N ARG A 50 -16.77 2.38 3.60
CA ARG A 50 -17.38 3.61 3.10
C ARG A 50 -17.97 4.43 4.25
N GLN A 51 -18.61 3.75 5.19
CA GLN A 51 -19.21 4.41 6.34
C GLN A 51 -18.23 5.40 6.97
N THR A 52 -17.00 4.95 7.17
CA THR A 52 -15.97 5.79 7.77
C THR A 52 -15.71 7.03 6.93
N THR A 53 -14.83 7.90 7.42
CA THR A 53 -14.49 9.13 6.71
C THR A 53 -13.39 8.88 5.68
N SER A 54 -12.41 8.07 6.05
CA SER A 54 -11.29 7.75 5.17
C SER A 54 -11.06 6.25 5.12
N PRO A 55 -11.87 5.53 4.32
CA PRO A 55 -11.76 4.09 4.17
C PRO A 55 -10.50 3.67 3.41
N SER A 56 -9.75 4.67 2.94
CA SER A 56 -8.53 4.41 2.19
C SER A 56 -7.47 3.77 3.08
N GLY A 57 -7.18 4.43 4.20
CA GLY A 57 -6.18 3.91 5.13
C GLY A 57 -6.62 2.62 5.78
N SER A 58 -7.90 2.53 6.14
CA SER A 58 -8.44 1.33 6.78
C SER A 58 -8.49 0.17 5.80
N LEU A 59 -8.91 0.44 4.57
CA LEU A 59 -8.99 -0.59 3.54
C LEU A 59 -7.73 -1.44 3.53
N LEU A 60 -6.58 -0.79 3.42
CA LEU A 60 -5.30 -1.49 3.39
C LEU A 60 -5.01 -2.15 4.74
N ARG A 61 -5.00 -1.35 5.79
CA ARG A 61 -4.75 -1.85 7.13
C ARG A 61 -5.51 -3.15 7.39
N SER A 62 -6.61 -3.32 6.66
CA SER A 62 -7.44 -4.51 6.81
C SER A 62 -7.06 -5.57 5.78
N TYR A 63 -6.77 -5.12 4.57
CA TYR A 63 -6.38 -6.03 3.50
C TYR A 63 -5.28 -6.98 3.95
N GLU A 64 -4.43 -6.50 4.85
CA GLU A 64 -3.33 -7.31 5.36
C GLU A 64 -3.81 -8.27 6.45
N LEU A 65 -4.68 -7.77 7.32
CA LEU A 65 -5.23 -8.59 8.40
C LEU A 65 -5.89 -9.86 7.86
N ALA A 66 -6.61 -9.71 6.76
CA ALA A 66 -7.29 -10.84 6.14
C ALA A 66 -6.30 -11.90 5.71
N GLY A 67 -5.10 -11.47 5.32
CA GLY A 67 -4.07 -12.40 4.89
C GLY A 67 -3.59 -12.14 3.48
N GLY A 68 -3.50 -10.85 3.12
CA GLY A 68 -3.06 -10.48 1.79
C GLY A 68 -1.67 -9.87 1.79
N ASP A 69 -0.99 -9.96 0.66
CA ASP A 69 0.35 -9.41 0.52
C ASP A 69 0.44 -8.43 -0.65
N LEU A 70 1.53 -7.67 -0.70
CA LEU A 70 1.72 -6.70 -1.78
C LEU A 70 1.34 -7.29 -3.13
N ALA A 71 1.90 -8.46 -3.42
CA ALA A 71 1.61 -9.14 -4.69
C ALA A 71 0.13 -9.07 -5.02
N GLY A 72 -0.71 -9.43 -4.05
CA GLY A 72 -2.14 -9.40 -4.26
C GLY A 72 -2.64 -8.05 -4.73
N LEU A 73 -2.13 -6.99 -4.10
CA LEU A 73 -2.53 -5.63 -4.45
C LEU A 73 -1.99 -5.24 -5.82
N LEU A 74 -0.75 -5.64 -6.10
CA LEU A 74 -0.12 -5.34 -7.37
C LEU A 74 -0.83 -6.04 -8.52
N GLU A 75 -1.49 -7.15 -8.20
CA GLU A 75 -2.22 -7.92 -9.20
C GLU A 75 -3.61 -7.34 -9.44
N ALA A 76 -4.25 -6.91 -8.36
CA ALA A 76 -5.59 -6.33 -8.43
C ALA A 76 -5.54 -4.94 -9.06
N LEU A 77 -4.54 -4.15 -8.69
CA LEU A 77 -4.39 -2.81 -9.21
C LEU A 77 -4.17 -2.82 -10.72
N SER A 78 -3.47 -3.84 -11.20
CA SER A 78 -3.20 -3.98 -12.63
C SER A 78 -4.50 -4.07 -13.42
N ASP A 79 -5.32 -5.07 -13.10
CA ASP A 79 -6.59 -5.27 -13.79
C ASP A 79 -7.35 -3.95 -13.89
N MET A 80 -7.40 -3.20 -12.80
CA MET A 80 -8.10 -1.92 -12.77
C MET A 80 -7.39 -0.90 -13.65
N GLY A 81 -6.07 -0.92 -13.63
CA GLY A 81 -5.30 0.02 -14.44
C GLY A 81 -4.67 1.11 -13.62
N LEU A 82 -4.55 0.88 -12.31
CA LEU A 82 -3.97 1.87 -11.41
C LEU A 82 -2.45 1.72 -11.37
N GLU A 83 -1.78 2.28 -12.37
CA GLU A 83 -0.32 2.21 -12.45
C GLU A 83 0.32 3.04 -11.34
N GLU A 84 -0.10 4.30 -11.24
CA GLU A 84 0.43 5.20 -10.22
C GLU A 84 0.71 4.45 -8.92
N GLY A 85 -0.27 3.68 -8.46
CA GLY A 85 -0.12 2.93 -7.24
C GLY A 85 0.92 1.84 -7.36
N VAL A 86 0.82 1.03 -8.41
CA VAL A 86 1.76 -0.06 -8.64
C VAL A 86 3.20 0.44 -8.60
N ARG A 87 3.46 1.55 -9.28
CA ARG A 87 4.80 2.13 -9.33
C ARG A 87 5.20 2.65 -7.96
N LEU A 88 4.22 3.13 -7.19
CA LEU A 88 4.47 3.65 -5.85
C LEU A 88 4.90 2.54 -4.89
N LEU A 89 4.07 1.51 -4.80
CA LEU A 89 4.35 0.38 -3.91
C LEU A 89 5.77 -0.13 -4.13
N ARG A 90 6.11 -0.43 -5.38
CA ARG A 90 7.44 -0.92 -5.72
C ARG A 90 8.47 0.19 -5.63
N GLY A 91 8.10 1.38 -6.11
CA GLY A 91 9.02 2.51 -6.06
C GLY A 91 10.28 2.26 -6.85
N PRO A 92 10.22 2.49 -8.18
CA PRO A 92 11.37 2.30 -9.07
C PRO A 92 12.46 3.33 -8.85
N GLU A 93 13.66 2.87 -8.58
CA GLU A 93 14.79 3.75 -8.34
C GLU A 93 15.44 4.17 -9.66
N THR A 94 14.96 5.27 -10.22
CA THR A 94 15.49 5.77 -11.49
C THR A 94 16.17 7.12 -11.29
N ARG A 95 15.87 7.78 -10.17
CA ARG A 95 16.46 9.08 -9.87
C ARG A 95 16.87 9.16 -8.41
N ASP A 96 18.17 9.28 -8.18
CA ASP A 96 18.70 9.36 -6.82
C ASP A 96 19.92 10.27 -6.77
N LYS A 97 19.84 11.32 -5.96
CA LYS A 97 20.94 12.27 -5.82
C LYS A 97 20.93 12.92 -4.44
N LEU A 98 22.10 12.97 -3.80
CA LEU A 98 22.23 13.55 -2.48
C LEU A 98 23.39 14.54 -2.43
N PRO A 99 23.22 15.63 -1.66
CA PRO A 99 24.24 16.67 -1.52
C PRO A 99 25.45 16.18 -0.71
N SER A 100 25.36 14.95 -0.22
CA SER A 100 26.44 14.38 0.57
C SER A 100 26.80 15.27 1.75
N THR A 101 25.82 16.05 2.21
CA THR A 101 26.04 16.96 3.33
C THR A 101 24.91 16.84 4.36
N GLU A 102 25.24 17.10 5.61
CA GLU A 102 24.26 17.02 6.69
C GLU A 102 23.84 18.42 7.15
N VAL A 103 22.54 18.69 7.08
CA VAL A 103 22.01 19.99 7.50
C VAL A 103 21.92 20.08 9.02
N SER A 104 22.33 21.23 9.55
CA SER A 104 22.28 21.45 10.99
C SER A 104 21.88 22.88 11.31
N GLY A 105 21.41 23.10 12.54
CA GLY A 105 21.00 24.43 12.95
C GLY A 105 19.59 24.45 13.52
N PRO A 106 19.31 25.41 14.41
CA PRO A 106 18.00 25.55 15.04
C PRO A 106 16.94 26.03 14.06
N SER A 107 17.37 26.46 12.88
CA SER A 107 16.46 26.93 11.85
C SER A 107 15.32 25.95 11.62
N SER A 108 15.67 24.74 11.18
CA SER A 108 14.70 23.69 10.93
C SER A 108 13.53 24.24 10.11
N GLY A 109 13.85 25.06 9.11
CA GLY A 109 12.82 25.64 8.26
C GLY A 109 12.64 27.12 8.51
N GLY A 1 4.55 -13.80 -7.04
CA GLY A 1 5.47 -14.39 -6.09
C GLY A 1 5.40 -13.71 -4.73
N SER A 2 6.57 -13.39 -4.18
CA SER A 2 6.64 -12.73 -2.88
C SER A 2 5.66 -13.37 -1.89
N SER A 3 5.69 -14.70 -1.83
CA SER A 3 4.81 -15.44 -0.93
C SER A 3 5.53 -15.78 0.37
N GLY A 4 5.21 -15.04 1.42
CA GLY A 4 5.84 -15.28 2.71
C GLY A 4 4.84 -15.27 3.86
N SER A 5 5.34 -15.34 5.08
CA SER A 5 4.48 -15.34 6.26
C SER A 5 4.01 -13.92 6.59
N SER A 6 2.70 -13.78 6.78
CA SER A 6 2.11 -12.48 7.10
C SER A 6 2.87 -11.81 8.24
N GLY A 7 2.57 -10.54 8.47
CA GLY A 7 3.22 -9.80 9.53
C GLY A 7 2.27 -8.88 10.26
N PRO A 8 2.81 -8.14 11.25
CA PRO A 8 2.02 -7.19 12.05
C PRO A 8 1.56 -5.98 11.25
N GLY A 9 2.42 -5.54 10.32
CA GLY A 9 2.09 -4.39 9.51
C GLY A 9 2.71 -4.47 8.12
N LEU A 10 1.90 -4.24 7.10
CA LEU A 10 2.37 -4.29 5.72
C LEU A 10 3.72 -3.59 5.58
N SER A 11 4.64 -4.24 4.88
CA SER A 11 5.98 -3.68 4.67
C SER A 11 5.90 -2.23 4.24
N LEU A 12 4.74 -1.84 3.72
CA LEU A 12 4.53 -0.46 3.27
C LEU A 12 4.80 0.53 4.39
N GLY A 13 5.35 1.69 4.04
CA GLY A 13 5.65 2.70 5.03
C GLY A 13 4.53 3.72 5.17
N ASP A 14 4.76 4.74 5.99
CA ASP A 14 3.76 5.78 6.22
C ASP A 14 3.46 6.52 4.93
N THR A 15 4.50 6.95 4.22
CA THR A 15 4.34 7.67 2.97
C THR A 15 3.64 6.81 1.92
N ALA A 16 4.10 5.57 1.79
CA ALA A 16 3.51 4.64 0.83
C ALA A 16 2.01 4.48 1.05
N LEU A 17 1.64 4.17 2.30
CA LEU A 17 0.23 3.99 2.65
C LEU A 17 -0.54 5.30 2.47
N GLN A 18 -0.05 6.37 3.09
CA GLN A 18 -0.70 7.67 3.01
C GLN A 18 -0.95 8.05 1.55
N ASN A 19 0.06 7.85 0.71
CA ASN A 19 -0.06 8.18 -0.71
C ASN A 19 -1.14 7.33 -1.38
N LEU A 20 -0.93 6.02 -1.38
CA LEU A 20 -1.89 5.09 -1.98
C LEU A 20 -3.31 5.43 -1.56
N GLU A 21 -3.48 5.79 -0.29
CA GLU A 21 -4.79 6.13 0.23
C GLU A 21 -5.40 7.30 -0.53
N GLN A 22 -4.54 8.24 -0.94
CA GLN A 22 -4.99 9.41 -1.68
C GLN A 22 -5.16 9.09 -3.16
N LEU A 23 -4.32 8.18 -3.66
CA LEU A 23 -4.39 7.79 -5.06
C LEU A 23 -5.75 7.18 -5.39
N LEU A 24 -6.19 6.24 -4.57
CA LEU A 24 -7.47 5.58 -4.78
C LEU A 24 -8.61 6.58 -4.70
N ASP A 25 -8.30 7.80 -4.26
CA ASP A 25 -9.30 8.85 -4.14
C ASP A 25 -8.84 10.12 -4.85
N GLY A 26 -9.34 10.33 -6.07
CA GLY A 26 -8.96 11.50 -6.83
C GLY A 26 -9.50 11.46 -8.25
N PRO A 27 -9.46 12.62 -8.93
CA PRO A 27 -9.93 12.73 -10.32
C PRO A 27 -9.02 12.00 -11.31
N GLU A 28 -7.72 12.16 -11.12
CA GLU A 28 -6.74 11.51 -12.00
C GLU A 28 -6.73 10.00 -11.79
N ALA A 29 -6.87 9.59 -10.53
CA ALA A 29 -6.88 8.17 -10.20
C ALA A 29 -7.55 7.34 -11.29
N GLN A 30 -6.76 6.52 -11.98
CA GLN A 30 -7.27 5.69 -13.05
C GLN A 30 -7.99 4.46 -12.50
N GLY A 31 -8.82 4.68 -11.49
CA GLY A 31 -9.56 3.58 -10.88
C GLY A 31 -10.28 4.00 -9.61
N SER A 32 -10.20 3.15 -8.60
CA SER A 32 -10.86 3.43 -7.32
C SER A 32 -10.52 2.36 -6.29
N TRP A 33 -11.01 2.54 -5.07
CA TRP A 33 -10.76 1.60 -3.99
C TRP A 33 -11.86 0.54 -3.93
N ALA A 34 -13.11 0.99 -3.93
CA ALA A 34 -14.25 0.08 -3.88
C ALA A 34 -14.04 -1.12 -4.81
N GLU A 35 -13.55 -0.85 -6.02
CA GLU A 35 -13.31 -1.90 -7.00
C GLU A 35 -12.16 -2.80 -6.55
N LEU A 36 -10.98 -2.20 -6.40
CA LEU A 36 -9.80 -2.95 -5.97
C LEU A 36 -10.13 -3.88 -4.81
N ALA A 37 -10.83 -3.35 -3.81
CA ALA A 37 -11.21 -4.14 -2.65
C ALA A 37 -11.85 -5.46 -3.07
N GLU A 38 -12.75 -5.38 -4.03
CA GLU A 38 -13.44 -6.58 -4.53
C GLU A 38 -12.46 -7.64 -4.97
N ARG A 39 -11.62 -7.30 -5.94
CA ARG A 39 -10.62 -8.23 -6.47
C ARG A 39 -9.86 -8.90 -5.32
N LEU A 40 -9.54 -8.11 -4.30
CA LEU A 40 -8.81 -8.63 -3.14
C LEU A 40 -9.67 -9.61 -2.34
N GLY A 41 -10.98 -9.34 -2.30
CA GLY A 41 -11.88 -10.19 -1.57
C GLY A 41 -12.56 -9.49 -0.42
N LEU A 42 -12.63 -8.16 -0.51
CA LEU A 42 -13.26 -7.36 0.54
C LEU A 42 -14.32 -6.44 -0.04
N ARG A 43 -15.25 -7.01 -0.81
CA ARG A 43 -16.31 -6.24 -1.43
C ARG A 43 -17.44 -5.97 -0.44
N SER A 44 -17.76 -6.97 0.38
CA SER A 44 -18.81 -6.84 1.37
C SER A 44 -18.43 -5.82 2.44
N LEU A 45 -17.13 -5.73 2.73
CA LEU A 45 -16.64 -4.80 3.73
C LEU A 45 -16.57 -3.38 3.16
N VAL A 46 -16.75 -3.26 1.85
CA VAL A 46 -16.72 -1.96 1.18
C VAL A 46 -17.58 -0.95 1.93
N ASP A 47 -18.50 -1.45 2.74
CA ASP A 47 -19.39 -0.59 3.51
C ASP A 47 -18.76 -0.20 4.84
N THR A 48 -17.95 -1.10 5.39
CA THR A 48 -17.28 -0.86 6.67
C THR A 48 -16.39 0.38 6.59
N TYR A 49 -15.80 0.61 5.42
CA TYR A 49 -14.93 1.75 5.22
C TYR A 49 -15.71 2.97 4.74
N ARG A 50 -16.49 2.79 3.68
CA ARG A 50 -17.30 3.86 3.13
C ARG A 50 -18.03 4.61 4.24
N GLN A 51 -18.24 3.94 5.37
CA GLN A 51 -18.93 4.54 6.50
C GLN A 51 -17.96 5.34 7.37
N THR A 52 -16.72 4.88 7.44
CA THR A 52 -15.70 5.54 8.24
C THR A 52 -15.21 6.82 7.56
N THR A 53 -14.48 7.64 8.30
CA THR A 53 -13.96 8.90 7.77
C THR A 53 -12.77 8.64 6.84
N SER A 54 -11.88 7.75 7.26
CA SER A 54 -10.71 7.41 6.47
C SER A 54 -10.76 5.96 6.00
N PRO A 55 -11.57 5.71 4.95
CA PRO A 55 -11.72 4.37 4.39
C PRO A 55 -10.48 3.90 3.66
N SER A 56 -9.79 4.83 2.99
CA SER A 56 -8.58 4.50 2.25
C SER A 56 -7.58 3.77 3.14
N GLY A 57 -7.41 4.25 4.36
CA GLY A 57 -6.48 3.62 5.29
C GLY A 57 -6.98 2.29 5.80
N SER A 58 -8.15 2.31 6.45
CA SER A 58 -8.74 1.09 6.99
C SER A 58 -8.84 0.01 5.93
N LEU A 59 -8.94 0.44 4.67
CA LEU A 59 -9.04 -0.49 3.55
C LEU A 59 -7.84 -1.44 3.52
N LEU A 60 -6.67 -0.87 3.29
CA LEU A 60 -5.44 -1.66 3.23
C LEU A 60 -5.12 -2.29 4.58
N ARG A 61 -5.49 -1.58 5.65
CA ARG A 61 -5.24 -2.07 7.00
C ARG A 61 -5.85 -3.46 7.20
N SER A 62 -6.88 -3.77 6.41
CA SER A 62 -7.54 -5.06 6.50
C SER A 62 -6.91 -6.06 5.55
N TYR A 63 -6.73 -5.65 4.29
CA TYR A 63 -6.13 -6.51 3.28
C TYR A 63 -4.91 -7.24 3.84
N GLU A 64 -4.31 -6.67 4.88
CA GLU A 64 -3.13 -7.26 5.50
C GLU A 64 -3.54 -8.25 6.60
N LEU A 65 -4.59 -7.90 7.33
CA LEU A 65 -5.09 -8.75 8.42
C LEU A 65 -5.71 -10.03 7.86
N ALA A 66 -6.45 -9.89 6.77
CA ALA A 66 -7.10 -11.04 6.14
C ALA A 66 -6.08 -12.04 5.65
N GLY A 67 -4.92 -11.56 5.24
CA GLY A 67 -3.87 -12.43 4.75
C GLY A 67 -3.44 -12.10 3.34
N GLY A 68 -3.55 -10.82 2.98
CA GLY A 68 -3.16 -10.39 1.64
C GLY A 68 -1.77 -9.79 1.61
N ASP A 69 -1.04 -10.06 0.53
CA ASP A 69 0.31 -9.54 0.38
C ASP A 69 0.37 -8.50 -0.73
N LEU A 70 1.51 -7.80 -0.82
CA LEU A 70 1.69 -6.77 -1.84
C LEU A 70 1.38 -7.32 -3.23
N ALA A 71 2.03 -8.42 -3.59
CA ALA A 71 1.82 -9.04 -4.90
C ALA A 71 0.35 -8.97 -5.29
N GLY A 72 -0.51 -9.51 -4.44
CA GLY A 72 -1.93 -9.51 -4.72
C GLY A 72 -2.46 -8.12 -5.05
N LEU A 73 -2.03 -7.13 -4.29
CA LEU A 73 -2.47 -5.75 -4.51
C LEU A 73 -1.97 -5.24 -5.86
N LEU A 74 -0.78 -5.67 -6.26
CA LEU A 74 -0.21 -5.25 -7.53
C LEU A 74 -0.94 -5.90 -8.70
N GLU A 75 -1.40 -7.14 -8.50
CA GLU A 75 -2.13 -7.87 -9.54
C GLU A 75 -3.51 -7.26 -9.75
N ALA A 76 -4.10 -6.75 -8.67
CA ALA A 76 -5.43 -6.15 -8.75
C ALA A 76 -5.37 -4.77 -9.39
N LEU A 77 -4.56 -3.88 -8.81
CA LEU A 77 -4.42 -2.53 -9.31
C LEU A 77 -4.19 -2.54 -10.83
N SER A 78 -3.46 -3.54 -11.30
CA SER A 78 -3.17 -3.67 -12.73
C SER A 78 -4.45 -3.92 -13.52
N ASP A 79 -5.23 -4.90 -13.07
CA ASP A 79 -6.48 -5.24 -13.73
C ASP A 79 -7.37 -4.02 -13.88
N MET A 80 -7.25 -3.08 -12.95
CA MET A 80 -8.05 -1.86 -12.98
C MET A 80 -7.39 -0.81 -13.85
N GLY A 81 -6.06 -0.74 -13.80
CA GLY A 81 -5.33 0.24 -14.59
C GLY A 81 -4.71 1.33 -13.74
N LEU A 82 -4.57 1.06 -12.45
CA LEU A 82 -3.98 2.02 -11.53
C LEU A 82 -2.46 1.89 -11.48
N GLU A 83 -1.80 2.43 -12.50
CA GLU A 83 -0.35 2.37 -12.57
C GLU A 83 0.30 3.09 -11.39
N GLU A 84 -0.11 4.33 -11.18
CA GLU A 84 0.42 5.13 -10.07
C GLU A 84 0.70 4.26 -8.85
N GLY A 85 -0.37 3.69 -8.29
CA GLY A 85 -0.22 2.84 -7.12
C GLY A 85 0.81 1.74 -7.33
N VAL A 86 0.66 0.99 -8.42
CA VAL A 86 1.58 -0.09 -8.74
C VAL A 86 3.03 0.36 -8.61
N ARG A 87 3.33 1.54 -9.18
CA ARG A 87 4.67 2.08 -9.13
C ARG A 87 5.07 2.46 -7.71
N LEU A 88 4.18 3.18 -7.03
CA LEU A 88 4.43 3.60 -5.66
C LEU A 88 4.74 2.40 -4.76
N LEU A 89 3.82 1.45 -4.72
CA LEU A 89 3.99 0.25 -3.90
C LEU A 89 5.38 -0.35 -4.10
N ARG A 90 5.75 -0.55 -5.37
CA ARG A 90 7.06 -1.12 -5.69
C ARG A 90 8.17 -0.19 -5.23
N GLY A 91 7.98 1.11 -5.41
CA GLY A 91 8.99 2.07 -5.02
C GLY A 91 10.39 1.60 -5.32
N PRO A 92 10.71 1.47 -6.61
CA PRO A 92 12.03 1.02 -7.06
C PRO A 92 13.11 2.06 -6.82
N GLU A 93 14.23 1.63 -6.25
CA GLU A 93 15.34 2.53 -5.94
C GLU A 93 16.64 1.99 -6.52
N THR A 94 17.46 2.88 -7.08
CA THR A 94 18.74 2.49 -7.67
C THR A 94 19.90 2.90 -6.77
N ARG A 95 20.32 2.00 -5.89
CA ARG A 95 21.41 2.27 -4.98
C ARG A 95 22.46 1.16 -5.03
N ASP A 96 23.42 1.30 -5.95
CA ASP A 96 24.48 0.31 -6.10
C ASP A 96 25.57 0.51 -5.07
N LYS A 97 25.41 -0.11 -3.91
CA LYS A 97 26.38 0.00 -2.83
C LYS A 97 26.18 -1.10 -1.79
N LEU A 98 27.22 -1.87 -1.54
CA LEU A 98 27.16 -2.95 -0.56
C LEU A 98 28.53 -3.22 0.06
N PRO A 99 28.52 -3.65 1.33
CA PRO A 99 29.76 -3.95 2.06
C PRO A 99 30.47 -5.19 1.53
N SER A 100 31.79 -5.16 1.55
CA SER A 100 32.59 -6.28 1.07
C SER A 100 33.52 -6.80 2.16
N THR A 101 33.57 -8.12 2.31
CA THR A 101 34.42 -8.74 3.31
C THR A 101 35.07 -10.01 2.78
N GLU A 102 36.22 -10.35 3.33
CA GLU A 102 36.95 -11.55 2.91
C GLU A 102 37.56 -12.27 4.09
N VAL A 103 37.60 -13.60 4.03
CA VAL A 103 38.16 -14.40 5.10
C VAL A 103 39.60 -14.81 4.81
N SER A 104 40.19 -14.14 3.81
CA SER A 104 41.56 -14.44 3.42
C SER A 104 42.28 -13.17 2.95
N GLY A 105 43.26 -12.72 3.73
CA GLY A 105 44.00 -11.52 3.37
C GLY A 105 45.12 -11.23 4.34
N PRO A 106 46.25 -11.92 4.15
CA PRO A 106 47.43 -11.75 5.01
C PRO A 106 48.11 -10.39 4.81
N SER A 107 48.21 -9.63 5.89
CA SER A 107 48.83 -8.30 5.82
C SER A 107 49.91 -8.17 6.89
N SER A 108 49.60 -8.61 8.10
CA SER A 108 50.55 -8.53 9.21
C SER A 108 50.63 -9.86 9.95
N GLY A 109 51.83 -10.45 9.97
CA GLY A 109 52.02 -11.72 10.64
C GLY A 109 51.24 -12.85 9.99
N GLY A 1 16.16 -10.18 5.85
CA GLY A 1 16.89 -9.52 4.78
C GLY A 1 18.11 -8.78 5.27
N SER A 2 18.62 -7.87 4.45
CA SER A 2 19.81 -7.10 4.81
C SER A 2 19.43 -5.85 5.59
N SER A 3 18.48 -5.09 5.05
CA SER A 3 18.02 -3.86 5.70
C SER A 3 16.51 -3.69 5.55
N GLY A 4 15.88 -3.19 6.60
CA GLY A 4 14.43 -2.98 6.56
C GLY A 4 13.74 -3.60 7.76
N SER A 5 12.61 -3.02 8.14
CA SER A 5 11.85 -3.52 9.29
C SER A 5 10.41 -3.82 8.88
N SER A 6 9.86 -4.90 9.43
CA SER A 6 8.49 -5.31 9.12
C SER A 6 7.53 -4.14 9.31
N GLY A 7 7.55 -3.53 10.49
CA GLY A 7 6.68 -2.41 10.78
C GLY A 7 5.42 -2.82 11.51
N PRO A 8 4.39 -1.96 11.47
CA PRO A 8 3.11 -2.22 12.14
C PRO A 8 2.32 -3.34 11.45
N GLY A 9 2.91 -3.91 10.41
CA GLY A 9 2.25 -4.99 9.69
C GLY A 9 2.74 -5.11 8.26
N LEU A 10 2.13 -4.36 7.36
CA LEU A 10 2.51 -4.40 5.94
C LEU A 10 3.90 -3.83 5.75
N SER A 11 4.77 -4.60 5.10
CA SER A 11 6.14 -4.18 4.84
C SER A 11 6.18 -2.70 4.47
N LEU A 12 5.23 -2.26 3.66
CA LEU A 12 5.16 -0.87 3.24
C LEU A 12 5.35 0.08 4.42
N GLY A 13 5.78 1.30 4.13
CA GLY A 13 5.99 2.28 5.18
C GLY A 13 4.81 3.21 5.36
N ASP A 14 5.02 4.29 6.10
CA ASP A 14 3.96 5.27 6.34
C ASP A 14 3.76 6.16 5.13
N THR A 15 4.86 6.52 4.48
CA THR A 15 4.80 7.39 3.30
C THR A 15 4.07 6.71 2.16
N ALA A 16 4.59 5.57 1.70
CA ALA A 16 3.99 4.82 0.62
C ALA A 16 2.48 4.72 0.80
N LEU A 17 2.06 4.26 1.98
CA LEU A 17 0.64 4.11 2.29
C LEU A 17 -0.10 5.43 2.12
N GLN A 18 0.30 6.42 2.92
CA GLN A 18 -0.32 7.74 2.87
C GLN A 18 -0.57 8.17 1.42
N ASN A 19 0.45 8.03 0.59
CA ASN A 19 0.34 8.39 -0.82
C ASN A 19 -0.75 7.58 -1.52
N LEU A 20 -0.85 6.30 -1.16
CA LEU A 20 -1.85 5.42 -1.74
C LEU A 20 -3.25 5.84 -1.33
N GLU A 21 -3.37 6.40 -0.13
CA GLU A 21 -4.66 6.84 0.38
C GLU A 21 -5.21 8.00 -0.45
N GLN A 22 -4.32 8.81 -0.99
CA GLN A 22 -4.71 9.95 -1.81
C GLN A 22 -5.03 9.50 -3.24
N LEU A 23 -4.13 8.71 -3.82
CA LEU A 23 -4.31 8.22 -5.17
C LEU A 23 -5.73 7.71 -5.39
N LEU A 24 -6.20 6.87 -4.48
CA LEU A 24 -7.54 6.31 -4.56
C LEU A 24 -8.59 7.37 -4.27
N ASP A 25 -8.36 8.15 -3.21
CA ASP A 25 -9.28 9.21 -2.84
C ASP A 25 -8.99 10.50 -3.60
N GLY A 26 -9.84 10.81 -4.57
CA GLY A 26 -9.64 12.01 -5.37
C GLY A 26 -10.21 11.87 -6.77
N PRO A 27 -10.37 13.02 -7.46
CA PRO A 27 -10.90 13.04 -8.82
C PRO A 27 -9.93 12.45 -9.84
N GLU A 28 -8.68 12.92 -9.81
CA GLU A 28 -7.67 12.43 -10.72
C GLU A 28 -7.59 10.91 -10.70
N ALA A 29 -7.80 10.34 -9.52
CA ALA A 29 -7.76 8.89 -9.36
C ALA A 29 -8.28 8.18 -10.61
N GLN A 30 -7.39 7.51 -11.33
CA GLN A 30 -7.76 6.80 -12.54
C GLN A 30 -8.32 5.42 -12.22
N GLY A 31 -8.76 5.24 -10.97
CA GLY A 31 -9.31 3.96 -10.56
C GLY A 31 -10.32 4.11 -9.44
N SER A 32 -10.21 3.25 -8.43
CA SER A 32 -11.14 3.28 -7.31
C SER A 32 -10.73 2.28 -6.24
N TRP A 33 -11.05 2.58 -4.99
CA TRP A 33 -10.70 1.71 -3.87
C TRP A 33 -11.76 0.63 -3.68
N ALA A 34 -13.03 1.01 -3.82
CA ALA A 34 -14.14 0.08 -3.67
C ALA A 34 -13.91 -1.18 -4.50
N GLU A 35 -13.86 -1.00 -5.82
CA GLU A 35 -13.65 -2.12 -6.73
C GLU A 35 -12.40 -2.90 -6.36
N LEU A 36 -11.33 -2.18 -6.04
CA LEU A 36 -10.07 -2.81 -5.66
C LEU A 36 -10.28 -3.85 -4.57
N ALA A 37 -11.01 -3.46 -3.53
CA ALA A 37 -11.30 -4.36 -2.42
C ALA A 37 -11.88 -5.68 -2.92
N GLU A 38 -12.87 -5.59 -3.82
CA GLU A 38 -13.50 -6.78 -4.36
C GLU A 38 -12.47 -7.72 -4.98
N ARG A 39 -11.57 -7.16 -5.77
CA ARG A 39 -10.53 -7.96 -6.42
C ARG A 39 -9.74 -8.76 -5.39
N LEU A 40 -9.43 -8.12 -4.27
CA LEU A 40 -8.68 -8.77 -3.20
C LEU A 40 -9.52 -9.83 -2.50
N GLY A 41 -10.83 -9.59 -2.44
CA GLY A 41 -11.73 -10.54 -1.81
C GLY A 41 -12.52 -9.90 -0.68
N LEU A 42 -12.43 -8.58 -0.56
CA LEU A 42 -13.15 -7.85 0.48
C LEU A 42 -14.27 -7.00 -0.11
N ARG A 43 -15.13 -7.63 -0.91
CA ARG A 43 -16.24 -6.94 -1.54
C ARG A 43 -17.32 -6.61 -0.52
N SER A 44 -17.36 -7.37 0.57
CA SER A 44 -18.35 -7.15 1.62
C SER A 44 -17.97 -5.98 2.50
N LEU A 45 -16.69 -5.91 2.87
CA LEU A 45 -16.19 -4.83 3.71
C LEU A 45 -16.28 -3.49 2.99
N VAL A 46 -16.63 -3.54 1.71
CA VAL A 46 -16.75 -2.32 0.91
C VAL A 46 -17.74 -1.35 1.52
N ASP A 47 -18.99 -1.79 1.68
CA ASP A 47 -20.04 -0.97 2.26
C ASP A 47 -19.63 -0.46 3.63
N THR A 48 -19.03 -1.35 4.43
CA THR A 48 -18.59 -0.99 5.78
C THR A 48 -17.67 0.23 5.75
N TYR A 49 -16.74 0.25 4.80
CA TYR A 49 -15.80 1.35 4.67
C TYR A 49 -16.53 2.65 4.35
N ARG A 50 -17.40 2.60 3.36
CA ARG A 50 -18.17 3.77 2.95
C ARG A 50 -18.56 4.61 4.17
N GLN A 51 -18.96 3.94 5.24
CA GLN A 51 -19.37 4.63 6.46
C GLN A 51 -18.23 5.47 7.01
N THR A 52 -17.09 4.83 7.26
CA THR A 52 -15.92 5.53 7.80
C THR A 52 -15.58 6.74 6.95
N THR A 53 -15.04 7.78 7.58
CA THR A 53 -14.66 8.99 6.89
C THR A 53 -13.42 8.77 6.02
N SER A 54 -12.48 7.98 6.53
CA SER A 54 -11.25 7.69 5.81
C SER A 54 -11.12 6.20 5.54
N PRO A 55 -11.83 5.71 4.51
CA PRO A 55 -11.81 4.29 4.13
C PRO A 55 -10.48 3.88 3.53
N SER A 56 -9.71 4.86 3.07
CA SER A 56 -8.41 4.60 2.46
C SER A 56 -7.54 3.73 3.39
N GLY A 57 -7.44 4.16 4.64
CA GLY A 57 -6.64 3.42 5.61
C GLY A 57 -7.26 2.09 5.98
N SER A 58 -8.45 2.13 6.57
CA SER A 58 -9.16 0.93 6.99
C SER A 58 -9.10 -0.14 5.88
N LEU A 59 -9.16 0.31 4.63
CA LEU A 59 -9.11 -0.59 3.50
C LEU A 59 -7.85 -1.44 3.53
N LEU A 60 -6.71 -0.80 3.35
CA LEU A 60 -5.43 -1.49 3.36
C LEU A 60 -5.17 -2.14 4.71
N ARG A 61 -5.19 -1.32 5.77
CA ARG A 61 -4.96 -1.81 7.11
C ARG A 61 -5.66 -3.14 7.34
N SER A 62 -6.77 -3.35 6.64
CA SER A 62 -7.54 -4.59 6.77
C SER A 62 -7.04 -5.64 5.78
N TYR A 63 -6.85 -5.23 4.52
CA TYR A 63 -6.38 -6.13 3.48
C TYR A 63 -5.22 -6.99 3.99
N GLU A 64 -4.48 -6.46 4.95
CA GLU A 64 -3.34 -7.17 5.52
C GLU A 64 -3.80 -8.12 6.62
N LEU A 65 -4.82 -7.70 7.37
CA LEU A 65 -5.35 -8.51 8.46
C LEU A 65 -5.86 -9.85 7.94
N ALA A 66 -6.59 -9.81 6.83
CA ALA A 66 -7.14 -11.03 6.24
C ALA A 66 -6.03 -12.02 5.90
N GLY A 67 -4.85 -11.49 5.61
CA GLY A 67 -3.72 -12.34 5.26
C GLY A 67 -3.26 -12.15 3.83
N GLY A 68 -3.36 -10.92 3.33
CA GLY A 68 -2.96 -10.63 1.98
C GLY A 68 -1.50 -10.24 1.88
N ASP A 69 -1.13 -9.60 0.78
CA ASP A 69 0.25 -9.16 0.57
C ASP A 69 0.34 -8.15 -0.57
N LEU A 70 1.47 -7.47 -0.66
CA LEU A 70 1.68 -6.47 -1.70
C LEU A 70 1.41 -7.05 -3.09
N ALA A 71 1.96 -8.24 -3.34
CA ALA A 71 1.78 -8.91 -4.62
C ALA A 71 0.32 -8.88 -5.05
N GLY A 72 -0.56 -9.35 -4.17
CA GLY A 72 -1.98 -9.37 -4.47
C GLY A 72 -2.51 -8.01 -4.85
N LEU A 73 -2.11 -6.99 -4.10
CA LEU A 73 -2.55 -5.63 -4.36
C LEU A 73 -2.03 -5.12 -5.70
N LEU A 74 -0.83 -5.57 -6.07
CA LEU A 74 -0.22 -5.17 -7.33
C LEU A 74 -0.90 -5.86 -8.51
N GLU A 75 -1.37 -7.08 -8.29
CA GLU A 75 -2.04 -7.85 -9.32
C GLU A 75 -3.45 -7.30 -9.57
N ALA A 76 -4.05 -6.73 -8.53
CA ALA A 76 -5.39 -6.16 -8.63
C ALA A 76 -5.35 -4.78 -9.28
N LEU A 77 -4.60 -3.87 -8.68
CA LEU A 77 -4.49 -2.51 -9.19
C LEU A 77 -4.24 -2.52 -10.71
N SER A 78 -3.49 -3.50 -11.17
CA SER A 78 -3.17 -3.62 -12.59
C SER A 78 -4.45 -3.72 -13.41
N ASP A 79 -5.21 -4.78 -13.19
CA ASP A 79 -6.45 -5.00 -13.92
C ASP A 79 -7.29 -3.73 -13.95
N MET A 80 -7.30 -3.01 -12.83
CA MET A 80 -8.06 -1.76 -12.73
C MET A 80 -7.41 -0.67 -13.57
N GLY A 81 -6.08 -0.66 -13.63
CA GLY A 81 -5.38 0.35 -14.39
C GLY A 81 -4.73 1.39 -13.52
N LEU A 82 -4.70 1.14 -12.22
CA LEU A 82 -4.10 2.07 -11.26
C LEU A 82 -2.58 1.97 -11.29
N GLU A 83 -2.00 2.08 -12.48
CA GLU A 83 -0.56 2.00 -12.64
C GLU A 83 0.16 2.80 -11.55
N GLU A 84 -0.28 4.03 -11.36
CA GLU A 84 0.32 4.91 -10.35
C GLU A 84 0.65 4.12 -9.09
N GLY A 85 -0.38 3.63 -8.41
CA GLY A 85 -0.17 2.87 -7.19
C GLY A 85 0.74 1.68 -7.40
N VAL A 86 0.62 1.03 -8.55
CA VAL A 86 1.45 -0.12 -8.87
C VAL A 86 2.92 0.24 -8.86
N ARG A 87 3.26 1.37 -9.47
CA ARG A 87 4.64 1.82 -9.54
C ARG A 87 5.12 2.30 -8.17
N LEU A 88 4.29 3.10 -7.50
CA LEU A 88 4.63 3.62 -6.18
C LEU A 88 4.98 2.49 -5.22
N LEU A 89 4.04 1.56 -5.04
CA LEU A 89 4.25 0.43 -4.15
C LEU A 89 5.48 -0.38 -4.56
N ARG A 90 5.68 -0.49 -5.87
CA ARG A 90 6.82 -1.23 -6.40
C ARG A 90 8.14 -0.60 -5.97
N GLY A 91 8.15 0.73 -5.87
CA GLY A 91 9.35 1.43 -5.46
C GLY A 91 10.51 1.20 -6.42
N PRO A 92 11.58 1.98 -6.24
CA PRO A 92 12.78 1.88 -7.08
C PRO A 92 13.56 0.59 -6.83
N GLU A 93 13.84 -0.13 -7.90
CA GLU A 93 14.58 -1.39 -7.80
C GLU A 93 15.89 -1.20 -7.05
N THR A 94 16.42 0.03 -7.12
CA THR A 94 17.68 0.35 -6.45
C THR A 94 17.51 1.56 -5.53
N ARG A 95 17.52 1.31 -4.23
CA ARG A 95 17.37 2.36 -3.25
C ARG A 95 18.55 2.38 -2.28
N ASP A 96 19.13 3.56 -2.08
CA ASP A 96 20.27 3.71 -1.18
C ASP A 96 20.26 5.09 -0.53
N LYS A 97 20.63 5.13 0.75
CA LYS A 97 20.67 6.38 1.49
C LYS A 97 19.39 7.18 1.27
N LEU A 98 18.25 6.49 1.27
CA LEU A 98 16.96 7.13 1.08
C LEU A 98 16.91 8.47 1.80
N PRO A 99 16.31 9.48 1.15
CA PRO A 99 16.17 10.82 1.72
C PRO A 99 15.19 10.87 2.88
N SER A 100 15.71 10.80 4.10
CA SER A 100 14.88 10.83 5.30
C SER A 100 14.18 12.17 5.45
N THR A 101 12.86 12.13 5.52
CA THR A 101 12.06 13.35 5.65
C THR A 101 12.52 14.16 6.87
N GLU A 102 12.64 13.49 8.00
CA GLU A 102 13.06 14.16 9.24
C GLU A 102 14.50 14.68 9.11
N VAL A 103 14.64 16.00 9.15
CA VAL A 103 15.96 16.63 9.04
C VAL A 103 15.95 18.04 9.61
N SER A 104 17.11 18.50 10.04
CA SER A 104 17.23 19.85 10.61
C SER A 104 18.63 20.42 10.37
N GLY A 105 18.73 21.74 10.42
CA GLY A 105 20.01 22.39 10.20
C GLY A 105 19.87 23.88 9.99
N PRO A 106 20.94 24.64 10.32
CA PRO A 106 20.95 26.09 10.16
C PRO A 106 20.98 26.52 8.70
N SER A 107 20.91 27.83 8.47
CA SER A 107 20.93 28.36 7.11
C SER A 107 21.25 29.85 7.13
N SER A 108 21.64 30.38 5.96
CA SER A 108 21.98 31.79 5.84
C SER A 108 21.77 32.28 4.41
N GLY A 109 22.01 33.56 4.19
CA GLY A 109 21.84 34.13 2.86
C GLY A 109 23.16 34.54 2.23
N GLY A 1 12.17 -9.80 0.67
CA GLY A 1 11.09 -10.69 1.08
C GLY A 1 11.06 -10.87 2.59
N SER A 2 9.88 -10.67 3.18
CA SER A 2 9.71 -10.81 4.62
C SER A 2 8.63 -11.83 4.94
N SER A 3 9.06 -13.00 5.42
CA SER A 3 8.13 -14.07 5.77
C SER A 3 8.53 -14.73 7.08
N GLY A 4 7.62 -14.71 8.05
CA GLY A 4 7.90 -15.31 9.34
C GLY A 4 7.19 -14.60 10.47
N SER A 5 7.65 -13.38 10.77
CA SER A 5 7.05 -12.59 11.86
C SER A 5 5.54 -12.78 11.90
N SER A 6 4.98 -12.70 13.10
CA SER A 6 3.54 -12.86 13.28
C SER A 6 2.76 -11.93 12.35
N GLY A 7 3.19 -10.67 12.30
CA GLY A 7 2.54 -9.69 11.45
C GLY A 7 2.63 -8.28 12.01
N PRO A 8 3.81 -7.66 11.88
CA PRO A 8 4.06 -6.31 12.36
C PRO A 8 3.30 -5.26 11.55
N GLY A 9 3.35 -5.40 10.23
CA GLY A 9 2.68 -4.45 9.36
C GLY A 9 3.20 -4.50 7.93
N LEU A 10 2.29 -4.34 6.97
CA LEU A 10 2.67 -4.37 5.56
C LEU A 10 4.02 -3.70 5.34
N SER A 11 4.91 -4.38 4.62
CA SER A 11 6.23 -3.85 4.33
C SER A 11 6.17 -2.36 3.98
N LEU A 12 5.02 -1.93 3.49
CA LEU A 12 4.82 -0.54 3.10
C LEU A 12 5.16 0.39 4.27
N GLY A 13 5.51 1.63 3.94
CA GLY A 13 5.84 2.61 4.97
C GLY A 13 4.80 3.70 5.11
N ASP A 14 4.87 4.43 6.21
CA ASP A 14 3.93 5.52 6.46
C ASP A 14 3.64 6.30 5.18
N THR A 15 4.67 6.97 4.66
CA THR A 15 4.52 7.76 3.45
C THR A 15 3.74 6.99 2.38
N ALA A 16 4.07 5.72 2.22
CA ALA A 16 3.40 4.87 1.24
C ALA A 16 1.89 4.90 1.44
N LEU A 17 1.45 4.61 2.67
CA LEU A 17 0.03 4.60 2.99
C LEU A 17 -0.60 5.95 2.71
N GLN A 18 -0.07 6.99 3.35
CA GLN A 18 -0.59 8.35 3.17
C GLN A 18 -0.87 8.63 1.70
N ASN A 19 0.06 8.24 0.84
CA ASN A 19 -0.09 8.45 -0.60
C ASN A 19 -1.14 7.51 -1.18
N LEU A 20 -0.85 6.21 -1.13
CA LEU A 20 -1.77 5.21 -1.65
C LEU A 20 -3.20 5.52 -1.25
N GLU A 21 -3.37 6.12 -0.07
CA GLU A 21 -4.69 6.48 0.43
C GLU A 21 -5.42 7.38 -0.56
N GLN A 22 -4.85 8.54 -0.84
CA GLN A 22 -5.45 9.48 -1.77
C GLN A 22 -5.39 8.96 -3.20
N LEU A 23 -4.24 8.42 -3.58
CA LEU A 23 -4.05 7.88 -4.92
C LEU A 23 -5.27 7.08 -5.36
N LEU A 24 -5.99 6.52 -4.39
CA LEU A 24 -7.19 5.73 -4.69
C LEU A 24 -8.45 6.58 -4.51
N ASP A 25 -8.39 7.52 -3.58
CA ASP A 25 -9.53 8.40 -3.31
C ASP A 25 -9.38 9.73 -4.04
N GLY A 26 -10.22 9.94 -5.06
CA GLY A 26 -10.16 11.16 -5.83
C GLY A 26 -10.70 10.99 -7.24
N PRO A 27 -11.05 12.12 -7.88
CA PRO A 27 -11.59 12.11 -9.24
C PRO A 27 -10.54 11.72 -10.28
N GLU A 28 -9.36 12.33 -10.18
CA GLU A 28 -8.27 12.05 -11.11
C GLU A 28 -7.93 10.57 -11.11
N ALA A 29 -8.14 9.93 -9.96
CA ALA A 29 -7.84 8.50 -9.82
C ALA A 29 -8.50 7.69 -10.93
N GLN A 30 -7.73 7.38 -11.97
CA GLN A 30 -8.23 6.61 -13.10
C GLN A 30 -9.14 5.48 -12.62
N GLY A 31 -8.83 4.96 -11.44
CA GLY A 31 -9.63 3.87 -10.89
C GLY A 31 -10.21 4.20 -9.53
N SER A 32 -10.26 3.22 -8.65
CA SER A 32 -10.80 3.41 -7.31
C SER A 32 -10.46 2.23 -6.41
N TRP A 33 -10.71 2.39 -5.11
CA TRP A 33 -10.43 1.32 -4.14
C TRP A 33 -11.64 0.41 -3.97
N ALA A 34 -12.83 0.96 -4.22
CA ALA A 34 -14.06 0.19 -4.09
C ALA A 34 -13.98 -1.11 -4.90
N GLU A 35 -13.77 -0.99 -6.20
CA GLU A 35 -13.67 -2.15 -7.07
C GLU A 35 -12.46 -3.02 -6.70
N LEU A 36 -11.39 -2.36 -6.28
CA LEU A 36 -10.16 -3.07 -5.91
C LEU A 36 -10.44 -4.05 -4.78
N ALA A 37 -11.05 -3.56 -3.71
CA ALA A 37 -11.38 -4.40 -2.56
C ALA A 37 -12.05 -5.69 -3.00
N GLU A 38 -13.03 -5.57 -3.88
CA GLU A 38 -13.75 -6.73 -4.38
C GLU A 38 -12.80 -7.73 -5.05
N ARG A 39 -11.88 -7.20 -5.86
CA ARG A 39 -10.92 -8.04 -6.55
C ARG A 39 -10.11 -8.87 -5.56
N LEU A 40 -9.78 -8.28 -4.42
CA LEU A 40 -9.00 -8.97 -3.40
C LEU A 40 -9.87 -9.97 -2.65
N GLY A 41 -11.16 -9.66 -2.52
CA GLY A 41 -12.07 -10.54 -1.82
C GLY A 41 -12.69 -9.89 -0.60
N LEU A 42 -12.59 -8.57 -0.53
CA LEU A 42 -13.15 -7.83 0.60
C LEU A 42 -14.30 -6.93 0.13
N ARG A 43 -15.24 -7.51 -0.61
CA ARG A 43 -16.39 -6.76 -1.10
C ARG A 43 -17.39 -6.48 0.02
N SER A 44 -17.25 -7.22 1.11
CA SER A 44 -18.14 -7.05 2.25
C SER A 44 -17.72 -5.86 3.11
N LEU A 45 -16.42 -5.68 3.26
CA LEU A 45 -15.88 -4.58 4.05
C LEU A 45 -15.88 -3.29 3.25
N VAL A 46 -16.47 -3.33 2.06
CA VAL A 46 -16.54 -2.16 1.20
C VAL A 46 -17.47 -1.09 1.78
N ASP A 47 -18.67 -1.50 2.15
CA ASP A 47 -19.65 -0.59 2.74
C ASP A 47 -19.16 -0.05 4.08
N THR A 48 -18.27 -0.80 4.72
CA THR A 48 -17.73 -0.40 6.02
C THR A 48 -16.69 0.71 5.85
N TYR A 49 -15.92 0.64 4.78
CA TYR A 49 -14.88 1.64 4.52
C TYR A 49 -15.50 2.93 3.98
N ARG A 50 -16.34 2.80 2.96
CA ARG A 50 -16.99 3.95 2.35
C ARG A 50 -17.72 4.78 3.41
N GLN A 51 -17.98 4.16 4.56
CA GLN A 51 -18.67 4.85 5.65
C GLN A 51 -17.68 5.58 6.55
N THR A 52 -16.55 4.92 6.81
CA THR A 52 -15.51 5.51 7.67
C THR A 52 -14.97 6.79 7.07
N THR A 53 -13.99 7.39 7.74
CA THR A 53 -13.38 8.62 7.27
C THR A 53 -12.20 8.34 6.35
N SER A 54 -11.40 7.34 6.70
CA SER A 54 -10.24 6.98 5.90
C SER A 54 -10.40 5.57 5.33
N PRO A 55 -11.21 5.45 4.26
CA PRO A 55 -11.46 4.18 3.60
C PRO A 55 -10.25 3.65 2.85
N SER A 56 -9.52 4.56 2.21
CA SER A 56 -8.33 4.21 1.45
C SER A 56 -7.22 3.70 2.38
N GLY A 57 -7.21 4.22 3.61
CA GLY A 57 -6.20 3.82 4.57
C GLY A 57 -6.57 2.55 5.30
N SER A 58 -7.74 2.55 5.92
CA SER A 58 -8.22 1.38 6.67
C SER A 58 -8.33 0.17 5.76
N LEU A 59 -8.59 0.42 4.48
CA LEU A 59 -8.73 -0.65 3.50
C LEU A 59 -7.50 -1.56 3.50
N LEU A 60 -6.34 -0.96 3.23
CA LEU A 60 -5.09 -1.70 3.19
C LEU A 60 -4.78 -2.32 4.56
N ARG A 61 -4.86 -1.49 5.60
CA ARG A 61 -4.60 -1.97 6.96
C ARG A 61 -5.30 -3.29 7.23
N SER A 62 -6.47 -3.45 6.62
CA SER A 62 -7.26 -4.67 6.80
C SER A 62 -6.88 -5.72 5.75
N TYR A 63 -6.67 -5.26 4.53
CA TYR A 63 -6.31 -6.16 3.43
C TYR A 63 -5.17 -7.09 3.85
N GLU A 64 -4.32 -6.61 4.75
CA GLU A 64 -3.19 -7.40 5.24
C GLU A 64 -3.63 -8.35 6.35
N LEU A 65 -4.58 -7.89 7.16
CA LEU A 65 -5.09 -8.69 8.27
C LEU A 65 -5.73 -9.98 7.76
N ALA A 66 -6.43 -9.88 6.64
CA ALA A 66 -7.10 -11.04 6.05
C ALA A 66 -6.08 -12.10 5.62
N GLY A 67 -4.86 -11.66 5.33
CA GLY A 67 -3.82 -12.57 4.91
C GLY A 67 -3.37 -12.33 3.48
N GLY A 68 -3.41 -11.08 3.05
CA GLY A 68 -3.02 -10.74 1.70
C GLY A 68 -1.66 -10.07 1.64
N ASP A 69 -0.98 -10.20 0.51
CA ASP A 69 0.33 -9.60 0.33
C ASP A 69 0.30 -8.52 -0.73
N LEU A 70 1.33 -7.68 -0.75
CA LEU A 70 1.42 -6.59 -1.73
C LEU A 70 1.08 -7.09 -3.13
N ALA A 71 1.75 -8.15 -3.54
CA ALA A 71 1.52 -8.73 -4.87
C ALA A 71 0.04 -8.79 -5.19
N GLY A 72 -0.70 -9.59 -4.43
CA GLY A 72 -2.13 -9.72 -4.66
C GLY A 72 -2.78 -8.39 -5.01
N LEU A 73 -2.24 -7.31 -4.47
CA LEU A 73 -2.78 -5.98 -4.73
C LEU A 73 -2.25 -5.43 -6.07
N LEU A 74 -0.97 -5.61 -6.30
CA LEU A 74 -0.35 -5.14 -7.55
C LEU A 74 -1.06 -5.72 -8.76
N GLU A 75 -1.63 -6.92 -8.60
CA GLU A 75 -2.34 -7.58 -9.69
C GLU A 75 -3.71 -6.95 -9.90
N ALA A 76 -4.38 -6.61 -8.80
CA ALA A 76 -5.70 -6.00 -8.87
C ALA A 76 -5.62 -4.58 -9.42
N LEU A 77 -4.72 -3.78 -8.87
CA LEU A 77 -4.56 -2.40 -9.31
C LEU A 77 -4.31 -2.34 -10.81
N SER A 78 -3.45 -3.22 -11.31
CA SER A 78 -3.13 -3.27 -12.74
C SER A 78 -4.38 -3.57 -13.56
N ASP A 79 -5.05 -4.66 -13.23
CA ASP A 79 -6.25 -5.06 -13.94
C ASP A 79 -7.24 -3.91 -14.04
N MET A 80 -7.24 -3.05 -13.02
CA MET A 80 -8.13 -1.90 -12.99
C MET A 80 -7.55 -0.74 -13.80
N GLY A 81 -6.24 -0.78 -14.01
CA GLY A 81 -5.59 0.27 -14.77
C GLY A 81 -4.66 1.13 -13.91
N LEU A 82 -5.01 1.24 -12.64
CA LEU A 82 -4.20 2.03 -11.71
C LEU A 82 -2.73 1.67 -11.80
N GLU A 83 -1.99 2.42 -12.63
CA GLU A 83 -0.57 2.17 -12.81
C GLU A 83 0.25 2.80 -11.69
N GLU A 84 0.08 4.10 -11.50
CA GLU A 84 0.79 4.82 -10.46
C GLU A 84 0.96 3.95 -9.21
N GLY A 85 -0.15 3.66 -8.54
CA GLY A 85 -0.09 2.84 -7.35
C GLY A 85 0.84 1.66 -7.50
N VAL A 86 0.69 0.93 -8.59
CA VAL A 86 1.52 -0.24 -8.86
C VAL A 86 3.00 0.10 -8.75
N ARG A 87 3.36 1.31 -9.19
CA ARG A 87 4.74 1.76 -9.14
C ARG A 87 5.11 2.21 -7.73
N LEU A 88 4.24 2.99 -7.11
CA LEU A 88 4.48 3.48 -5.76
C LEU A 88 4.68 2.33 -4.78
N LEU A 89 3.70 1.44 -4.73
CA LEU A 89 3.77 0.29 -3.83
C LEU A 89 5.14 -0.39 -3.91
N ARG A 90 5.59 -0.64 -5.13
CA ARG A 90 6.88 -1.28 -5.35
C ARG A 90 8.02 -0.42 -4.80
N GLY A 91 7.99 0.87 -5.15
CA GLY A 91 9.02 1.77 -4.68
C GLY A 91 9.53 1.43 -3.31
N PRO A 92 10.85 1.56 -3.11
CA PRO A 92 11.50 1.25 -1.83
C PRO A 92 11.13 2.26 -0.74
N GLU A 93 11.85 2.22 0.36
CA GLU A 93 11.60 3.13 1.48
C GLU A 93 12.61 4.29 1.48
N THR A 94 12.29 5.33 2.23
CA THR A 94 13.15 6.51 2.31
C THR A 94 14.35 6.24 3.22
N ARG A 95 15.44 6.95 2.95
CA ARG A 95 16.66 6.79 3.75
C ARG A 95 16.84 5.34 4.18
N ASP A 96 16.58 4.42 3.27
CA ASP A 96 16.71 2.99 3.56
C ASP A 96 17.98 2.72 4.36
N LYS A 97 17.86 1.88 5.38
CA LYS A 97 18.99 1.53 6.23
C LYS A 97 19.49 0.12 5.92
N LEU A 98 20.79 -0.10 6.10
CA LEU A 98 21.40 -1.40 5.84
C LEU A 98 22.03 -1.96 7.10
N PRO A 99 22.00 -3.30 7.23
CA PRO A 99 22.57 -4.01 8.38
C PRO A 99 24.09 -3.93 8.42
N SER A 100 24.65 -3.94 9.62
CA SER A 100 26.10 -3.87 9.79
C SER A 100 26.65 -5.21 10.24
N THR A 101 27.69 -5.68 9.54
CA THR A 101 28.31 -6.96 9.87
C THR A 101 29.70 -7.07 9.24
N GLU A 102 30.72 -7.11 10.08
CA GLU A 102 32.10 -7.22 9.60
C GLU A 102 32.45 -8.67 9.27
N VAL A 103 32.69 -8.93 7.99
CA VAL A 103 33.03 -10.27 7.53
C VAL A 103 34.05 -10.22 6.39
N SER A 104 35.10 -11.03 6.51
CA SER A 104 36.15 -11.07 5.50
C SER A 104 36.89 -12.40 5.56
N GLY A 105 37.65 -12.69 4.50
CA GLY A 105 38.41 -13.93 4.45
C GLY A 105 37.92 -14.87 3.37
N PRO A 106 38.85 -15.62 2.76
CA PRO A 106 38.54 -16.57 1.69
C PRO A 106 37.75 -17.78 2.21
N SER A 107 36.75 -18.20 1.44
CA SER A 107 35.92 -19.34 1.82
C SER A 107 36.77 -20.59 1.97
N SER A 108 36.30 -21.52 2.81
CA SER A 108 37.02 -22.76 3.05
C SER A 108 36.04 -23.91 3.30
N GLY A 109 36.57 -25.13 3.38
CA GLY A 109 35.74 -26.29 3.62
C GLY A 109 35.91 -27.36 2.56
N GLY A 1 11.31 -29.44 4.21
CA GLY A 1 12.22 -28.39 3.78
C GLY A 1 11.72 -27.01 4.18
N SER A 2 12.64 -26.17 4.64
CA SER A 2 12.29 -24.82 5.07
C SER A 2 11.45 -24.11 4.00
N SER A 3 10.14 -24.10 4.21
CA SER A 3 9.22 -23.47 3.27
C SER A 3 7.94 -23.05 3.97
N GLY A 4 7.49 -21.83 3.70
CA GLY A 4 6.28 -21.32 4.31
C GLY A 4 6.02 -19.87 3.98
N SER A 5 4.75 -19.48 3.95
CA SER A 5 4.37 -18.11 3.63
C SER A 5 3.99 -17.35 4.91
N SER A 6 4.84 -16.39 5.29
CA SER A 6 4.59 -15.59 6.49
C SER A 6 4.53 -14.10 6.15
N GLY A 7 3.79 -13.35 6.95
CA GLY A 7 3.67 -11.92 6.73
C GLY A 7 2.58 -11.30 7.57
N PRO A 8 2.90 -11.02 8.84
CA PRO A 8 1.96 -10.42 9.79
C PRO A 8 1.67 -8.95 9.45
N GLY A 9 2.68 -8.25 8.99
CA GLY A 9 2.51 -6.84 8.64
C GLY A 9 2.91 -6.55 7.21
N LEU A 10 2.33 -5.52 6.62
CA LEU A 10 2.63 -5.13 5.25
C LEU A 10 4.00 -4.47 5.16
N SER A 11 4.78 -4.87 4.16
CA SER A 11 6.11 -4.30 3.96
C SER A 11 6.04 -2.96 3.25
N LEU A 12 5.23 -2.06 3.79
CA LEU A 12 5.06 -0.73 3.20
C LEU A 12 5.52 0.36 4.17
N GLY A 13 5.60 1.59 3.68
CA GLY A 13 6.03 2.70 4.52
C GLY A 13 4.89 3.61 4.89
N ASP A 14 5.14 4.54 5.82
CA ASP A 14 4.12 5.48 6.26
C ASP A 14 3.68 6.39 5.10
N THR A 15 4.65 6.92 4.37
CA THR A 15 4.36 7.80 3.25
C THR A 15 3.67 7.04 2.12
N ALA A 16 4.23 5.89 1.76
CA ALA A 16 3.67 5.06 0.69
C ALA A 16 2.17 4.85 0.90
N LEU A 17 1.80 4.37 2.08
CA LEU A 17 0.40 4.12 2.40
C LEU A 17 -0.43 5.38 2.20
N GLN A 18 -0.07 6.45 2.91
CA GLN A 18 -0.79 7.71 2.81
C GLN A 18 -1.04 8.07 1.35
N ASN A 19 0.00 7.95 0.53
CA ASN A 19 -0.11 8.27 -0.90
C ASN A 19 -1.18 7.42 -1.56
N LEU A 20 -1.01 6.11 -1.52
CA LEU A 20 -1.97 5.18 -2.12
C LEU A 20 -3.39 5.52 -1.70
N GLU A 21 -3.58 5.75 -0.40
CA GLU A 21 -4.90 6.09 0.12
C GLU A 21 -5.57 7.14 -0.74
N GLN A 22 -5.00 8.34 -0.75
CA GLN A 22 -5.56 9.45 -1.54
C GLN A 22 -5.61 9.08 -3.02
N LEU A 23 -4.52 8.53 -3.52
CA LEU A 23 -4.44 8.13 -4.92
C LEU A 23 -5.72 7.42 -5.36
N LEU A 24 -6.16 6.47 -4.55
CA LEU A 24 -7.38 5.72 -4.85
C LEU A 24 -8.61 6.62 -4.83
N ASP A 25 -8.73 7.43 -3.79
CA ASP A 25 -9.84 8.35 -3.65
C ASP A 25 -9.59 9.63 -4.43
N GLY A 26 -10.15 9.72 -5.63
CA GLY A 26 -9.97 10.90 -6.46
C GLY A 26 -10.44 10.69 -7.87
N PRO A 27 -10.70 11.79 -8.59
CA PRO A 27 -11.16 11.75 -9.98
C PRO A 27 -10.07 11.28 -10.94
N GLU A 28 -8.85 11.76 -10.73
CA GLU A 28 -7.72 11.38 -11.58
C GLU A 28 -7.39 9.90 -11.41
N ALA A 29 -7.74 9.35 -10.25
CA ALA A 29 -7.49 7.95 -9.97
C ALA A 29 -8.00 7.05 -11.09
N GLN A 30 -7.08 6.53 -11.90
CA GLN A 30 -7.44 5.67 -13.01
C GLN A 30 -8.44 4.60 -12.57
N GLY A 31 -8.42 4.27 -11.28
CA GLY A 31 -9.33 3.27 -10.75
C GLY A 31 -10.08 3.75 -9.52
N SER A 32 -10.21 2.89 -8.53
CA SER A 32 -10.91 3.23 -7.30
C SER A 32 -10.60 2.22 -6.20
N TRP A 33 -11.06 2.52 -4.98
CA TRP A 33 -10.82 1.65 -3.84
C TRP A 33 -11.92 0.59 -3.73
N ALA A 34 -13.17 1.03 -3.81
CA ALA A 34 -14.30 0.12 -3.73
C ALA A 34 -14.10 -1.09 -4.63
N GLU A 35 -13.79 -0.85 -5.89
CA GLU A 35 -13.57 -1.92 -6.85
C GLU A 35 -12.37 -2.77 -6.46
N LEU A 36 -11.24 -2.12 -6.22
CA LEU A 36 -10.02 -2.81 -5.84
C LEU A 36 -10.31 -3.85 -4.75
N ALA A 37 -10.98 -3.42 -3.68
CA ALA A 37 -11.31 -4.31 -2.59
C ALA A 37 -11.97 -5.59 -3.09
N GLU A 38 -12.92 -5.43 -4.02
CA GLU A 38 -13.63 -6.57 -4.58
C GLU A 38 -12.65 -7.60 -5.15
N ARG A 39 -11.64 -7.11 -5.86
CA ARG A 39 -10.64 -7.99 -6.44
C ARG A 39 -9.91 -8.80 -5.37
N LEU A 40 -9.60 -8.14 -4.26
CA LEU A 40 -8.91 -8.80 -3.16
C LEU A 40 -9.86 -9.75 -2.41
N GLY A 41 -11.13 -9.36 -2.35
CA GLY A 41 -12.11 -10.19 -1.66
C GLY A 41 -12.72 -9.48 -0.47
N LEU A 42 -12.84 -8.17 -0.55
CA LEU A 42 -13.41 -7.37 0.53
C LEU A 42 -14.50 -6.45 0.00
N ARG A 43 -15.41 -7.01 -0.80
CA ARG A 43 -16.50 -6.24 -1.36
C ARG A 43 -17.55 -5.94 -0.30
N SER A 44 -17.44 -6.60 0.85
CA SER A 44 -18.39 -6.41 1.94
C SER A 44 -17.94 -5.27 2.86
N LEU A 45 -16.67 -5.28 3.21
CA LEU A 45 -16.11 -4.25 4.09
C LEU A 45 -16.23 -2.87 3.44
N VAL A 46 -16.44 -2.86 2.13
CA VAL A 46 -16.58 -1.60 1.40
C VAL A 46 -17.52 -0.65 2.11
N ASP A 47 -18.78 -1.04 2.22
CA ASP A 47 -19.78 -0.21 2.88
C ASP A 47 -19.33 0.18 4.29
N THR A 48 -18.84 -0.81 5.03
CA THR A 48 -18.37 -0.58 6.39
C THR A 48 -17.40 0.59 6.45
N TYR A 49 -16.35 0.53 5.63
CA TYR A 49 -15.35 1.59 5.59
C TYR A 49 -16.00 2.93 5.24
N ARG A 50 -16.90 2.91 4.26
CA ARG A 50 -17.58 4.12 3.84
C ARG A 50 -17.93 5.01 5.03
N GLN A 51 -18.51 4.40 6.07
CA GLN A 51 -18.89 5.12 7.27
C GLN A 51 -17.76 6.04 7.73
N THR A 52 -16.57 5.46 7.93
CA THR A 52 -15.42 6.23 8.37
C THR A 52 -15.09 7.35 7.39
N THR A 53 -14.24 8.27 7.83
CA THR A 53 -13.85 9.40 7.00
C THR A 53 -12.74 9.01 6.00
N SER A 54 -11.83 8.16 6.46
CA SER A 54 -10.72 7.71 5.63
C SER A 54 -10.73 6.19 5.49
N PRO A 55 -11.60 5.68 4.60
CA PRO A 55 -11.73 4.24 4.35
C PRO A 55 -10.51 3.66 3.64
N SER A 56 -9.69 4.55 3.08
CA SER A 56 -8.49 4.12 2.36
C SER A 56 -7.54 3.37 3.30
N GLY A 57 -7.25 3.97 4.45
CA GLY A 57 -6.36 3.34 5.40
C GLY A 57 -6.88 2.01 5.88
N SER A 58 -8.07 2.00 6.47
CA SER A 58 -8.68 0.79 6.98
C SER A 58 -8.76 -0.27 5.88
N LEU A 59 -8.98 0.18 4.65
CA LEU A 59 -9.09 -0.74 3.51
C LEU A 59 -7.82 -1.58 3.37
N LEU A 60 -6.67 -0.92 3.31
CA LEU A 60 -5.39 -1.61 3.18
C LEU A 60 -5.03 -2.32 4.48
N ARG A 61 -5.26 -1.65 5.61
CA ARG A 61 -4.95 -2.22 6.92
C ARG A 61 -5.63 -3.58 7.09
N SER A 62 -6.77 -3.76 6.41
CA SER A 62 -7.51 -5.01 6.50
C SER A 62 -7.01 -6.01 5.48
N TYR A 63 -6.76 -5.55 4.26
CA TYR A 63 -6.27 -6.41 3.19
C TYR A 63 -5.14 -7.32 3.69
N GLU A 64 -4.45 -6.86 4.73
CA GLU A 64 -3.35 -7.63 5.31
C GLU A 64 -3.86 -8.63 6.34
N LEU A 65 -4.84 -8.20 7.13
CA LEU A 65 -5.42 -9.07 8.17
C LEU A 65 -5.87 -10.39 7.56
N ALA A 66 -6.61 -10.31 6.46
CA ALA A 66 -7.10 -11.51 5.79
C ALA A 66 -5.95 -12.45 5.42
N GLY A 67 -4.79 -11.86 5.15
CA GLY A 67 -3.64 -12.65 4.78
C GLY A 67 -3.14 -12.34 3.38
N GLY A 68 -3.25 -11.08 2.99
CA GLY A 68 -2.82 -10.67 1.66
C GLY A 68 -1.41 -10.12 1.65
N ASP A 69 -0.86 -9.92 0.46
CA ASP A 69 0.50 -9.40 0.32
C ASP A 69 0.58 -8.41 -0.83
N LEU A 70 1.63 -7.59 -0.84
CA LEU A 70 1.83 -6.61 -1.90
C LEU A 70 1.59 -7.22 -3.27
N ALA A 71 2.17 -8.39 -3.49
CA ALA A 71 2.01 -9.09 -4.76
C ALA A 71 0.56 -9.09 -5.21
N GLY A 72 -0.33 -9.53 -4.32
CA GLY A 72 -1.74 -9.57 -4.65
C GLY A 72 -2.29 -8.22 -5.06
N LEU A 73 -2.04 -7.21 -4.24
CA LEU A 73 -2.51 -5.86 -4.53
C LEU A 73 -1.98 -5.36 -5.87
N LEU A 74 -0.70 -5.67 -6.14
CA LEU A 74 -0.08 -5.25 -7.39
C LEU A 74 -0.79 -5.87 -8.59
N GLU A 75 -1.34 -7.07 -8.39
CA GLU A 75 -2.05 -7.76 -9.45
C GLU A 75 -3.44 -7.17 -9.67
N ALA A 76 -4.07 -6.77 -8.57
CA ALA A 76 -5.41 -6.18 -8.64
C ALA A 76 -5.36 -4.79 -9.27
N LEU A 77 -4.44 -3.96 -8.81
CA LEU A 77 -4.30 -2.61 -9.33
C LEU A 77 -4.05 -2.63 -10.83
N SER A 78 -3.16 -3.50 -11.27
CA SER A 78 -2.83 -3.62 -12.68
C SER A 78 -4.09 -3.80 -13.52
N ASP A 79 -4.84 -4.87 -13.22
CA ASP A 79 -6.07 -5.16 -13.95
C ASP A 79 -6.95 -3.92 -14.04
N MET A 80 -7.12 -3.24 -12.92
CA MET A 80 -7.95 -2.03 -12.87
C MET A 80 -7.29 -0.90 -13.68
N GLY A 81 -5.96 -0.92 -13.75
CA GLY A 81 -5.24 0.10 -14.48
C GLY A 81 -4.65 1.15 -13.57
N LEU A 82 -4.52 0.82 -12.29
CA LEU A 82 -3.97 1.75 -11.31
C LEU A 82 -2.45 1.63 -11.25
N GLU A 83 -1.79 2.00 -12.35
CA GLU A 83 -0.33 1.94 -12.42
C GLU A 83 0.30 2.82 -11.35
N GLU A 84 -0.17 4.06 -11.25
CA GLU A 84 0.36 5.00 -10.27
C GLU A 84 0.70 4.29 -8.96
N GLY A 85 -0.27 3.54 -8.43
CA GLY A 85 -0.06 2.83 -7.19
C GLY A 85 0.91 1.68 -7.34
N VAL A 86 0.83 0.97 -8.47
CA VAL A 86 1.71 -0.16 -8.73
C VAL A 86 3.17 0.28 -8.76
N ARG A 87 3.41 1.47 -9.31
CA ARG A 87 4.77 2.00 -9.40
C ARG A 87 5.22 2.56 -8.05
N LEU A 88 4.30 3.22 -7.35
CA LEU A 88 4.60 3.81 -6.05
C LEU A 88 4.96 2.73 -5.04
N LEU A 89 4.05 1.79 -4.83
CA LEU A 89 4.26 0.70 -3.88
C LEU A 89 5.64 0.07 -4.08
N ARG A 90 5.95 -0.30 -5.33
CA ARG A 90 7.23 -0.90 -5.64
C ARG A 90 8.38 0.01 -5.24
N GLY A 91 8.28 1.28 -5.62
CA GLY A 91 9.33 2.23 -5.28
C GLY A 91 9.97 1.94 -3.94
N PRO A 92 11.30 2.11 -3.87
CA PRO A 92 12.07 1.86 -2.64
C PRO A 92 11.78 2.90 -1.55
N GLU A 93 12.37 2.70 -0.38
CA GLU A 93 12.16 3.61 0.73
C GLU A 93 13.25 4.69 0.76
N THR A 94 13.02 5.73 1.55
CA THR A 94 13.97 6.83 1.66
C THR A 94 14.71 6.78 2.99
N ARG A 95 15.82 7.52 3.06
CA ARG A 95 16.62 7.55 4.27
C ARG A 95 16.77 8.98 4.79
N ASP A 96 15.74 9.79 4.57
CA ASP A 96 15.75 11.19 5.01
C ASP A 96 15.63 11.27 6.53
N LYS A 97 16.76 11.54 7.18
CA LYS A 97 16.78 11.66 8.64
C LYS A 97 16.33 13.04 9.09
N LEU A 98 15.28 13.09 9.89
CA LEU A 98 14.75 14.35 10.39
C LEU A 98 15.55 14.84 11.61
N PRO A 99 15.71 16.17 11.72
CA PRO A 99 16.44 16.78 12.83
C PRO A 99 15.70 16.65 14.16
N SER A 100 15.93 15.54 14.86
CA SER A 100 15.28 15.30 16.14
C SER A 100 16.11 14.34 16.99
N THR A 101 16.28 14.68 18.27
CA THR A 101 17.05 13.84 19.18
C THR A 101 16.12 13.04 20.10
N GLU A 102 16.56 11.83 20.46
CA GLU A 102 15.78 10.96 21.32
C GLU A 102 15.48 11.64 22.65
N VAL A 103 14.25 11.52 23.11
CA VAL A 103 13.83 12.12 24.38
C VAL A 103 12.65 11.36 24.98
N SER A 104 12.63 11.29 26.31
CA SER A 104 11.56 10.60 27.02
C SER A 104 10.22 10.79 26.31
N GLY A 105 9.52 9.69 26.07
CA GLY A 105 8.23 9.75 25.41
C GLY A 105 7.24 8.74 25.95
N PRO A 106 6.66 9.03 27.11
CA PRO A 106 5.68 8.15 27.75
C PRO A 106 4.36 8.08 27.00
N SER A 107 3.38 7.40 27.58
CA SER A 107 2.07 7.26 26.95
C SER A 107 2.21 6.72 25.53
N SER A 108 3.23 5.89 25.30
CA SER A 108 3.47 5.31 23.99
C SER A 108 3.21 3.81 24.01
N GLY A 109 2.99 3.23 22.83
CA GLY A 109 2.74 1.81 22.74
C GLY A 109 1.50 1.50 21.92
N GLY A 1 8.04 -19.91 0.41
CA GLY A 1 7.90 -20.78 1.57
C GLY A 1 8.78 -20.35 2.72
N SER A 2 8.44 -19.21 3.32
CA SER A 2 9.21 -18.69 4.45
C SER A 2 8.79 -19.36 5.75
N SER A 3 9.70 -20.15 6.32
CA SER A 3 9.42 -20.85 7.57
C SER A 3 8.99 -19.88 8.66
N GLY A 4 7.69 -19.83 8.94
CA GLY A 4 7.18 -18.94 9.95
C GLY A 4 6.00 -18.12 9.47
N SER A 5 5.86 -16.91 10.02
CA SER A 5 4.76 -16.04 9.64
C SER A 5 5.25 -14.95 8.69
N SER A 6 4.38 -14.54 7.76
CA SER A 6 4.72 -13.51 6.79
C SER A 6 5.11 -12.21 7.49
N GLY A 7 4.30 -11.79 8.44
CA GLY A 7 4.58 -10.57 9.18
C GLY A 7 3.35 -10.00 9.85
N PRO A 8 3.55 -9.37 11.03
CA PRO A 8 2.46 -8.77 11.80
C PRO A 8 1.89 -7.53 11.12
N GLY A 9 2.59 -7.04 10.10
CA GLY A 9 2.14 -5.86 9.39
C GLY A 9 2.80 -5.71 8.03
N LEU A 10 2.02 -5.29 7.05
CA LEU A 10 2.54 -5.10 5.69
C LEU A 10 3.90 -4.41 5.72
N SER A 11 4.82 -4.91 4.90
CA SER A 11 6.16 -4.35 4.83
C SER A 11 6.18 -3.10 3.96
N LEU A 12 5.27 -2.17 4.25
CA LEU A 12 5.18 -0.94 3.48
C LEU A 12 5.74 0.24 4.28
N GLY A 13 5.95 1.36 3.61
CA GLY A 13 6.48 2.54 4.28
C GLY A 13 5.41 3.57 4.58
N ASP A 14 5.52 4.22 5.73
CA ASP A 14 4.55 5.23 6.14
C ASP A 14 4.12 6.08 4.95
N THR A 15 5.06 6.85 4.41
CA THR A 15 4.79 7.72 3.27
C THR A 15 4.04 6.96 2.18
N ALA A 16 4.67 5.91 1.65
CA ALA A 16 4.07 5.11 0.59
C ALA A 16 2.56 4.95 0.82
N LEU A 17 2.20 4.43 1.99
CA LEU A 17 0.79 4.24 2.33
C LEU A 17 0.00 5.52 2.16
N GLN A 18 0.30 6.51 3.00
CA GLN A 18 -0.39 7.79 2.94
C GLN A 18 -0.71 8.17 1.49
N ASN A 19 0.25 7.97 0.61
CA ASN A 19 0.06 8.28 -0.81
C ASN A 19 -0.99 7.37 -1.44
N LEU A 20 -0.90 6.07 -1.14
CA LEU A 20 -1.84 5.10 -1.68
C LEU A 20 -3.26 5.42 -1.22
N GLU A 21 -3.41 5.75 0.05
CA GLU A 21 -4.71 6.07 0.61
C GLU A 21 -5.46 7.06 -0.28
N GLN A 22 -4.83 8.20 -0.56
CA GLN A 22 -5.43 9.23 -1.40
C GLN A 22 -5.47 8.78 -2.85
N LEU A 23 -4.35 8.23 -3.33
CA LEU A 23 -4.26 7.76 -4.71
C LEU A 23 -5.54 7.04 -5.13
N LEU A 24 -6.20 6.41 -4.17
CA LEU A 24 -7.43 5.68 -4.44
C LEU A 24 -8.64 6.62 -4.35
N ASP A 25 -8.57 7.57 -3.43
CA ASP A 25 -9.66 8.54 -3.24
C ASP A 25 -9.42 9.79 -4.06
N GLY A 26 -10.20 9.97 -5.12
CA GLY A 26 -10.05 11.14 -5.97
C GLY A 26 -10.64 10.94 -7.35
N PRO A 27 -10.99 12.04 -8.01
CA PRO A 27 -11.58 12.00 -9.37
C PRO A 27 -10.57 11.57 -10.42
N GLU A 28 -9.34 12.05 -10.29
CA GLU A 28 -8.28 11.72 -11.23
C GLU A 28 -7.92 10.24 -11.15
N ALA A 29 -8.12 9.66 -9.97
CA ALA A 29 -7.83 8.25 -9.75
C ALA A 29 -8.49 7.37 -10.81
N GLN A 30 -7.69 6.93 -11.79
CA GLN A 30 -8.21 6.09 -12.87
C GLN A 30 -9.13 5.01 -12.32
N GLY A 31 -8.87 4.58 -11.09
CA GLY A 31 -9.70 3.55 -10.48
C GLY A 31 -10.31 4.02 -9.17
N SER A 32 -10.25 3.16 -8.16
CA SER A 32 -10.81 3.47 -6.84
C SER A 32 -10.46 2.38 -5.84
N TRP A 33 -10.93 2.57 -4.59
CA TRP A 33 -10.66 1.59 -3.53
C TRP A 33 -11.78 0.56 -3.47
N ALA A 34 -13.01 1.01 -3.66
CA ALA A 34 -14.16 0.10 -3.61
C ALA A 34 -13.94 -1.10 -4.51
N GLU A 35 -13.77 -0.86 -5.80
CA GLU A 35 -13.56 -1.93 -6.77
C GLU A 35 -12.34 -2.76 -6.38
N LEU A 36 -11.24 -2.08 -6.04
CA LEU A 36 -10.01 -2.76 -5.65
C LEU A 36 -10.27 -3.78 -4.56
N ALA A 37 -11.06 -3.39 -3.57
CA ALA A 37 -11.39 -4.28 -2.45
C ALA A 37 -11.99 -5.58 -2.96
N GLU A 38 -13.02 -5.46 -3.79
CA GLU A 38 -13.69 -6.64 -4.34
C GLU A 38 -12.68 -7.62 -4.94
N ARG A 39 -11.66 -7.07 -5.60
CA ARG A 39 -10.63 -7.88 -6.22
C ARG A 39 -9.89 -8.71 -5.17
N LEU A 40 -9.60 -8.10 -4.03
CA LEU A 40 -8.90 -8.77 -2.95
C LEU A 40 -9.81 -9.76 -2.24
N GLY A 41 -11.09 -9.40 -2.11
CA GLY A 41 -12.04 -10.27 -1.44
C GLY A 41 -12.89 -9.54 -0.44
N LEU A 42 -12.50 -8.31 -0.11
CA LEU A 42 -13.24 -7.50 0.84
C LEU A 42 -14.34 -6.71 0.16
N ARG A 43 -15.22 -7.40 -0.56
CA ARG A 43 -16.31 -6.76 -1.26
C ARG A 43 -17.46 -6.43 -0.31
N SER A 44 -17.48 -7.12 0.83
CA SER A 44 -18.52 -6.90 1.82
C SER A 44 -18.19 -5.71 2.71
N LEU A 45 -16.92 -5.56 3.04
CA LEU A 45 -16.46 -4.46 3.88
C LEU A 45 -16.62 -3.13 3.16
N VAL A 46 -16.52 -3.16 1.83
CA VAL A 46 -16.66 -1.96 1.02
C VAL A 46 -17.71 -1.02 1.59
N ASP A 47 -18.96 -1.46 1.59
CA ASP A 47 -20.06 -0.67 2.12
C ASP A 47 -19.72 -0.10 3.49
N THR A 48 -19.16 -0.96 4.35
CA THR A 48 -18.78 -0.55 5.69
C THR A 48 -17.80 0.62 5.67
N TYR A 49 -16.74 0.47 4.89
CA TYR A 49 -15.73 1.52 4.77
C TYR A 49 -16.34 2.83 4.31
N ARG A 50 -17.21 2.74 3.30
CA ARG A 50 -17.88 3.91 2.76
C ARG A 50 -18.23 4.90 3.86
N GLN A 51 -18.70 4.38 4.99
CA GLN A 51 -19.07 5.21 6.13
C GLN A 51 -17.89 6.06 6.60
N THR A 52 -16.73 5.41 6.72
CA THR A 52 -15.52 6.10 7.17
C THR A 52 -15.07 7.14 6.15
N THR A 53 -14.49 8.22 6.63
CA THR A 53 -14.02 9.30 5.77
C THR A 53 -12.74 8.89 5.05
N SER A 54 -12.07 7.86 5.57
CA SER A 54 -10.83 7.38 4.98
C SER A 54 -10.88 5.87 4.76
N PRO A 55 -11.63 5.44 3.74
CA PRO A 55 -11.78 4.02 3.41
C PRO A 55 -10.49 3.41 2.85
N SER A 56 -9.70 4.23 2.19
CA SER A 56 -8.43 3.79 1.60
C SER A 56 -7.55 3.15 2.67
N GLY A 57 -7.35 3.86 3.77
CA GLY A 57 -6.51 3.36 4.85
C GLY A 57 -7.13 2.16 5.54
N SER A 58 -8.38 2.30 5.98
CA SER A 58 -9.08 1.22 6.66
C SER A 58 -9.16 -0.02 5.78
N LEU A 59 -8.94 0.17 4.48
CA LEU A 59 -8.99 -0.94 3.52
C LEU A 59 -7.65 -1.67 3.47
N LEU A 60 -6.58 -0.91 3.24
CA LEU A 60 -5.24 -1.49 3.17
C LEU A 60 -4.88 -2.21 4.46
N ARG A 61 -5.04 -1.51 5.58
CA ARG A 61 -4.74 -2.08 6.89
C ARG A 61 -5.59 -3.33 7.15
N SER A 62 -6.73 -3.41 6.47
CA SER A 62 -7.64 -4.54 6.63
C SER A 62 -7.37 -5.60 5.57
N TYR A 63 -6.82 -5.17 4.43
CA TYR A 63 -6.52 -6.09 3.33
C TYR A 63 -5.51 -7.14 3.76
N GLU A 64 -4.65 -6.78 4.70
CA GLU A 64 -3.62 -7.70 5.20
C GLU A 64 -4.21 -8.63 6.26
N LEU A 65 -5.13 -8.10 7.06
CA LEU A 65 -5.77 -8.89 8.11
C LEU A 65 -6.29 -10.21 7.57
N ALA A 66 -6.90 -10.16 6.38
CA ALA A 66 -7.45 -11.36 5.75
C ALA A 66 -6.33 -12.31 5.34
N GLY A 67 -5.14 -11.77 5.17
CA GLY A 67 -4.00 -12.60 4.78
C GLY A 67 -3.49 -12.26 3.39
N GLY A 68 -3.56 -10.98 3.04
CA GLY A 68 -3.10 -10.54 1.73
C GLY A 68 -1.72 -9.92 1.79
N ASP A 69 -1.01 -9.96 0.67
CA ASP A 69 0.33 -9.40 0.58
C ASP A 69 0.45 -8.41 -0.56
N LEU A 70 1.61 -7.77 -0.69
CA LEU A 70 1.84 -6.80 -1.74
C LEU A 70 1.46 -7.37 -3.11
N ALA A 71 2.11 -8.47 -3.47
CA ALA A 71 1.85 -9.13 -4.75
C ALA A 71 0.37 -9.03 -5.11
N GLY A 72 -0.48 -9.61 -4.26
CA GLY A 72 -1.91 -9.58 -4.52
C GLY A 72 -2.42 -8.18 -4.78
N LEU A 73 -1.83 -7.19 -4.12
CA LEU A 73 -2.24 -5.80 -4.28
C LEU A 73 -1.73 -5.24 -5.61
N LEU A 74 -0.58 -5.73 -6.05
CA LEU A 74 0.02 -5.29 -7.30
C LEU A 74 -0.70 -5.91 -8.49
N GLU A 75 -1.19 -7.13 -8.32
CA GLU A 75 -1.90 -7.83 -9.37
C GLU A 75 -3.31 -7.29 -9.55
N ALA A 76 -3.91 -6.86 -8.45
CA ALA A 76 -5.26 -6.31 -8.48
C ALA A 76 -5.28 -4.91 -9.11
N LEU A 77 -4.40 -4.05 -8.62
CA LEU A 77 -4.31 -2.68 -9.14
C LEU A 77 -4.15 -2.68 -10.65
N SER A 78 -3.43 -3.68 -11.16
CA SER A 78 -3.18 -3.80 -12.59
C SER A 78 -4.50 -3.95 -13.35
N ASP A 79 -5.28 -4.95 -12.98
CA ASP A 79 -6.56 -5.21 -13.62
C ASP A 79 -7.38 -3.94 -13.73
N MET A 80 -7.39 -3.15 -12.65
CA MET A 80 -8.14 -1.89 -12.63
C MET A 80 -7.48 -0.86 -13.53
N GLY A 81 -6.16 -0.92 -13.65
CA GLY A 81 -5.42 0.01 -14.49
C GLY A 81 -4.74 1.10 -13.68
N LEU A 82 -4.72 0.92 -12.36
CA LEU A 82 -4.09 1.88 -11.48
C LEU A 82 -2.57 1.71 -11.47
N GLU A 83 -1.91 2.18 -12.53
CA GLU A 83 -0.47 2.08 -12.63
C GLU A 83 0.22 2.97 -11.61
N GLU A 84 -0.40 4.10 -11.31
CA GLU A 84 0.15 5.05 -10.34
C GLU A 84 0.55 4.34 -9.05
N GLY A 85 -0.41 3.66 -8.43
CA GLY A 85 -0.15 2.95 -7.20
C GLY A 85 0.94 1.89 -7.36
N VAL A 86 0.85 1.11 -8.43
CA VAL A 86 1.83 0.07 -8.70
C VAL A 86 3.25 0.62 -8.68
N ARG A 87 3.43 1.77 -9.32
CA ARG A 87 4.74 2.40 -9.38
C ARG A 87 5.20 2.84 -7.99
N LEU A 88 4.30 3.47 -7.25
CA LEU A 88 4.60 3.94 -5.91
C LEU A 88 5.04 2.79 -5.01
N LEU A 89 4.20 1.77 -4.90
CA LEU A 89 4.50 0.59 -4.08
C LEU A 89 5.90 0.07 -4.39
N ARG A 90 6.19 -0.10 -5.68
CA ARG A 90 7.50 -0.59 -6.10
C ARG A 90 8.62 0.29 -5.57
N GLY A 91 8.46 1.60 -5.74
CA GLY A 91 9.47 2.54 -5.28
C GLY A 91 10.63 2.68 -6.24
N PRO A 92 11.20 3.88 -6.32
CA PRO A 92 12.33 4.18 -7.21
C PRO A 92 13.62 3.50 -6.76
N GLU A 93 14.25 2.77 -7.68
CA GLU A 93 15.48 2.07 -7.38
C GLU A 93 16.68 3.01 -7.46
N THR A 94 16.52 4.21 -6.91
CA THR A 94 17.59 5.20 -6.93
C THR A 94 18.19 5.37 -5.54
N ARG A 95 19.49 5.09 -5.44
CA ARG A 95 20.19 5.21 -4.16
C ARG A 95 21.04 6.48 -4.14
N ASP A 96 20.45 7.58 -3.67
CA ASP A 96 21.14 8.85 -3.58
C ASP A 96 22.22 8.81 -2.50
N LYS A 97 23.46 9.05 -2.90
CA LYS A 97 24.58 9.05 -1.97
C LYS A 97 25.85 9.55 -2.64
N LEU A 98 26.65 10.31 -1.91
CA LEU A 98 27.90 10.84 -2.43
C LEU A 98 29.06 10.54 -1.49
N PRO A 99 30.20 10.12 -2.08
CA PRO A 99 31.41 9.79 -1.32
C PRO A 99 32.06 11.02 -0.70
N SER A 100 32.12 12.10 -1.48
CA SER A 100 32.73 13.34 -1.01
C SER A 100 32.00 13.88 0.21
N THR A 101 32.70 13.89 1.34
CA THR A 101 32.11 14.37 2.59
C THR A 101 32.71 15.73 2.98
N GLU A 102 31.88 16.77 2.89
CA GLU A 102 32.32 18.11 3.23
C GLU A 102 31.86 18.50 4.64
N VAL A 103 32.63 18.13 5.64
CA VAL A 103 32.31 18.43 7.02
C VAL A 103 33.49 19.05 7.76
N SER A 104 33.29 20.24 8.33
CA SER A 104 34.34 20.94 9.05
C SER A 104 34.35 20.53 10.52
N GLY A 105 35.41 20.91 11.22
CA GLY A 105 35.53 20.58 12.63
C GLY A 105 36.50 21.48 13.36
N PRO A 106 37.02 21.01 14.50
CA PRO A 106 37.96 21.77 15.32
C PRO A 106 39.33 21.91 14.65
N SER A 107 39.67 23.14 14.26
CA SER A 107 40.94 23.42 13.60
C SER A 107 41.88 24.17 14.54
N SER A 108 43.10 24.39 14.07
CA SER A 108 44.10 25.10 14.86
C SER A 108 44.26 24.46 16.24
N GLY A 109 44.46 23.14 16.26
CA GLY A 109 44.62 22.43 17.51
C GLY A 109 44.26 20.96 17.40
N GLY A 1 8.96 -17.54 -3.84
CA GLY A 1 7.90 -17.66 -2.85
C GLY A 1 8.40 -18.24 -1.55
N SER A 2 7.83 -19.38 -1.16
CA SER A 2 8.21 -20.05 0.09
C SER A 2 8.01 -19.11 1.28
N SER A 3 6.90 -18.40 1.29
CA SER A 3 6.59 -17.47 2.36
C SER A 3 5.42 -17.99 3.21
N GLY A 4 5.49 -17.75 4.51
CA GLY A 4 4.44 -18.20 5.40
C GLY A 4 4.53 -17.56 6.78
N SER A 5 4.65 -16.24 6.81
CA SER A 5 4.76 -15.51 8.06
C SER A 5 4.00 -14.18 7.99
N SER A 6 2.99 -14.03 8.83
CA SER A 6 2.19 -12.81 8.86
C SER A 6 3.02 -11.64 9.34
N GLY A 7 3.73 -11.84 10.45
CA GLY A 7 4.55 -10.78 11.01
C GLY A 7 3.73 -9.67 11.63
N PRO A 8 4.37 -8.51 11.87
CA PRO A 8 3.71 -7.35 12.47
C PRO A 8 2.69 -6.71 11.53
N GLY A 9 3.07 -6.58 10.26
CA GLY A 9 2.19 -5.99 9.28
C GLY A 9 2.86 -5.77 7.94
N LEU A 10 2.13 -5.23 6.98
CA LEU A 10 2.67 -4.97 5.65
C LEU A 10 4.02 -4.28 5.73
N SER A 11 4.95 -4.72 4.91
CA SER A 11 6.29 -4.14 4.90
C SER A 11 6.32 -2.86 4.07
N LEU A 12 5.40 -1.95 4.37
CA LEU A 12 5.31 -0.68 3.66
C LEU A 12 5.65 0.48 4.58
N GLY A 13 5.95 1.63 3.99
CA GLY A 13 6.29 2.81 4.77
C GLY A 13 5.09 3.68 5.07
N ASP A 14 4.96 4.13 6.31
CA ASP A 14 3.85 4.98 6.71
C ASP A 14 3.50 5.98 5.61
N THR A 15 4.53 6.52 4.97
CA THR A 15 4.34 7.49 3.90
C THR A 15 3.69 6.85 2.67
N ALA A 16 4.18 5.66 2.30
CA ALA A 16 3.65 4.93 1.16
C ALA A 16 2.13 4.83 1.23
N LEU A 17 1.63 4.41 2.39
CA LEU A 17 0.19 4.26 2.59
C LEU A 17 -0.54 5.57 2.30
N GLN A 18 -0.21 6.61 3.07
CA GLN A 18 -0.83 7.91 2.90
C GLN A 18 -1.10 8.21 1.43
N ASN A 19 -0.08 7.99 0.60
CA ASN A 19 -0.21 8.22 -0.83
C ASN A 19 -1.25 7.29 -1.45
N LEU A 20 -0.96 6.00 -1.44
CA LEU A 20 -1.87 5.00 -2.00
C LEU A 20 -3.31 5.30 -1.62
N GLU A 21 -3.51 5.72 -0.36
CA GLU A 21 -4.84 6.04 0.13
C GLU A 21 -5.51 7.08 -0.76
N GLN A 22 -4.78 8.14 -1.08
CA GLN A 22 -5.31 9.21 -1.91
C GLN A 22 -5.32 8.79 -3.39
N LEU A 23 -4.31 8.00 -3.78
CA LEU A 23 -4.21 7.53 -5.15
C LEU A 23 -5.48 6.81 -5.58
N LEU A 24 -6.19 6.25 -4.60
CA LEU A 24 -7.43 5.53 -4.88
C LEU A 24 -8.63 6.47 -4.84
N ASP A 25 -8.40 7.68 -4.34
CA ASP A 25 -9.47 8.67 -4.25
C ASP A 25 -9.06 9.98 -4.94
N GLY A 26 -9.90 10.99 -4.82
CA GLY A 26 -9.62 12.27 -5.44
C GLY A 26 -9.90 12.26 -6.93
N PRO A 27 -9.75 13.44 -7.57
CA PRO A 27 -9.99 13.59 -9.01
C PRO A 27 -8.92 12.89 -9.85
N GLU A 28 -7.65 13.06 -9.46
CA GLU A 28 -6.55 12.45 -10.17
C GLU A 28 -6.72 10.92 -10.24
N ALA A 29 -7.15 10.34 -9.14
CA ALA A 29 -7.36 8.90 -9.06
C ALA A 29 -7.85 8.35 -10.39
N GLN A 30 -6.99 7.57 -11.06
CA GLN A 30 -7.35 6.99 -12.35
C GLN A 30 -8.08 5.66 -12.16
N GLY A 31 -8.51 5.40 -10.93
CA GLY A 31 -9.23 4.17 -10.63
C GLY A 31 -10.24 4.34 -9.51
N SER A 32 -10.24 3.40 -8.58
CA SER A 32 -11.16 3.44 -7.46
C SER A 32 -10.81 2.36 -6.42
N TRP A 33 -11.27 2.57 -5.19
CA TRP A 33 -11.01 1.62 -4.12
C TRP A 33 -12.13 0.58 -4.02
N ALA A 34 -13.37 1.05 -4.13
CA ALA A 34 -14.52 0.16 -4.05
C ALA A 34 -14.32 -1.09 -4.90
N GLU A 35 -14.04 -0.89 -6.18
CA GLU A 35 -13.82 -2.00 -7.10
C GLU A 35 -12.61 -2.83 -6.67
N LEU A 36 -11.53 -2.15 -6.33
CA LEU A 36 -10.30 -2.82 -5.91
C LEU A 36 -10.60 -3.83 -4.80
N ALA A 37 -11.29 -3.38 -3.76
CA ALA A 37 -11.64 -4.24 -2.64
C ALA A 37 -12.21 -5.57 -3.12
N GLU A 38 -13.09 -5.49 -4.12
CA GLU A 38 -13.72 -6.69 -4.67
C GLU A 38 -12.66 -7.63 -5.26
N ARG A 39 -11.68 -7.05 -5.95
CA ARG A 39 -10.62 -7.84 -6.56
C ARG A 39 -9.82 -8.60 -5.50
N LEU A 40 -9.56 -7.94 -4.38
CA LEU A 40 -8.81 -8.56 -3.29
C LEU A 40 -9.67 -9.58 -2.56
N GLY A 41 -10.94 -9.26 -2.38
CA GLY A 41 -11.84 -10.16 -1.69
C GLY A 41 -12.58 -9.49 -0.54
N LEU A 42 -12.48 -8.18 -0.47
CA LEU A 42 -13.12 -7.40 0.58
C LEU A 42 -14.34 -6.66 0.05
N ARG A 43 -15.15 -7.35 -0.75
CA ARG A 43 -16.34 -6.76 -1.33
C ARG A 43 -17.46 -6.65 -0.30
N SER A 44 -17.31 -7.37 0.81
CA SER A 44 -18.30 -7.35 1.88
C SER A 44 -17.97 -6.28 2.91
N LEU A 45 -16.68 -6.01 3.07
CA LEU A 45 -16.23 -5.01 4.03
C LEU A 45 -16.29 -3.61 3.43
N VAL A 46 -16.61 -3.54 2.14
CA VAL A 46 -16.71 -2.26 1.45
C VAL A 46 -17.47 -1.23 2.28
N ASP A 47 -18.27 -1.73 3.21
CA ASP A 47 -19.05 -0.85 4.08
C ASP A 47 -18.20 -0.32 5.24
N THR A 48 -17.45 -1.23 5.87
CA THR A 48 -16.60 -0.86 6.99
C THR A 48 -15.59 0.22 6.58
N TYR A 49 -15.40 0.37 5.28
CA TYR A 49 -14.47 1.37 4.77
C TYR A 49 -15.18 2.69 4.48
N ARG A 50 -16.34 2.60 3.84
CA ARG A 50 -17.12 3.78 3.50
C ARG A 50 -17.66 4.45 4.77
N GLN A 51 -17.75 3.69 5.85
CA GLN A 51 -18.25 4.20 7.11
C GLN A 51 -17.41 5.38 7.59
N THR A 52 -16.10 5.20 7.59
CA THR A 52 -15.18 6.25 8.02
C THR A 52 -14.78 7.15 6.86
N THR A 53 -14.10 8.25 7.17
CA THR A 53 -13.66 9.19 6.14
C THR A 53 -12.41 8.69 5.44
N SER A 54 -11.80 7.65 5.99
CA SER A 54 -10.59 7.07 5.42
C SER A 54 -10.87 5.68 4.85
N PRO A 55 -11.62 5.64 3.75
CA PRO A 55 -11.98 4.38 3.08
C PRO A 55 -10.78 3.73 2.40
N SER A 56 -9.79 4.55 2.03
CA SER A 56 -8.60 4.05 1.37
C SER A 56 -7.53 3.66 2.40
N GLY A 57 -7.58 4.30 3.56
CA GLY A 57 -6.62 4.01 4.61
C GLY A 57 -6.92 2.72 5.34
N SER A 58 -8.18 2.54 5.71
CA SER A 58 -8.61 1.33 6.42
C SER A 58 -8.70 0.15 5.48
N LEU A 59 -8.70 0.43 4.18
CA LEU A 59 -8.77 -0.62 3.17
C LEU A 59 -7.45 -1.39 3.07
N LEU A 60 -6.35 -0.68 3.28
CA LEU A 60 -5.03 -1.29 3.23
C LEU A 60 -4.78 -2.16 4.45
N ARG A 61 -4.77 -1.55 5.63
CA ARG A 61 -4.54 -2.28 6.86
C ARG A 61 -5.48 -3.48 6.98
N SER A 62 -6.64 -3.37 6.34
CA SER A 62 -7.63 -4.44 6.37
C SER A 62 -7.30 -5.51 5.35
N TYR A 63 -6.80 -5.10 4.19
CA TYR A 63 -6.44 -6.03 3.13
C TYR A 63 -5.46 -7.09 3.64
N GLU A 64 -4.64 -6.70 4.60
CA GLU A 64 -3.66 -7.62 5.18
C GLU A 64 -4.27 -8.43 6.32
N LEU A 65 -5.16 -7.80 7.07
CA LEU A 65 -5.81 -8.46 8.19
C LEU A 65 -6.55 -9.72 7.72
N ALA A 66 -7.10 -9.66 6.51
CA ALA A 66 -7.82 -10.79 5.95
C ALA A 66 -6.87 -11.90 5.53
N GLY A 67 -5.63 -11.52 5.20
CA GLY A 67 -4.64 -12.50 4.79
C GLY A 67 -4.13 -12.26 3.38
N GLY A 68 -4.09 -11.00 2.98
CA GLY A 68 -3.61 -10.66 1.66
C GLY A 68 -2.11 -10.48 1.59
N ASP A 69 -1.64 -9.79 0.56
CA ASP A 69 -0.22 -9.54 0.39
C ASP A 69 0.04 -8.50 -0.70
N LEU A 70 1.22 -7.89 -0.67
CA LEU A 70 1.58 -6.89 -1.66
C LEU A 70 1.25 -7.36 -3.07
N ALA A 71 1.74 -8.54 -3.43
CA ALA A 71 1.50 -9.10 -4.75
C ALA A 71 0.03 -8.95 -5.14
N GLY A 72 -0.85 -9.54 -4.36
CA GLY A 72 -2.27 -9.46 -4.66
C GLY A 72 -2.72 -8.05 -4.95
N LEU A 73 -2.24 -7.10 -4.17
CA LEU A 73 -2.60 -5.69 -4.35
C LEU A 73 -2.07 -5.17 -5.68
N LEU A 74 -0.85 -5.56 -6.03
CA LEU A 74 -0.23 -5.14 -7.28
C LEU A 74 -0.91 -5.80 -8.47
N GLU A 75 -1.37 -7.03 -8.28
CA GLU A 75 -2.04 -7.77 -9.34
C GLU A 75 -3.44 -7.22 -9.60
N ALA A 76 -4.09 -6.76 -8.53
CA ALA A 76 -5.44 -6.21 -8.64
C ALA A 76 -5.41 -4.82 -9.28
N LEU A 77 -4.61 -3.94 -8.70
CA LEU A 77 -4.48 -2.57 -9.22
C LEU A 77 -4.25 -2.58 -10.72
N SER A 78 -3.41 -3.51 -11.18
CA SER A 78 -3.10 -3.62 -12.60
C SER A 78 -4.37 -3.75 -13.43
N ASP A 79 -5.11 -4.82 -13.20
CA ASP A 79 -6.36 -5.07 -13.92
C ASP A 79 -7.20 -3.81 -13.99
N MET A 80 -7.21 -3.04 -12.90
CA MET A 80 -7.98 -1.81 -12.83
C MET A 80 -7.34 -0.72 -13.68
N GLY A 81 -6.01 -0.69 -13.71
CA GLY A 81 -5.30 0.30 -14.49
C GLY A 81 -4.61 1.34 -13.62
N LEU A 82 -4.61 1.10 -12.31
CA LEU A 82 -3.98 2.02 -11.37
C LEU A 82 -2.47 1.82 -11.33
N GLU A 83 -1.82 2.03 -12.48
CA GLU A 83 -0.37 1.87 -12.58
C GLU A 83 0.34 2.84 -11.64
N GLU A 84 -0.35 3.90 -11.25
CA GLU A 84 0.22 4.91 -10.36
C GLU A 84 0.58 4.29 -9.01
N GLY A 85 -0.37 3.57 -8.42
CA GLY A 85 -0.14 2.94 -7.13
C GLY A 85 0.91 1.85 -7.21
N VAL A 86 0.89 1.07 -8.29
CA VAL A 86 1.84 -0.01 -8.48
C VAL A 86 3.27 0.50 -8.47
N ARG A 87 3.50 1.62 -9.16
CA ARG A 87 4.83 2.22 -9.22
C ARG A 87 5.28 2.69 -7.85
N LEU A 88 4.32 3.16 -7.05
CA LEU A 88 4.62 3.64 -5.70
C LEU A 88 5.04 2.49 -4.79
N LEU A 89 4.17 1.51 -4.64
CA LEU A 89 4.45 0.35 -3.80
C LEU A 89 5.84 -0.19 -4.06
N ARG A 90 6.21 -0.30 -5.33
CA ARG A 90 7.52 -0.80 -5.72
C ARG A 90 8.63 0.08 -5.14
N GLY A 91 8.43 1.39 -5.22
CA GLY A 91 9.42 2.33 -4.71
C GLY A 91 10.58 2.53 -5.66
N PRO A 92 11.24 3.69 -5.56
CA PRO A 92 12.37 4.03 -6.42
C PRO A 92 13.61 3.20 -6.10
N GLU A 93 14.17 2.57 -7.13
CA GLU A 93 15.36 1.73 -6.97
C GLU A 93 16.56 2.58 -6.57
N THR A 94 17.22 2.19 -5.48
CA THR A 94 18.39 2.91 -5.00
C THR A 94 19.67 2.13 -5.28
N ARG A 95 20.42 2.57 -6.28
CA ARG A 95 21.67 1.91 -6.65
C ARG A 95 22.82 2.43 -5.80
N ASP A 96 22.96 3.75 -5.75
CA ASP A 96 24.04 4.36 -4.96
C ASP A 96 23.57 5.69 -4.38
N LYS A 97 24.05 6.00 -3.17
CA LYS A 97 23.69 7.24 -2.50
C LYS A 97 24.92 8.09 -2.24
N LEU A 98 24.73 9.41 -2.21
CA LEU A 98 25.83 10.33 -1.97
C LEU A 98 25.33 11.63 -1.34
N PRO A 99 26.15 12.23 -0.46
CA PRO A 99 25.80 13.48 0.22
C PRO A 99 25.79 14.67 -0.73
N SER A 100 24.60 15.16 -1.05
CA SER A 100 24.44 16.29 -1.95
C SER A 100 25.22 17.50 -1.42
N THR A 101 26.35 17.78 -2.05
CA THR A 101 27.19 18.91 -1.65
C THR A 101 27.07 20.07 -2.64
N GLU A 102 26.73 21.24 -2.12
CA GLU A 102 26.57 22.42 -2.95
C GLU A 102 27.31 23.62 -2.35
N VAL A 103 28.07 24.31 -3.19
CA VAL A 103 28.83 25.48 -2.74
C VAL A 103 28.15 26.77 -3.15
N SER A 104 26.82 26.78 -3.11
CA SER A 104 26.05 27.96 -3.48
C SER A 104 26.23 29.07 -2.46
N GLY A 105 25.95 28.75 -1.20
CA GLY A 105 26.07 29.73 -0.14
C GLY A 105 24.84 29.82 0.74
N PRO A 106 24.83 30.79 1.66
CA PRO A 106 23.70 30.99 2.58
C PRO A 106 22.46 31.52 1.88
N SER A 107 21.30 30.94 2.20
CA SER A 107 20.04 31.35 1.59
C SER A 107 18.95 31.48 2.63
N SER A 108 17.82 32.07 2.24
CA SER A 108 16.71 32.26 3.15
C SER A 108 15.41 31.76 2.52
N GLY A 109 14.60 31.05 3.31
CA GLY A 109 13.35 30.53 2.81
C GLY A 109 13.38 29.03 2.62
N GLY A 1 10.49 -18.66 -6.78
CA GLY A 1 9.34 -18.80 -5.89
C GLY A 1 8.49 -17.55 -5.85
N SER A 2 7.89 -17.28 -4.70
CA SER A 2 7.03 -16.12 -4.53
C SER A 2 7.33 -15.42 -3.20
N SER A 3 6.80 -14.21 -3.04
CA SER A 3 7.00 -13.44 -1.82
C SER A 3 5.75 -13.46 -0.95
N GLY A 4 5.95 -13.50 0.36
CA GLY A 4 4.83 -13.52 1.28
C GLY A 4 5.26 -13.43 2.73
N SER A 5 5.88 -12.30 3.09
CA SER A 5 6.35 -12.09 4.45
C SER A 5 5.47 -11.08 5.18
N SER A 6 4.45 -11.59 5.86
CA SER A 6 3.52 -10.72 6.60
C SER A 6 3.53 -11.07 8.09
N GLY A 7 3.21 -10.09 8.92
CA GLY A 7 3.20 -10.30 10.35
C GLY A 7 2.61 -9.12 11.11
N PRO A 8 3.49 -8.22 11.58
CA PRO A 8 3.08 -7.03 12.33
C PRO A 8 2.36 -6.02 11.45
N GLY A 9 2.91 -5.77 10.27
CA GLY A 9 2.29 -4.81 9.35
C GLY A 9 2.85 -4.92 7.95
N LEU A 10 2.18 -4.29 7.00
CA LEU A 10 2.61 -4.32 5.61
C LEU A 10 4.01 -3.71 5.46
N SER A 11 4.90 -4.44 4.80
CA SER A 11 6.27 -3.98 4.60
C SER A 11 6.29 -2.50 4.25
N LEU A 12 5.19 -2.02 3.69
CA LEU A 12 5.08 -0.61 3.30
C LEU A 12 5.36 0.30 4.50
N GLY A 13 5.85 1.50 4.22
CA GLY A 13 6.15 2.45 5.27
C GLY A 13 4.97 3.36 5.58
N ASP A 14 5.24 4.44 6.31
CA ASP A 14 4.20 5.39 6.67
C ASP A 14 3.78 6.24 5.47
N THR A 15 4.77 6.60 4.64
CA THR A 15 4.51 7.41 3.47
C THR A 15 3.84 6.58 2.36
N ALA A 16 4.57 5.59 1.86
CA ALA A 16 4.04 4.71 0.81
C ALA A 16 2.56 4.44 1.01
N LEU A 17 2.20 4.06 2.24
CA LEU A 17 0.82 3.76 2.57
C LEU A 17 -0.08 4.97 2.35
N GLN A 18 0.15 6.02 3.14
CA GLN A 18 -0.64 7.24 3.03
C GLN A 18 -0.87 7.61 1.57
N ASN A 19 0.20 7.53 0.77
CA ASN A 19 0.11 7.85 -0.64
C ASN A 19 -0.93 6.99 -1.35
N LEU A 20 -0.73 5.68 -1.30
CA LEU A 20 -1.65 4.74 -1.94
C LEU A 20 -3.10 5.04 -1.52
N GLU A 21 -3.27 5.40 -0.25
CA GLU A 21 -4.59 5.71 0.28
C GLU A 21 -5.25 6.83 -0.53
N GLN A 22 -4.58 7.97 -0.59
CA GLN A 22 -5.10 9.12 -1.32
C GLN A 22 -5.24 8.80 -2.81
N LEU A 23 -4.21 8.21 -3.37
CA LEU A 23 -4.21 7.84 -4.79
C LEU A 23 -5.52 7.15 -5.16
N LEU A 24 -6.10 6.42 -4.21
CA LEU A 24 -7.34 5.72 -4.45
C LEU A 24 -8.54 6.64 -4.24
N ASP A 25 -8.40 7.58 -3.32
CA ASP A 25 -9.47 8.53 -3.02
C ASP A 25 -9.31 9.80 -3.84
N GLY A 26 -10.19 9.99 -4.81
CA GLY A 26 -10.12 11.18 -5.65
C GLY A 26 -10.92 11.02 -6.94
N PRO A 27 -11.44 12.14 -7.45
CA PRO A 27 -12.23 12.16 -8.68
C PRO A 27 -11.39 11.86 -9.92
N GLU A 28 -10.12 12.25 -9.88
CA GLU A 28 -9.21 12.03 -10.99
C GLU A 28 -8.65 10.61 -10.96
N ALA A 29 -8.59 10.03 -9.76
CA ALA A 29 -8.07 8.68 -9.59
C ALA A 29 -8.56 7.76 -10.72
N GLN A 30 -7.69 7.55 -11.71
CA GLN A 30 -8.02 6.70 -12.85
C GLN A 30 -8.77 5.44 -12.39
N GLY A 31 -8.50 5.02 -11.15
CA GLY A 31 -9.15 3.85 -10.61
C GLY A 31 -10.02 4.16 -9.40
N SER A 32 -10.06 3.23 -8.45
CA SER A 32 -10.86 3.41 -7.25
C SER A 32 -10.57 2.30 -6.23
N TRP A 33 -11.01 2.52 -5.01
CA TRP A 33 -10.79 1.55 -3.93
C TRP A 33 -11.91 0.51 -3.90
N ALA A 34 -13.10 0.92 -4.32
CA ALA A 34 -14.25 0.03 -4.34
C ALA A 34 -13.93 -1.25 -5.13
N GLU A 35 -13.78 -1.11 -6.44
CA GLU A 35 -13.49 -2.25 -7.30
C GLU A 35 -12.30 -3.04 -6.76
N LEU A 36 -11.31 -2.33 -6.23
CA LEU A 36 -10.12 -2.96 -5.68
C LEU A 36 -10.50 -3.96 -4.59
N ALA A 37 -11.29 -3.50 -3.63
CA ALA A 37 -11.73 -4.35 -2.52
C ALA A 37 -12.28 -5.67 -3.04
N GLU A 38 -13.01 -5.62 -4.14
CA GLU A 38 -13.59 -6.82 -4.73
C GLU A 38 -12.51 -7.75 -5.27
N ARG A 39 -11.48 -7.17 -5.87
CA ARG A 39 -10.38 -7.95 -6.43
C ARG A 39 -9.61 -8.65 -5.32
N LEU A 40 -9.48 -8.01 -4.17
CA LEU A 40 -8.77 -8.57 -3.03
C LEU A 40 -9.61 -9.66 -2.36
N GLY A 41 -10.93 -9.46 -2.35
CA GLY A 41 -11.81 -10.43 -1.74
C GLY A 41 -12.64 -9.84 -0.61
N LEU A 42 -12.63 -8.51 -0.52
CA LEU A 42 -13.37 -7.82 0.52
C LEU A 42 -14.52 -7.00 -0.08
N ARG A 43 -15.31 -7.65 -0.94
CA ARG A 43 -16.43 -6.99 -1.59
C ARG A 43 -17.59 -6.81 -0.62
N SER A 44 -17.58 -7.58 0.46
CA SER A 44 -18.63 -7.52 1.47
C SER A 44 -18.36 -6.40 2.47
N LEU A 45 -17.10 -6.25 2.85
CA LEU A 45 -16.70 -5.21 3.81
C LEU A 45 -16.66 -3.85 3.13
N VAL A 46 -17.04 -3.81 1.86
CA VAL A 46 -17.04 -2.57 1.11
C VAL A 46 -18.00 -1.55 1.73
N ASP A 47 -18.95 -2.05 2.52
CA ASP A 47 -19.92 -1.19 3.18
C ASP A 47 -19.42 -0.75 4.56
N THR A 48 -18.31 -1.33 4.99
CA THR A 48 -17.73 -0.99 6.29
C THR A 48 -16.90 0.28 6.20
N TYR A 49 -16.36 0.55 5.02
CA TYR A 49 -15.54 1.74 4.81
C TYR A 49 -16.37 2.87 4.23
N ARG A 50 -17.27 2.52 3.31
CA ARG A 50 -18.13 3.51 2.67
C ARG A 50 -18.82 4.39 3.71
N GLN A 51 -19.02 3.85 4.91
CA GLN A 51 -19.66 4.58 5.99
C GLN A 51 -18.66 5.46 6.73
N THR A 52 -17.38 5.07 6.67
CA THR A 52 -16.33 5.83 7.34
C THR A 52 -15.88 7.01 6.49
N THR A 53 -15.16 7.94 7.12
CA THR A 53 -14.67 9.12 6.42
C THR A 53 -13.46 8.79 5.56
N SER A 54 -12.52 8.05 6.14
CA SER A 54 -11.30 7.67 5.43
C SER A 54 -11.26 6.16 5.20
N PRO A 55 -11.97 5.71 4.16
CA PRO A 55 -12.04 4.28 3.81
C PRO A 55 -10.71 3.77 3.25
N SER A 56 -9.92 4.67 2.70
CA SER A 56 -8.62 4.32 2.12
C SER A 56 -7.73 3.65 3.16
N GLY A 57 -7.40 4.40 4.22
CA GLY A 57 -6.56 3.87 5.27
C GLY A 57 -7.10 2.58 5.85
N SER A 58 -8.33 2.64 6.36
CA SER A 58 -8.97 1.47 6.96
C SER A 58 -8.95 0.28 5.99
N LEU A 59 -9.20 0.57 4.72
CA LEU A 59 -9.23 -0.47 3.70
C LEU A 59 -7.89 -1.21 3.65
N LEU A 60 -6.80 -0.44 3.53
CA LEU A 60 -5.47 -1.02 3.47
C LEU A 60 -5.11 -1.71 4.79
N ARG A 61 -5.62 -1.16 5.89
CA ARG A 61 -5.35 -1.71 7.21
C ARG A 61 -6.09 -3.05 7.40
N SER A 62 -7.24 -3.17 6.76
CA SER A 62 -8.03 -4.39 6.85
C SER A 62 -7.60 -5.40 5.80
N TYR A 63 -6.98 -4.91 4.73
CA TYR A 63 -6.51 -5.77 3.65
C TYR A 63 -5.34 -6.65 4.10
N GLU A 64 -4.59 -6.14 5.06
CA GLU A 64 -3.44 -6.86 5.59
C GLU A 64 -3.85 -7.81 6.71
N LEU A 65 -4.84 -7.38 7.49
CA LEU A 65 -5.33 -8.19 8.61
C LEU A 65 -6.00 -9.47 8.11
N ALA A 66 -6.66 -9.37 6.96
CA ALA A 66 -7.34 -10.52 6.37
C ALA A 66 -6.35 -11.56 5.89
N GLY A 67 -5.14 -11.10 5.52
CA GLY A 67 -4.12 -12.01 5.05
C GLY A 67 -3.68 -11.70 3.63
N GLY A 68 -3.67 -10.41 3.29
CA GLY A 68 -3.27 -10.00 1.95
C GLY A 68 -1.77 -9.80 1.84
N ASP A 69 -1.33 -9.36 0.66
CA ASP A 69 0.10 -9.13 0.42
C ASP A 69 0.30 -8.26 -0.81
N LEU A 70 1.42 -7.56 -0.85
CA LEU A 70 1.74 -6.69 -1.99
C LEU A 70 1.24 -7.28 -3.29
N ALA A 71 1.77 -8.44 -3.66
CA ALA A 71 1.37 -9.12 -4.89
C ALA A 71 -0.12 -8.92 -5.16
N GLY A 72 -0.96 -9.39 -4.23
CA GLY A 72 -2.39 -9.27 -4.39
C GLY A 72 -2.81 -7.85 -4.75
N LEU A 73 -2.18 -6.86 -4.11
CA LEU A 73 -2.50 -5.47 -4.36
C LEU A 73 -2.02 -5.05 -5.75
N LEU A 74 -0.84 -5.53 -6.13
CA LEU A 74 -0.28 -5.20 -7.44
C LEU A 74 -1.09 -5.84 -8.56
N GLU A 75 -1.70 -6.98 -8.28
CA GLU A 75 -2.51 -7.68 -9.26
C GLU A 75 -3.76 -6.88 -9.61
N ALA A 76 -4.34 -6.22 -8.60
CA ALA A 76 -5.53 -5.42 -8.79
C ALA A 76 -5.19 -4.04 -9.35
N LEU A 77 -4.19 -3.41 -8.76
CA LEU A 77 -3.76 -2.08 -9.18
C LEU A 77 -3.39 -2.08 -10.66
N SER A 78 -2.93 -3.23 -11.15
CA SER A 78 -2.55 -3.36 -12.55
C SER A 78 -3.69 -3.92 -13.38
N ASP A 79 -4.71 -4.45 -12.71
CA ASP A 79 -5.87 -5.01 -13.37
C ASP A 79 -6.99 -3.98 -13.48
N MET A 80 -6.96 -2.99 -12.60
CA MET A 80 -7.97 -1.93 -12.60
C MET A 80 -7.55 -0.78 -13.50
N GLY A 81 -6.24 -0.55 -13.58
CA GLY A 81 -5.74 0.53 -14.42
C GLY A 81 -5.02 1.59 -13.61
N LEU A 82 -4.82 1.31 -12.32
CA LEU A 82 -4.14 2.26 -11.43
C LEU A 82 -2.63 2.09 -11.51
N GLU A 83 -2.10 2.13 -12.73
CA GLU A 83 -0.66 1.98 -12.93
C GLU A 83 0.13 2.80 -11.92
N GLU A 84 -0.35 4.02 -11.64
CA GLU A 84 0.31 4.90 -10.69
C GLU A 84 0.69 4.14 -9.42
N GLY A 85 -0.32 3.68 -8.68
CA GLY A 85 -0.06 2.95 -7.46
C GLY A 85 1.04 1.91 -7.62
N VAL A 86 0.80 0.93 -8.49
CA VAL A 86 1.79 -0.12 -8.73
C VAL A 86 3.21 0.43 -8.71
N ARG A 87 3.46 1.42 -9.56
CA ARG A 87 4.78 2.04 -9.64
C ARG A 87 5.25 2.49 -8.26
N LEU A 88 4.42 3.27 -7.59
CA LEU A 88 4.74 3.76 -6.25
C LEU A 88 5.23 2.64 -5.35
N LEU A 89 4.56 1.49 -5.43
CA LEU A 89 4.92 0.34 -4.62
C LEU A 89 6.20 -0.32 -5.15
N ARG A 90 6.36 -0.31 -6.47
CA ARG A 90 7.53 -0.90 -7.10
C ARG A 90 8.81 -0.33 -6.50
N GLY A 91 8.86 1.00 -6.38
CA GLY A 91 10.03 1.65 -5.83
C GLY A 91 10.97 2.18 -6.91
N PRO A 92 10.72 3.42 -7.35
CA PRO A 92 11.53 4.07 -8.38
C PRO A 92 12.94 4.40 -7.89
N GLU A 93 13.94 3.96 -8.64
CA GLU A 93 15.33 4.22 -8.28
C GLU A 93 15.82 5.53 -8.91
N THR A 94 16.18 6.47 -8.06
CA THR A 94 16.67 7.77 -8.53
C THR A 94 18.11 7.67 -9.02
N ARG A 95 18.34 8.14 -10.23
CA ARG A 95 19.68 8.11 -10.82
C ARG A 95 20.73 8.59 -9.83
N ASP A 96 21.59 7.67 -9.40
CA ASP A 96 22.65 8.00 -8.44
C ASP A 96 23.98 8.23 -9.15
N LYS A 97 24.97 8.71 -8.40
CA LYS A 97 26.29 8.96 -8.96
C LYS A 97 27.28 9.35 -7.86
N LEU A 98 28.53 8.96 -8.04
CA LEU A 98 29.57 9.27 -7.06
C LEU A 98 29.70 10.78 -6.87
N PRO A 99 29.99 11.19 -5.63
CA PRO A 99 30.14 12.61 -5.28
C PRO A 99 31.41 13.21 -5.88
N SER A 100 31.26 13.97 -6.96
CA SER A 100 32.39 14.60 -7.62
C SER A 100 33.13 15.53 -6.67
N THR A 101 34.30 15.99 -7.09
CA THR A 101 35.11 16.89 -6.28
C THR A 101 35.38 18.21 -7.01
N GLU A 102 35.51 19.29 -6.25
CA GLU A 102 35.77 20.60 -6.82
C GLU A 102 37.01 21.23 -6.20
N VAL A 103 37.58 22.22 -6.90
CA VAL A 103 38.77 22.91 -6.40
C VAL A 103 38.87 24.30 -7.00
N SER A 104 38.93 25.31 -6.13
CA SER A 104 39.03 26.69 -6.57
C SER A 104 40.41 27.27 -6.24
N GLY A 105 40.59 28.55 -6.55
CA GLY A 105 41.86 29.21 -6.27
C GLY A 105 41.88 30.66 -6.73
N PRO A 106 42.62 31.50 -6.00
CA PRO A 106 42.74 32.92 -6.32
C PRO A 106 43.54 33.17 -7.59
N SER A 107 44.30 32.16 -8.02
CA SER A 107 45.11 32.27 -9.22
C SER A 107 45.72 33.66 -9.34
N SER A 108 46.37 34.11 -8.27
CA SER A 108 46.99 35.43 -8.25
C SER A 108 48.24 35.45 -9.13
N GLY A 109 48.72 36.66 -9.44
CA GLY A 109 49.89 36.79 -10.27
C GLY A 109 49.81 37.97 -11.21
N GLY A 1 7.35 -12.27 -5.46
CA GLY A 1 7.05 -12.85 -4.16
C GLY A 1 7.86 -12.21 -3.05
N SER A 2 7.59 -12.61 -1.81
CA SER A 2 8.30 -12.06 -0.66
C SER A 2 9.56 -12.88 -0.38
N SER A 3 10.59 -12.22 0.16
CA SER A 3 11.84 -12.88 0.48
C SER A 3 12.23 -12.63 1.93
N GLY A 4 11.76 -13.49 2.82
CA GLY A 4 12.07 -13.34 4.24
C GLY A 4 11.09 -14.06 5.13
N SER A 5 11.16 -13.79 6.43
CA SER A 5 10.28 -14.43 7.39
C SER A 5 8.97 -13.65 7.53
N SER A 6 8.09 -14.13 8.41
CA SER A 6 6.81 -13.47 8.63
C SER A 6 7.00 -12.14 9.36
N GLY A 7 6.56 -11.06 8.73
CA GLY A 7 6.69 -9.74 9.32
C GLY A 7 5.48 -9.38 10.17
N PRO A 8 5.59 -8.25 10.91
CA PRO A 8 4.50 -7.76 11.77
C PRO A 8 3.32 -7.25 10.97
N GLY A 9 3.46 -7.23 9.65
CA GLY A 9 2.38 -6.76 8.79
C GLY A 9 2.83 -6.54 7.36
N LEU A 10 2.24 -5.55 6.70
CA LEU A 10 2.58 -5.24 5.32
C LEU A 10 3.99 -4.65 5.23
N SER A 11 4.77 -5.13 4.28
CA SER A 11 6.13 -4.65 4.08
C SER A 11 6.14 -3.33 3.34
N LEU A 12 5.37 -2.36 3.84
CA LEU A 12 5.29 -1.05 3.22
C LEU A 12 5.73 0.04 4.20
N GLY A 13 5.84 1.27 3.70
CA GLY A 13 6.24 2.38 4.54
C GLY A 13 5.08 3.24 4.97
N ASP A 14 5.33 4.18 5.87
CA ASP A 14 4.30 5.09 6.36
C ASP A 14 3.85 6.04 5.27
N THR A 15 4.82 6.64 4.58
CA THR A 15 4.52 7.59 3.51
C THR A 15 3.84 6.90 2.34
N ALA A 16 4.45 5.83 1.84
CA ALA A 16 3.90 5.08 0.73
C ALA A 16 2.40 4.84 0.91
N LEU A 17 2.02 4.41 2.12
CA LEU A 17 0.62 4.14 2.42
C LEU A 17 -0.21 5.42 2.32
N GLN A 18 0.13 6.41 3.12
CA GLN A 18 -0.58 7.68 3.11
C GLN A 18 -0.89 8.12 1.69
N ASN A 19 0.11 8.07 0.82
CA ASN A 19 -0.07 8.46 -0.58
C ASN A 19 -1.07 7.56 -1.28
N LEU A 20 -0.86 6.25 -1.17
CA LEU A 20 -1.76 5.28 -1.80
C LEU A 20 -3.19 5.51 -1.36
N GLU A 21 -3.37 6.02 -0.14
CA GLU A 21 -4.70 6.28 0.39
C GLU A 21 -5.40 7.36 -0.43
N GLN A 22 -4.67 8.41 -0.79
CA GLN A 22 -5.23 9.50 -1.57
C GLN A 22 -5.36 9.10 -3.04
N LEU A 23 -4.32 8.47 -3.57
CA LEU A 23 -4.32 8.05 -4.97
C LEU A 23 -5.64 7.37 -5.33
N LEU A 24 -6.04 6.39 -4.52
CA LEU A 24 -7.29 5.68 -4.76
C LEU A 24 -8.49 6.60 -4.57
N ASP A 25 -8.30 7.68 -3.83
CA ASP A 25 -9.37 8.64 -3.59
C ASP A 25 -9.17 9.89 -4.43
N GLY A 26 -9.96 10.01 -5.49
CA GLY A 26 -9.86 11.17 -6.37
C GLY A 26 -10.36 10.89 -7.77
N PRO A 27 -10.59 11.95 -8.55
CA PRO A 27 -11.08 11.84 -9.92
C PRO A 27 -10.02 11.26 -10.86
N GLU A 28 -8.82 11.82 -10.82
CA GLU A 28 -7.74 11.36 -11.67
C GLU A 28 -7.56 9.85 -11.55
N ALA A 29 -7.68 9.34 -10.33
CA ALA A 29 -7.53 7.91 -10.08
C ALA A 29 -8.19 7.09 -11.18
N GLN A 30 -7.39 6.54 -12.07
CA GLN A 30 -7.90 5.73 -13.17
C GLN A 30 -8.91 4.71 -12.67
N GLY A 31 -8.85 4.41 -11.37
CA GLY A 31 -9.76 3.45 -10.79
C GLY A 31 -10.33 3.91 -9.47
N SER A 32 -10.41 3.00 -8.50
CA SER A 32 -10.95 3.32 -7.19
C SER A 32 -10.62 2.21 -6.18
N TRP A 33 -10.79 2.52 -4.90
CA TRP A 33 -10.53 1.55 -3.84
C TRP A 33 -11.66 0.53 -3.74
N ALA A 34 -12.89 1.01 -3.88
CA ALA A 34 -14.06 0.14 -3.80
C ALA A 34 -13.87 -1.11 -4.66
N GLU A 35 -13.77 -0.92 -5.96
CA GLU A 35 -13.58 -2.04 -6.89
C GLU A 35 -12.36 -2.87 -6.50
N LEU A 36 -11.25 -2.19 -6.26
CA LEU A 36 -10.02 -2.87 -5.87
C LEU A 36 -10.26 -3.85 -4.73
N ALA A 37 -11.05 -3.42 -3.74
CA ALA A 37 -11.37 -4.25 -2.60
C ALA A 37 -12.07 -5.53 -3.02
N GLU A 38 -12.93 -5.42 -4.03
CA GLU A 38 -13.67 -6.56 -4.54
C GLU A 38 -12.73 -7.62 -5.12
N ARG A 39 -11.69 -7.15 -5.81
CA ARG A 39 -10.71 -8.05 -6.41
C ARG A 39 -10.00 -8.88 -5.35
N LEU A 40 -9.72 -8.25 -4.21
CA LEU A 40 -9.04 -8.93 -3.11
C LEU A 40 -9.98 -9.90 -2.40
N GLY A 41 -11.26 -9.52 -2.30
CA GLY A 41 -12.23 -10.37 -1.65
C GLY A 41 -13.01 -9.64 -0.58
N LEU A 42 -12.69 -8.36 -0.38
CA LEU A 42 -13.37 -7.55 0.62
C LEU A 42 -14.46 -6.69 -0.03
N ARG A 43 -15.31 -7.33 -0.83
CA ARG A 43 -16.40 -6.63 -1.51
C ARG A 43 -17.51 -6.29 -0.53
N SER A 44 -17.46 -6.89 0.65
CA SER A 44 -18.47 -6.65 1.68
C SER A 44 -18.09 -5.45 2.55
N LEU A 45 -16.81 -5.36 2.88
CA LEU A 45 -16.31 -4.27 3.70
C LEU A 45 -16.42 -2.93 2.97
N VAL A 46 -16.50 -3.00 1.65
CA VAL A 46 -16.61 -1.80 0.83
C VAL A 46 -17.59 -0.80 1.45
N ASP A 47 -18.86 -1.17 1.49
CA ASP A 47 -19.89 -0.31 2.06
C ASP A 47 -19.49 0.16 3.46
N THR A 48 -19.03 -0.77 4.28
CA THR A 48 -18.62 -0.46 5.65
C THR A 48 -17.66 0.73 5.66
N TYR A 49 -16.52 0.57 5.01
CA TYR A 49 -15.52 1.63 4.96
C TYR A 49 -16.15 2.96 4.53
N ARG A 50 -17.01 2.89 3.52
CA ARG A 50 -17.68 4.07 3.00
C ARG A 50 -18.02 5.04 4.13
N GLN A 51 -18.48 4.50 5.25
CA GLN A 51 -18.86 5.31 6.40
C GLN A 51 -17.62 5.92 7.05
N THR A 52 -16.65 5.07 7.38
CA THR A 52 -15.41 5.53 8.00
C THR A 52 -14.85 6.75 7.28
N THR A 53 -14.38 7.72 8.06
CA THR A 53 -13.81 8.94 7.51
C THR A 53 -12.65 8.63 6.56
N SER A 54 -11.76 7.75 7.01
CA SER A 54 -10.60 7.37 6.21
C SER A 54 -10.65 5.88 5.84
N PRO A 55 -11.46 5.57 4.82
CA PRO A 55 -11.62 4.18 4.35
C PRO A 55 -10.37 3.66 3.65
N SER A 56 -9.57 4.58 3.12
CA SER A 56 -8.34 4.20 2.44
C SER A 56 -7.43 3.38 3.34
N GLY A 57 -7.09 3.93 4.50
CA GLY A 57 -6.23 3.23 5.44
C GLY A 57 -6.85 1.94 5.92
N SER A 58 -8.05 2.03 6.49
CA SER A 58 -8.74 0.86 7.00
C SER A 58 -8.76 -0.27 5.97
N LEU A 59 -8.91 0.11 4.71
CA LEU A 59 -8.93 -0.87 3.61
C LEU A 59 -7.69 -1.75 3.63
N LEU A 60 -6.53 -1.12 3.48
CA LEU A 60 -5.26 -1.85 3.48
C LEU A 60 -4.99 -2.47 4.86
N ARG A 61 -5.12 -1.66 5.90
CA ARG A 61 -4.89 -2.13 7.26
C ARG A 61 -5.59 -3.47 7.50
N SER A 62 -6.65 -3.72 6.75
CA SER A 62 -7.41 -4.96 6.88
C SER A 62 -6.92 -5.99 5.87
N TYR A 63 -6.77 -5.57 4.62
CA TYR A 63 -6.32 -6.46 3.55
C TYR A 63 -5.13 -7.30 4.02
N GLU A 64 -4.38 -6.76 4.98
CA GLU A 64 -3.21 -7.47 5.50
C GLU A 64 -3.62 -8.45 6.59
N LEU A 65 -4.60 -8.07 7.39
CA LEU A 65 -5.08 -8.93 8.47
C LEU A 65 -5.60 -10.26 7.93
N ALA A 66 -6.36 -10.18 6.84
CA ALA A 66 -6.91 -11.38 6.21
C ALA A 66 -5.81 -12.34 5.79
N GLY A 67 -4.66 -11.79 5.41
CA GLY A 67 -3.55 -12.62 4.99
C GLY A 67 -3.10 -12.31 3.57
N GLY A 68 -3.28 -11.06 3.15
CA GLY A 68 -2.89 -10.66 1.81
C GLY A 68 -1.54 -9.97 1.79
N ASP A 69 -0.84 -10.09 0.67
CA ASP A 69 0.47 -9.47 0.52
C ASP A 69 0.47 -8.45 -0.62
N LEU A 70 1.51 -7.62 -0.68
CA LEU A 70 1.64 -6.61 -1.71
C LEU A 70 1.31 -7.19 -3.09
N ALA A 71 1.93 -8.32 -3.41
CA ALA A 71 1.70 -8.98 -4.69
C ALA A 71 0.21 -8.96 -5.06
N GLY A 72 -0.61 -9.54 -4.20
CA GLY A 72 -2.04 -9.58 -4.44
C GLY A 72 -2.60 -8.23 -4.83
N LEU A 73 -2.19 -7.19 -4.11
CA LEU A 73 -2.66 -5.83 -4.39
C LEU A 73 -2.15 -5.36 -5.75
N LEU A 74 -0.85 -5.47 -5.96
CA LEU A 74 -0.25 -5.05 -7.22
C LEU A 74 -0.91 -5.73 -8.40
N GLU A 75 -1.40 -6.95 -8.17
CA GLU A 75 -2.06 -7.71 -9.23
C GLU A 75 -3.46 -7.17 -9.50
N ALA A 76 -4.14 -6.76 -8.43
CA ALA A 76 -5.49 -6.22 -8.55
C ALA A 76 -5.47 -4.84 -9.21
N LEU A 77 -4.57 -3.97 -8.74
CA LEU A 77 -4.46 -2.63 -9.29
C LEU A 77 -4.28 -2.66 -10.81
N SER A 78 -3.39 -3.55 -11.27
CA SER A 78 -3.14 -3.68 -12.70
C SER A 78 -4.43 -3.89 -13.47
N ASP A 79 -5.14 -4.97 -13.16
CA ASP A 79 -6.40 -5.28 -13.83
C ASP A 79 -7.27 -4.05 -13.95
N MET A 80 -7.30 -3.25 -12.88
CA MET A 80 -8.09 -2.02 -12.87
C MET A 80 -7.44 -0.93 -13.71
N GLY A 81 -6.11 -0.98 -13.81
CA GLY A 81 -5.38 0.01 -14.57
C GLY A 81 -4.80 1.11 -13.71
N LEU A 82 -4.73 0.86 -12.41
CA LEU A 82 -4.20 1.84 -11.46
C LEU A 82 -2.68 1.76 -11.40
N GLU A 83 -2.04 1.85 -12.56
CA GLU A 83 -0.58 1.80 -12.64
C GLU A 83 0.05 2.77 -11.64
N GLU A 84 -0.61 3.90 -11.43
CA GLU A 84 -0.10 4.91 -10.50
C GLU A 84 0.39 4.26 -9.22
N GLY A 85 -0.52 3.59 -8.51
CA GLY A 85 -0.15 2.94 -7.27
C GLY A 85 0.94 1.92 -7.44
N VAL A 86 0.80 1.07 -8.45
CA VAL A 86 1.80 0.03 -8.73
C VAL A 86 3.20 0.62 -8.78
N ARG A 87 3.34 1.76 -9.43
CA ARG A 87 4.63 2.43 -9.54
C ARG A 87 5.11 2.93 -8.19
N LEU A 88 4.19 3.50 -7.42
CA LEU A 88 4.51 4.02 -6.09
C LEU A 88 4.94 2.90 -5.16
N LEU A 89 4.07 1.93 -4.95
CA LEU A 89 4.36 0.80 -4.08
C LEU A 89 5.71 0.19 -4.41
N ARG A 90 5.95 -0.05 -5.70
CA ARG A 90 7.21 -0.62 -6.15
C ARG A 90 8.38 0.30 -5.81
N GLY A 91 8.12 1.60 -5.82
CA GLY A 91 9.16 2.57 -5.52
C GLY A 91 10.16 2.05 -4.50
N PRO A 92 11.44 2.36 -4.72
CA PRO A 92 12.52 1.94 -3.83
C PRO A 92 12.47 2.64 -2.48
N GLU A 93 13.32 2.21 -1.55
CA GLU A 93 13.37 2.80 -0.22
C GLU A 93 14.76 2.64 0.39
N THR A 94 14.97 3.26 1.55
CA THR A 94 16.25 3.19 2.24
C THR A 94 16.06 3.03 3.75
N ARG A 95 17.13 2.73 4.45
CA ARG A 95 17.08 2.55 5.90
C ARG A 95 17.43 3.85 6.62
N ASP A 96 16.42 4.47 7.22
CA ASP A 96 16.62 5.73 7.94
C ASP A 96 17.96 5.73 8.68
N LYS A 97 18.54 6.91 8.83
CA LYS A 97 19.83 7.04 9.51
C LYS A 97 19.62 7.41 10.97
N LEU A 98 19.99 6.50 11.86
CA LEU A 98 19.85 6.74 13.30
C LEU A 98 21.14 7.27 13.89
N PRO A 99 21.02 8.31 14.75
CA PRO A 99 22.17 8.93 15.40
C PRO A 99 22.81 8.02 16.44
N SER A 100 23.98 7.48 16.11
CA SER A 100 24.70 6.59 17.01
C SER A 100 24.60 7.09 18.46
N THR A 101 24.02 6.26 19.32
CA THR A 101 23.86 6.61 20.72
C THR A 101 25.05 6.12 21.55
N GLU A 102 25.30 6.79 22.67
CA GLU A 102 26.41 6.42 23.54
C GLU A 102 26.05 5.20 24.38
N VAL A 103 27.08 4.43 24.76
CA VAL A 103 26.87 3.23 25.56
C VAL A 103 27.13 3.50 27.04
N SER A 104 26.29 2.93 27.89
CA SER A 104 26.42 3.12 29.33
C SER A 104 27.02 1.87 29.99
N GLY A 105 27.82 2.09 31.03
CA GLY A 105 28.44 0.98 31.73
C GLY A 105 28.99 1.38 33.09
N PRO A 106 29.10 0.39 33.99
CA PRO A 106 29.61 0.62 35.34
C PRO A 106 31.10 0.95 35.36
N SER A 107 31.55 1.63 36.41
CA SER A 107 32.95 2.01 36.54
C SER A 107 33.55 1.45 37.83
N SER A 108 32.87 1.72 38.95
CA SER A 108 33.34 1.26 40.25
C SER A 108 33.13 -0.24 40.39
N GLY A 109 34.15 -0.92 40.91
CA GLY A 109 34.07 -2.36 41.09
C GLY A 109 33.90 -2.75 42.54
N GLY A 1 8.11 -19.34 -7.31
CA GLY A 1 7.64 -20.17 -6.22
C GLY A 1 8.46 -20.00 -4.96
N SER A 2 8.19 -18.93 -4.22
CA SER A 2 8.91 -18.66 -2.98
C SER A 2 7.99 -18.77 -1.77
N SER A 3 7.81 -19.99 -1.30
CA SER A 3 6.94 -20.23 -0.14
C SER A 3 7.07 -19.10 0.88
N GLY A 4 5.93 -18.68 1.43
CA GLY A 4 5.93 -17.61 2.41
C GLY A 4 5.29 -18.02 3.71
N SER A 5 4.07 -17.54 3.95
CA SER A 5 3.34 -17.85 5.17
C SER A 5 4.03 -17.24 6.38
N SER A 6 4.52 -16.02 6.22
CA SER A 6 5.21 -15.32 7.31
C SER A 6 5.15 -13.81 7.10
N GLY A 7 5.12 -13.07 8.20
CA GLY A 7 5.07 -11.62 8.13
C GLY A 7 3.68 -11.11 7.85
N PRO A 8 2.86 -11.00 8.90
CA PRO A 8 1.48 -10.53 8.79
C PRO A 8 1.41 -9.03 8.46
N GLY A 9 2.40 -8.28 8.94
CA GLY A 9 2.42 -6.85 8.69
C GLY A 9 2.95 -6.52 7.32
N LEU A 10 2.35 -5.52 6.67
CA LEU A 10 2.78 -5.10 5.34
C LEU A 10 4.11 -4.37 5.39
N SER A 11 4.98 -4.67 4.44
CA SER A 11 6.30 -4.04 4.38
C SER A 11 6.23 -2.70 3.65
N LEU A 12 5.37 -1.82 4.15
CA LEU A 12 5.20 -0.50 3.55
C LEU A 12 5.65 0.59 4.51
N GLY A 13 5.68 1.84 4.02
CA GLY A 13 6.09 2.95 4.85
C GLY A 13 4.95 3.91 5.14
N ASP A 14 4.90 4.41 6.36
CA ASP A 14 3.85 5.35 6.75
C ASP A 14 3.46 6.26 5.60
N THR A 15 4.46 6.87 4.97
CA THR A 15 4.23 7.76 3.84
C THR A 15 3.50 7.04 2.71
N ALA A 16 4.06 5.92 2.27
CA ALA A 16 3.46 5.14 1.20
C ALA A 16 1.94 5.08 1.34
N LEU A 17 1.48 4.74 2.54
CA LEU A 17 0.05 4.65 2.81
C LEU A 17 -0.65 5.95 2.49
N GLN A 18 -0.32 7.01 3.23
CA GLN A 18 -0.92 8.32 3.03
C GLN A 18 -1.16 8.58 1.54
N ASN A 19 -0.14 8.32 0.73
CA ASN A 19 -0.24 8.53 -0.71
C ASN A 19 -1.19 7.51 -1.33
N LEU A 20 -0.81 6.24 -1.29
CA LEU A 20 -1.62 5.17 -1.85
C LEU A 20 -3.10 5.41 -1.56
N GLU A 21 -3.40 5.95 -0.39
CA GLU A 21 -4.77 6.23 -0.01
C GLU A 21 -5.46 7.14 -1.03
N GLN A 22 -4.96 8.36 -1.15
CA GLN A 22 -5.52 9.33 -2.09
C GLN A 22 -5.56 8.75 -3.50
N LEU A 23 -4.43 8.19 -3.94
CA LEU A 23 -4.34 7.60 -5.26
C LEU A 23 -5.56 6.73 -5.56
N LEU A 24 -6.18 6.22 -4.51
CA LEU A 24 -7.37 5.37 -4.67
C LEU A 24 -8.64 6.20 -4.55
N ASP A 25 -8.60 7.23 -3.72
CA ASP A 25 -9.76 8.10 -3.52
C ASP A 25 -9.56 9.43 -4.24
N GLY A 26 -10.39 9.69 -5.24
CA GLY A 26 -10.29 10.94 -5.99
C GLY A 26 -10.83 10.81 -7.40
N PRO A 27 -11.20 11.95 -8.00
CA PRO A 27 -11.74 11.99 -9.36
C PRO A 27 -10.68 11.66 -10.41
N GLU A 28 -9.43 11.98 -10.10
CA GLU A 28 -8.33 11.72 -11.01
C GLU A 28 -7.90 10.25 -10.96
N ALA A 29 -8.05 9.65 -9.79
CA ALA A 29 -7.67 8.26 -9.58
C ALA A 29 -8.14 7.39 -10.75
N GLN A 30 -7.20 6.93 -11.56
CA GLN A 30 -7.52 6.09 -12.72
C GLN A 30 -8.57 5.05 -12.35
N GLY A 31 -8.66 4.73 -11.06
CA GLY A 31 -9.62 3.75 -10.61
C GLY A 31 -10.27 4.13 -9.30
N SER A 32 -10.28 3.19 -8.35
CA SER A 32 -10.88 3.43 -7.04
C SER A 32 -10.53 2.31 -6.07
N TRP A 33 -11.00 2.44 -4.83
CA TRP A 33 -10.73 1.44 -3.80
C TRP A 33 -11.84 0.40 -3.76
N ALA A 34 -13.08 0.86 -3.83
CA ALA A 34 -14.24 -0.03 -3.81
C ALA A 34 -13.98 -1.29 -4.62
N GLU A 35 -13.80 -1.10 -5.93
CA GLU A 35 -13.56 -2.23 -6.83
C GLU A 35 -12.33 -3.02 -6.38
N LEU A 36 -11.24 -2.31 -6.07
CA LEU A 36 -10.01 -2.94 -5.63
C LEU A 36 -10.30 -3.97 -4.53
N ALA A 37 -11.02 -3.54 -3.51
CA ALA A 37 -11.36 -4.42 -2.39
C ALA A 37 -12.00 -5.72 -2.89
N GLU A 38 -12.99 -5.58 -3.76
CA GLU A 38 -13.69 -6.74 -4.32
C GLU A 38 -12.70 -7.73 -4.91
N ARG A 39 -11.77 -7.23 -5.72
CA ARG A 39 -10.77 -8.07 -6.35
C ARG A 39 -9.99 -8.86 -5.30
N LEU A 40 -9.70 -8.23 -4.17
CA LEU A 40 -8.96 -8.88 -3.10
C LEU A 40 -9.85 -9.86 -2.34
N GLY A 41 -11.12 -9.51 -2.18
CA GLY A 41 -12.05 -10.38 -1.48
C GLY A 41 -12.76 -9.67 -0.34
N LEU A 42 -12.65 -8.34 -0.31
CA LEU A 42 -13.28 -7.54 0.72
C LEU A 42 -14.44 -6.73 0.16
N ARG A 43 -15.31 -7.39 -0.59
CA ARG A 43 -16.46 -6.72 -1.19
C ARG A 43 -17.55 -6.46 -0.15
N SER A 44 -17.36 -7.01 1.05
CA SER A 44 -18.32 -6.84 2.13
C SER A 44 -17.96 -5.62 2.97
N LEU A 45 -16.68 -5.46 3.27
CA LEU A 45 -16.21 -4.34 4.08
C LEU A 45 -16.26 -3.04 3.29
N VAL A 46 -16.68 -3.14 2.02
CA VAL A 46 -16.78 -1.98 1.17
C VAL A 46 -17.70 -0.92 1.77
N ASP A 47 -18.87 -1.35 2.25
CA ASP A 47 -19.83 -0.45 2.86
C ASP A 47 -19.21 0.28 4.05
N THR A 48 -18.58 -0.47 4.95
CA THR A 48 -17.95 0.10 6.12
C THR A 48 -16.97 1.20 5.75
N TYR A 49 -15.99 0.85 4.92
CA TYR A 49 -14.98 1.79 4.48
C TYR A 49 -15.62 3.10 4.00
N ARG A 50 -16.61 2.96 3.12
CA ARG A 50 -17.31 4.12 2.58
C ARG A 50 -17.79 5.03 3.70
N GLN A 51 -18.18 4.44 4.82
CA GLN A 51 -18.67 5.19 5.97
C GLN A 51 -17.52 5.88 6.70
N THR A 52 -16.46 5.12 6.96
CA THR A 52 -15.29 5.65 7.66
C THR A 52 -14.75 6.88 6.95
N THR A 53 -13.71 7.48 7.53
CA THR A 53 -13.09 8.67 6.96
C THR A 53 -11.87 8.30 6.13
N SER A 54 -11.21 7.22 6.50
CA SER A 54 -10.01 6.76 5.80
C SER A 54 -10.21 5.35 5.27
N PRO A 55 -11.04 5.21 4.23
CA PRO A 55 -11.33 3.92 3.60
C PRO A 55 -10.13 3.37 2.84
N SER A 56 -9.37 4.26 2.22
CA SER A 56 -8.20 3.86 1.45
C SER A 56 -7.11 3.31 2.36
N GLY A 57 -6.84 4.02 3.45
CA GLY A 57 -5.82 3.58 4.38
C GLY A 57 -6.23 2.36 5.16
N SER A 58 -7.47 2.34 5.64
CA SER A 58 -7.99 1.21 6.40
C SER A 58 -8.15 -0.02 5.50
N LEU A 59 -8.21 0.21 4.20
CA LEU A 59 -8.37 -0.88 3.24
C LEU A 59 -7.07 -1.68 3.10
N LEU A 60 -5.95 -1.00 3.30
CA LEU A 60 -4.64 -1.64 3.21
C LEU A 60 -4.32 -2.42 4.47
N ARG A 61 -4.64 -1.84 5.62
CA ARG A 61 -4.39 -2.47 6.90
C ARG A 61 -5.33 -3.66 7.12
N SER A 62 -6.43 -3.67 6.37
CA SER A 62 -7.41 -4.75 6.47
C SER A 62 -7.10 -5.86 5.48
N TYR A 63 -6.73 -5.48 4.27
CA TYR A 63 -6.41 -6.45 3.22
C TYR A 63 -5.31 -7.41 3.68
N GLU A 64 -4.44 -6.91 4.57
CA GLU A 64 -3.34 -7.71 5.09
C GLU A 64 -3.82 -8.61 6.22
N LEU A 65 -4.75 -8.10 7.01
CA LEU A 65 -5.29 -8.86 8.15
C LEU A 65 -6.05 -10.09 7.66
N ALA A 66 -6.61 -10.01 6.46
CA ALA A 66 -7.34 -11.13 5.88
C ALA A 66 -6.39 -12.22 5.38
N GLY A 67 -5.21 -11.81 4.94
CA GLY A 67 -4.22 -12.75 4.45
C GLY A 67 -3.73 -12.40 3.07
N GLY A 68 -3.69 -11.10 2.77
CA GLY A 68 -3.22 -10.65 1.47
C GLY A 68 -1.77 -10.20 1.49
N ASP A 69 -1.21 -9.94 0.32
CA ASP A 69 0.17 -9.50 0.21
C ASP A 69 0.32 -8.41 -0.85
N LEU A 70 1.52 -7.85 -0.95
CA LEU A 70 1.79 -6.80 -1.91
C LEU A 70 1.41 -7.24 -3.33
N ALA A 71 2.01 -8.34 -3.78
CA ALA A 71 1.73 -8.88 -5.10
C ALA A 71 0.24 -8.83 -5.41
N GLY A 72 -0.55 -9.59 -4.65
CA GLY A 72 -1.98 -9.62 -4.86
C GLY A 72 -2.56 -8.24 -5.12
N LEU A 73 -2.07 -7.25 -4.39
CA LEU A 73 -2.54 -5.88 -4.55
C LEU A 73 -2.06 -5.28 -5.87
N LEU A 74 -0.78 -5.48 -6.17
CA LEU A 74 -0.20 -4.97 -7.40
C LEU A 74 -0.92 -5.53 -8.62
N GLU A 75 -1.41 -6.76 -8.50
CA GLU A 75 -2.11 -7.42 -9.59
C GLU A 75 -3.51 -6.83 -9.77
N ALA A 76 -4.17 -6.54 -8.65
CA ALA A 76 -5.50 -5.97 -8.69
C ALA A 76 -5.48 -4.54 -9.25
N LEU A 77 -4.55 -3.74 -8.75
CA LEU A 77 -4.43 -2.36 -9.20
C LEU A 77 -4.19 -2.30 -10.70
N SER A 78 -3.31 -3.14 -11.20
CA SER A 78 -2.99 -3.18 -12.62
C SER A 78 -4.25 -3.46 -13.45
N ASP A 79 -4.89 -4.59 -13.16
CA ASP A 79 -6.11 -4.96 -13.88
C ASP A 79 -7.11 -3.82 -13.91
N MET A 80 -7.16 -3.06 -12.81
CA MET A 80 -8.08 -1.93 -12.70
C MET A 80 -7.59 -0.75 -13.53
N GLY A 81 -6.28 -0.71 -13.78
CA GLY A 81 -5.70 0.37 -14.56
C GLY A 81 -4.77 1.24 -13.75
N LEU A 82 -4.99 1.27 -12.43
CA LEU A 82 -4.16 2.07 -11.54
C LEU A 82 -2.70 1.67 -11.64
N GLU A 83 -1.95 2.36 -12.50
CA GLU A 83 -0.54 2.08 -12.70
C GLU A 83 0.30 2.75 -11.61
N GLU A 84 0.04 4.03 -11.38
CA GLU A 84 0.78 4.79 -10.37
C GLU A 84 0.94 3.97 -9.09
N GLY A 85 -0.17 3.73 -8.40
CA GLY A 85 -0.12 2.96 -7.17
C GLY A 85 0.79 1.76 -7.26
N VAL A 86 0.64 0.99 -8.34
CA VAL A 86 1.46 -0.20 -8.55
C VAL A 86 2.95 0.13 -8.38
N ARG A 87 3.39 1.17 -9.07
CA ARG A 87 4.79 1.59 -9.01
C ARG A 87 5.16 2.05 -7.61
N LEU A 88 4.39 2.99 -7.07
CA LEU A 88 4.63 3.51 -5.74
C LEU A 88 4.89 2.38 -4.74
N LEU A 89 3.92 1.47 -4.62
CA LEU A 89 4.04 0.35 -3.72
C LEU A 89 5.40 -0.33 -3.87
N ARG A 90 5.77 -0.63 -5.11
CA ARG A 90 7.05 -1.28 -5.39
C ARG A 90 8.21 -0.43 -4.88
N GLY A 91 8.13 0.87 -5.14
CA GLY A 91 9.19 1.77 -4.70
C GLY A 91 9.60 2.75 -5.79
N PRO A 92 9.98 3.98 -5.37
CA PRO A 92 10.39 5.03 -6.30
C PRO A 92 11.73 4.72 -6.97
N GLU A 93 12.26 5.70 -7.71
CA GLU A 93 13.53 5.53 -8.40
C GLU A 93 14.54 6.56 -7.92
N THR A 94 14.50 6.86 -6.62
CA THR A 94 15.42 7.84 -6.03
C THR A 94 16.16 7.24 -4.84
N ARG A 95 17.35 7.76 -4.57
CA ARG A 95 18.16 7.29 -3.46
C ARG A 95 17.98 8.18 -2.23
N ASP A 96 18.31 7.63 -1.06
CA ASP A 96 18.18 8.37 0.18
C ASP A 96 19.49 8.34 0.97
N LYS A 97 20.24 9.43 0.90
CA LYS A 97 21.51 9.52 1.61
C LYS A 97 21.39 10.43 2.83
N LEU A 98 21.58 9.85 4.02
CA LEU A 98 21.49 10.60 5.26
C LEU A 98 22.77 11.38 5.51
N PRO A 99 22.62 12.69 5.78
CA PRO A 99 23.75 13.57 6.05
C PRO A 99 24.41 13.28 7.38
N SER A 100 25.75 13.24 7.38
CA SER A 100 26.51 12.97 8.60
C SER A 100 26.83 14.26 9.34
N THR A 101 26.41 14.33 10.60
CA THR A 101 26.65 15.51 11.42
C THR A 101 27.29 15.13 12.74
N GLU A 102 28.11 16.04 13.28
CA GLU A 102 28.79 15.80 14.55
C GLU A 102 28.70 17.03 15.45
N VAL A 103 28.34 16.80 16.71
CA VAL A 103 28.22 17.88 17.68
C VAL A 103 29.24 17.73 18.80
N SER A 104 29.37 18.78 19.61
CA SER A 104 30.32 18.77 20.71
C SER A 104 29.61 19.03 22.03
N GLY A 105 30.37 18.97 23.13
CA GLY A 105 29.80 19.21 24.44
C GLY A 105 30.85 19.25 25.53
N PRO A 106 31.50 20.42 25.68
CA PRO A 106 32.54 20.62 26.70
C PRO A 106 31.98 20.64 28.11
N SER A 107 32.86 20.49 29.09
CA SER A 107 32.45 20.48 30.49
C SER A 107 33.58 20.99 31.39
N SER A 108 33.35 20.95 32.70
CA SER A 108 34.34 21.41 33.66
C SER A 108 33.99 20.94 35.07
N GLY A 109 34.88 21.22 36.02
CA GLY A 109 34.64 20.82 37.40
C GLY A 109 34.15 19.39 37.51
N GLY A 1 7.85 -10.51 -10.33
CA GLY A 1 8.89 -11.46 -10.01
C GLY A 1 8.65 -12.17 -8.69
N SER A 2 9.39 -11.75 -7.67
CA SER A 2 9.25 -12.35 -6.34
C SER A 2 8.95 -11.29 -5.29
N SER A 3 8.69 -11.73 -4.07
CA SER A 3 8.38 -10.81 -2.97
C SER A 3 8.55 -11.50 -1.62
N GLY A 4 9.08 -10.76 -0.65
CA GLY A 4 9.28 -11.32 0.67
C GLY A 4 8.69 -10.46 1.77
N SER A 5 7.54 -10.89 2.29
CA SER A 5 6.85 -10.16 3.34
C SER A 5 7.40 -10.54 4.71
N SER A 6 7.94 -9.56 5.42
CA SER A 6 8.50 -9.80 6.75
C SER A 6 7.68 -9.08 7.82
N GLY A 7 7.27 -9.82 8.85
CA GLY A 7 6.47 -9.25 9.92
C GLY A 7 4.98 -9.35 9.66
N PRO A 8 4.19 -9.28 10.74
CA PRO A 8 2.73 -9.36 10.65
C PRO A 8 2.12 -8.13 10.00
N GLY A 9 2.88 -7.05 9.93
CA GLY A 9 2.40 -5.82 9.32
C GLY A 9 2.93 -5.63 7.92
N LEU A 10 2.07 -5.12 7.03
CA LEU A 10 2.45 -4.88 5.65
C LEU A 10 3.86 -4.31 5.56
N SER A 11 4.65 -4.82 4.63
CA SER A 11 6.02 -4.37 4.45
C SER A 11 6.05 -3.06 3.66
N LEU A 12 5.26 -2.09 4.10
CA LEU A 12 5.19 -0.79 3.44
C LEU A 12 5.72 0.31 4.36
N GLY A 13 5.80 1.53 3.82
CA GLY A 13 6.28 2.65 4.60
C GLY A 13 5.19 3.65 4.92
N ASP A 14 5.52 4.66 5.71
CA ASP A 14 4.55 5.68 6.09
C ASP A 14 4.06 6.44 4.87
N THR A 15 5.00 6.94 4.07
CA THR A 15 4.67 7.70 2.86
C THR A 15 3.91 6.83 1.87
N ALA A 16 4.38 5.60 1.69
CA ALA A 16 3.76 4.66 0.76
C ALA A 16 2.27 4.51 1.06
N LEU A 17 1.95 4.21 2.32
CA LEU A 17 0.56 4.05 2.73
C LEU A 17 -0.24 5.32 2.49
N GLN A 18 0.20 6.41 3.10
CA GLN A 18 -0.48 7.70 2.95
C GLN A 18 -0.80 7.97 1.49
N ASN A 19 0.19 7.82 0.63
CA ASN A 19 0.01 8.06 -0.80
C ASN A 19 -0.97 7.06 -1.40
N LEU A 20 -0.62 5.77 -1.34
CA LEU A 20 -1.47 4.72 -1.88
C LEU A 20 -2.94 4.96 -1.51
N GLU A 21 -3.16 5.56 -0.35
CA GLU A 21 -4.51 5.85 0.11
C GLU A 21 -5.14 6.97 -0.72
N GLN A 22 -4.57 8.17 -0.62
CA GLN A 22 -5.06 9.32 -1.37
C GLN A 22 -5.26 8.97 -2.83
N LEU A 23 -4.34 8.19 -3.39
CA LEU A 23 -4.41 7.79 -4.78
C LEU A 23 -5.75 7.14 -5.09
N LEU A 24 -6.08 6.08 -4.37
CA LEU A 24 -7.33 5.36 -4.56
C LEU A 24 -8.52 6.28 -4.29
N ASP A 25 -8.42 7.07 -3.22
CA ASP A 25 -9.49 7.99 -2.85
C ASP A 25 -9.38 9.29 -3.64
N GLY A 26 -10.24 9.44 -4.64
CA GLY A 26 -10.23 10.64 -5.46
C GLY A 26 -10.73 10.38 -6.87
N PRO A 27 -11.13 11.46 -7.56
CA PRO A 27 -11.64 11.38 -8.94
C PRO A 27 -10.54 11.02 -9.94
N GLU A 28 -9.43 11.73 -9.87
CA GLU A 28 -8.30 11.49 -10.77
C GLU A 28 -7.92 10.01 -10.76
N ALA A 29 -8.14 9.35 -9.63
CA ALA A 29 -7.82 7.93 -9.51
C ALA A 29 -8.36 7.13 -10.68
N GLN A 30 -7.45 6.68 -11.55
CA GLN A 30 -7.83 5.90 -12.72
C GLN A 30 -8.69 4.71 -12.33
N GLY A 31 -8.69 4.38 -11.03
CA GLY A 31 -9.46 3.26 -10.55
C GLY A 31 -10.37 3.63 -9.40
N SER A 32 -10.27 2.91 -8.29
CA SER A 32 -11.10 3.17 -7.12
C SER A 32 -10.68 2.27 -5.95
N TRP A 33 -11.13 2.62 -4.76
CA TRP A 33 -10.82 1.85 -3.56
C TRP A 33 -11.79 0.69 -3.38
N ALA A 34 -13.07 0.96 -3.57
CA ALA A 34 -14.10 -0.06 -3.44
C ALA A 34 -13.86 -1.21 -4.41
N GLU A 35 -14.01 -0.92 -5.70
CA GLU A 35 -13.82 -1.94 -6.73
C GLU A 35 -12.63 -2.84 -6.39
N LEU A 36 -11.52 -2.22 -6.02
CA LEU A 36 -10.31 -2.96 -5.66
C LEU A 36 -10.60 -4.01 -4.59
N ALA A 37 -11.23 -3.57 -3.51
CA ALA A 37 -11.57 -4.47 -2.41
C ALA A 37 -12.19 -5.76 -2.94
N GLU A 38 -13.09 -5.63 -3.91
CA GLU A 38 -13.75 -6.79 -4.49
C GLU A 38 -12.74 -7.72 -5.16
N ARG A 39 -11.79 -7.12 -5.88
CA ARG A 39 -10.77 -7.89 -6.58
C ARG A 39 -9.97 -8.74 -5.59
N LEU A 40 -9.64 -8.17 -4.45
CA LEU A 40 -8.88 -8.87 -3.42
C LEU A 40 -9.74 -9.92 -2.74
N GLY A 41 -11.03 -9.62 -2.60
CA GLY A 41 -11.95 -10.55 -1.96
C GLY A 41 -12.74 -9.90 -0.84
N LEU A 42 -12.51 -8.61 -0.63
CA LEU A 42 -13.20 -7.87 0.42
C LEU A 42 -14.37 -7.07 -0.17
N ARG A 43 -15.25 -7.77 -0.87
CA ARG A 43 -16.42 -7.12 -1.49
C ARG A 43 -17.49 -6.83 -0.43
N SER A 44 -17.34 -7.44 0.74
CA SER A 44 -18.30 -7.25 1.82
C SER A 44 -17.94 -6.03 2.66
N LEU A 45 -16.66 -5.94 3.05
CA LEU A 45 -16.19 -4.83 3.86
C LEU A 45 -16.46 -3.50 3.17
N VAL A 46 -16.64 -3.54 1.85
CA VAL A 46 -16.90 -2.34 1.07
C VAL A 46 -18.08 -1.57 1.64
N ASP A 47 -19.05 -2.29 2.19
CA ASP A 47 -20.23 -1.66 2.77
C ASP A 47 -19.92 -1.09 4.15
N THR A 48 -18.84 -1.56 4.75
CA THR A 48 -18.43 -1.09 6.07
C THR A 48 -17.45 0.09 5.96
N TYR A 49 -16.73 0.15 4.85
CA TYR A 49 -15.77 1.22 4.62
C TYR A 49 -16.49 2.52 4.24
N ARG A 50 -17.57 2.39 3.49
CA ARG A 50 -18.34 3.54 3.04
C ARG A 50 -18.66 4.47 4.22
N GLN A 51 -18.96 3.87 5.37
CA GLN A 51 -19.29 4.63 6.57
C GLN A 51 -18.13 5.56 6.95
N THR A 52 -16.98 4.96 7.27
CA THR A 52 -15.81 5.73 7.66
C THR A 52 -15.55 6.87 6.68
N THR A 53 -14.81 7.88 7.14
CA THR A 53 -14.49 9.02 6.30
C THR A 53 -13.26 8.75 5.44
N SER A 54 -12.32 7.98 5.97
CA SER A 54 -11.10 7.65 5.26
C SER A 54 -10.97 6.15 5.07
N PRO A 55 -11.75 5.61 4.12
CA PRO A 55 -11.75 4.17 3.82
C PRO A 55 -10.45 3.72 3.14
N SER A 56 -9.72 4.68 2.58
CA SER A 56 -8.47 4.39 1.90
C SER A 56 -7.46 3.77 2.86
N GLY A 57 -7.27 4.43 4.01
CA GLY A 57 -6.33 3.94 5.00
C GLY A 57 -6.78 2.63 5.62
N SER A 58 -8.01 2.61 6.13
CA SER A 58 -8.56 1.42 6.76
C SER A 58 -8.57 0.24 5.79
N LEU A 59 -8.88 0.53 4.53
CA LEU A 59 -8.92 -0.51 3.50
C LEU A 59 -7.63 -1.32 3.49
N LEU A 60 -6.50 -0.62 3.48
CA LEU A 60 -5.19 -1.28 3.48
C LEU A 60 -4.90 -1.92 4.83
N ARG A 61 -5.07 -1.14 5.89
CA ARG A 61 -4.83 -1.63 7.24
C ARG A 61 -5.59 -2.93 7.50
N SER A 62 -6.77 -3.04 6.89
CA SER A 62 -7.61 -4.23 7.06
C SER A 62 -7.25 -5.29 6.03
N TYR A 63 -7.05 -4.84 4.78
CA TYR A 63 -6.71 -5.77 3.70
C TYR A 63 -5.61 -6.73 4.13
N GLU A 64 -4.74 -6.28 5.03
CA GLU A 64 -3.65 -7.10 5.51
C GLU A 64 -4.13 -8.05 6.62
N LEU A 65 -5.11 -7.60 7.39
CA LEU A 65 -5.66 -8.39 8.48
C LEU A 65 -6.35 -9.64 7.94
N ALA A 66 -6.97 -9.51 6.78
CA ALA A 66 -7.66 -10.64 6.15
C ALA A 66 -6.67 -11.69 5.65
N GLY A 67 -5.46 -11.25 5.35
CA GLY A 67 -4.43 -12.16 4.87
C GLY A 67 -3.95 -11.83 3.48
N GLY A 68 -3.97 -10.53 3.15
CA GLY A 68 -3.54 -10.10 1.83
C GLY A 68 -2.13 -9.51 1.86
N ASP A 69 -1.40 -9.69 0.76
CA ASP A 69 -0.04 -9.18 0.66
C ASP A 69 0.09 -8.24 -0.54
N LEU A 70 1.26 -7.61 -0.67
CA LEU A 70 1.51 -6.69 -1.77
C LEU A 70 1.06 -7.29 -3.10
N ALA A 71 1.47 -8.52 -3.35
CA ALA A 71 1.10 -9.21 -4.59
C ALA A 71 -0.38 -9.04 -4.89
N GLY A 72 -1.23 -9.55 -4.00
CA GLY A 72 -2.66 -9.44 -4.19
C GLY A 72 -3.09 -8.04 -4.59
N LEU A 73 -2.34 -7.05 -4.14
CA LEU A 73 -2.65 -5.65 -4.45
C LEU A 73 -2.12 -5.27 -5.84
N LEU A 74 -0.91 -5.74 -6.14
CA LEU A 74 -0.28 -5.45 -7.43
C LEU A 74 -1.07 -6.10 -8.57
N GLU A 75 -1.76 -7.19 -8.26
CA GLU A 75 -2.55 -7.89 -9.26
C GLU A 75 -3.79 -7.09 -9.66
N ALA A 76 -4.31 -6.32 -8.70
CA ALA A 76 -5.49 -5.49 -8.94
C ALA A 76 -5.10 -4.11 -9.45
N LEU A 77 -4.09 -3.52 -8.82
CA LEU A 77 -3.62 -2.19 -9.19
C LEU A 77 -3.24 -2.15 -10.67
N SER A 78 -2.82 -3.29 -11.19
CA SER A 78 -2.43 -3.38 -12.60
C SER A 78 -3.60 -3.84 -13.47
N ASP A 79 -4.63 -4.37 -12.81
CA ASP A 79 -5.82 -4.85 -13.53
C ASP A 79 -6.88 -3.76 -13.60
N MET A 80 -6.79 -2.78 -12.70
CA MET A 80 -7.74 -1.68 -12.66
C MET A 80 -7.23 -0.50 -13.49
N GLY A 81 -5.93 -0.47 -13.73
CA GLY A 81 -5.34 0.61 -14.51
C GLY A 81 -4.69 1.67 -13.63
N LEU A 82 -4.60 1.39 -12.33
CA LEU A 82 -4.01 2.32 -11.39
C LEU A 82 -2.49 2.21 -11.39
N GLU A 83 -1.90 2.26 -12.58
CA GLU A 83 -0.45 2.17 -12.73
C GLU A 83 0.25 2.98 -11.64
N GLU A 84 -0.24 4.19 -11.41
CA GLU A 84 0.34 5.08 -10.39
C GLU A 84 0.77 4.28 -9.16
N GLY A 85 -0.20 3.62 -8.53
CA GLY A 85 0.10 2.84 -7.34
C GLY A 85 1.21 1.83 -7.57
N VAL A 86 0.95 0.85 -8.42
CA VAL A 86 1.94 -0.18 -8.73
C VAL A 86 3.34 0.42 -8.80
N ARG A 87 3.46 1.57 -9.44
CA ARG A 87 4.75 2.25 -9.58
C ARG A 87 5.26 2.71 -8.23
N LEU A 88 4.37 3.28 -7.43
CA LEU A 88 4.74 3.78 -6.09
C LEU A 88 5.16 2.62 -5.18
N LEU A 89 4.32 1.59 -5.13
CA LEU A 89 4.61 0.42 -4.30
C LEU A 89 5.97 -0.18 -4.64
N ARG A 90 6.18 -0.42 -5.93
CA ARG A 90 7.44 -1.00 -6.39
C ARG A 90 8.62 -0.11 -5.99
N GLY A 91 8.50 1.19 -6.24
CA GLY A 91 9.56 2.11 -5.91
C GLY A 91 10.87 1.78 -6.59
N PRO A 92 11.63 2.83 -6.95
CA PRO A 92 12.92 2.66 -7.63
C PRO A 92 13.98 2.06 -6.72
N GLU A 93 14.63 0.99 -7.20
CA GLU A 93 15.66 0.32 -6.42
C GLU A 93 16.82 1.27 -6.13
N THR A 94 17.34 1.20 -4.90
CA THR A 94 18.44 2.06 -4.49
C THR A 94 19.14 1.49 -3.26
N ARG A 95 20.47 1.60 -3.24
CA ARG A 95 21.26 1.09 -2.12
C ARG A 95 22.35 2.08 -1.75
N ASP A 96 23.04 1.81 -0.63
CA ASP A 96 24.12 2.67 -0.17
C ASP A 96 25.02 1.93 0.81
N LYS A 97 26.26 2.40 0.93
CA LYS A 97 27.22 1.79 1.83
C LYS A 97 28.05 2.84 2.56
N LEU A 98 28.17 2.69 3.87
CA LEU A 98 28.92 3.64 4.69
C LEU A 98 30.27 3.05 5.10
N PRO A 99 31.29 3.91 5.20
CA PRO A 99 32.64 3.50 5.59
C PRO A 99 32.72 3.08 7.05
N SER A 100 33.38 1.95 7.29
CA SER A 100 33.52 1.42 8.65
C SER A 100 34.84 0.68 8.81
N THR A 101 35.20 0.38 10.05
CA THR A 101 36.44 -0.32 10.34
C THR A 101 36.30 -1.23 11.56
N GLU A 102 36.91 -2.40 11.51
CA GLU A 102 36.84 -3.36 12.60
C GLU A 102 37.98 -4.37 12.51
N VAL A 103 38.35 -4.93 13.66
CA VAL A 103 39.42 -5.93 13.71
C VAL A 103 38.86 -7.33 13.87
N SER A 104 39.72 -8.33 13.69
CA SER A 104 39.30 -9.73 13.81
C SER A 104 38.83 -10.03 15.24
N GLY A 105 38.26 -11.22 15.43
CA GLY A 105 37.78 -11.61 16.74
C GLY A 105 37.73 -13.12 16.92
N PRO A 106 36.90 -13.58 17.86
CA PRO A 106 36.76 -15.00 18.15
C PRO A 106 36.04 -15.75 17.03
N SER A 107 35.76 -17.03 17.26
CA SER A 107 35.08 -17.86 16.26
C SER A 107 34.53 -19.13 16.90
N SER A 108 33.31 -19.49 16.52
CA SER A 108 32.66 -20.69 17.05
C SER A 108 33.10 -21.93 16.27
N GLY A 109 34.37 -21.95 15.87
CA GLY A 109 34.88 -23.09 15.13
C GLY A 109 36.40 -23.12 15.10
N GLY A 1 8.38 -10.26 -7.80
CA GLY A 1 7.12 -10.47 -7.10
C GLY A 1 7.17 -11.69 -6.20
N SER A 2 7.54 -11.48 -4.94
CA SER A 2 7.62 -12.57 -3.98
C SER A 2 7.46 -12.05 -2.55
N SER A 3 7.20 -12.97 -1.62
CA SER A 3 7.02 -12.60 -0.22
C SER A 3 8.13 -11.67 0.24
N GLY A 4 7.75 -10.49 0.74
CA GLY A 4 8.72 -9.53 1.21
C GLY A 4 8.77 -9.45 2.72
N SER A 5 9.32 -10.48 3.35
CA SER A 5 9.42 -10.53 4.80
C SER A 5 8.19 -9.94 5.45
N SER A 6 7.02 -10.25 4.90
CA SER A 6 5.76 -9.75 5.42
C SER A 6 5.10 -10.78 6.32
N GLY A 7 4.63 -10.34 7.48
CA GLY A 7 3.98 -11.24 8.41
C GLY A 7 2.94 -10.54 9.27
N PRO A 8 3.38 -10.00 10.41
CA PRO A 8 2.49 -9.28 11.34
C PRO A 8 2.01 -7.95 10.77
N GLY A 9 2.76 -7.41 9.83
CA GLY A 9 2.39 -6.14 9.22
C GLY A 9 3.03 -5.94 7.86
N LEU A 10 2.31 -5.27 6.96
CA LEU A 10 2.81 -5.01 5.62
C LEU A 10 4.17 -4.33 5.66
N SER A 11 5.10 -4.79 4.83
CA SER A 11 6.43 -4.22 4.78
C SER A 11 6.43 -2.91 4.00
N LEU A 12 5.53 -2.01 4.38
CA LEU A 12 5.42 -0.71 3.73
C LEU A 12 5.70 0.42 4.72
N GLY A 13 6.19 1.54 4.21
CA GLY A 13 6.49 2.68 5.06
C GLY A 13 5.27 3.55 5.31
N ASP A 14 5.49 4.71 5.92
CA ASP A 14 4.40 5.63 6.21
C ASP A 14 4.01 6.44 4.97
N THR A 15 4.97 7.21 4.45
CA THR A 15 4.73 8.02 3.27
C THR A 15 4.04 7.22 2.17
N ALA A 16 4.72 6.18 1.70
CA ALA A 16 4.18 5.32 0.65
C ALA A 16 2.68 5.12 0.83
N LEU A 17 2.30 4.61 2.00
CA LEU A 17 0.89 4.37 2.30
C LEU A 17 0.06 5.63 2.12
N GLN A 18 0.34 6.64 2.94
CA GLN A 18 -0.39 7.91 2.87
C GLN A 18 -0.66 8.29 1.41
N ASN A 19 0.27 7.96 0.53
CA ASN A 19 0.13 8.27 -0.89
C ASN A 19 -0.89 7.34 -1.55
N LEU A 20 -0.82 6.05 -1.20
CA LEU A 20 -1.73 5.06 -1.76
C LEU A 20 -3.15 5.28 -1.24
N GLU A 21 -3.27 5.72 0.00
CA GLU A 21 -4.57 5.97 0.61
C GLU A 21 -5.37 6.98 -0.23
N GLN A 22 -4.75 8.11 -0.53
CA GLN A 22 -5.40 9.15 -1.32
C GLN A 22 -5.39 8.79 -2.81
N LEU A 23 -4.27 8.27 -3.29
CA LEU A 23 -4.14 7.89 -4.68
C LEU A 23 -5.38 7.15 -5.17
N LEU A 24 -5.99 6.39 -4.26
CA LEU A 24 -7.20 5.63 -4.59
C LEU A 24 -8.43 6.53 -4.61
N ASP A 25 -8.43 7.53 -3.74
CA ASP A 25 -9.54 8.47 -3.66
C ASP A 25 -9.18 9.81 -4.30
N GLY A 26 -9.75 10.06 -5.47
CA GLY A 26 -9.48 11.31 -6.17
C GLY A 26 -9.99 11.30 -7.59
N PRO A 27 -10.14 12.50 -8.18
CA PRO A 27 -10.63 12.65 -9.55
C PRO A 27 -9.62 12.16 -10.59
N GLU A 28 -8.35 12.44 -10.34
CA GLU A 28 -7.29 12.02 -11.26
C GLU A 28 -7.18 10.50 -11.30
N ALA A 29 -7.29 9.87 -10.14
CA ALA A 29 -7.20 8.42 -10.04
C ALA A 29 -8.21 7.74 -10.96
N GLN A 30 -7.75 7.38 -12.16
CA GLN A 30 -8.61 6.74 -13.14
C GLN A 30 -9.34 5.53 -12.53
N GLY A 31 -8.70 4.93 -11.52
CA GLY A 31 -9.30 3.78 -10.87
C GLY A 31 -10.02 4.15 -9.58
N SER A 32 -10.00 3.25 -8.61
CA SER A 32 -10.65 3.48 -7.33
C SER A 32 -10.38 2.34 -6.36
N TRP A 33 -10.85 2.50 -5.13
CA TRP A 33 -10.64 1.48 -4.10
C TRP A 33 -11.82 0.52 -4.06
N ALA A 34 -13.03 1.05 -4.13
CA ALA A 34 -14.23 0.23 -4.10
C ALA A 34 -14.04 -1.06 -4.86
N GLU A 35 -13.86 -0.96 -6.17
CA GLU A 35 -13.65 -2.13 -7.02
C GLU A 35 -12.45 -2.94 -6.55
N LEU A 36 -11.33 -2.25 -6.32
CA LEU A 36 -10.11 -2.91 -5.87
C LEU A 36 -10.41 -3.89 -4.75
N ALA A 37 -11.09 -3.42 -3.71
CA ALA A 37 -11.45 -4.27 -2.58
C ALA A 37 -11.99 -5.61 -3.04
N GLU A 38 -13.01 -5.58 -3.88
CA GLU A 38 -13.62 -6.79 -4.41
C GLU A 38 -12.57 -7.74 -4.97
N ARG A 39 -11.69 -7.20 -5.82
CA ARG A 39 -10.63 -8.00 -6.42
C ARG A 39 -9.80 -8.69 -5.36
N LEU A 40 -9.68 -8.06 -4.20
CA LEU A 40 -8.90 -8.62 -3.10
C LEU A 40 -9.73 -9.62 -2.30
N GLY A 41 -11.03 -9.33 -2.16
CA GLY A 41 -11.91 -10.21 -1.43
C GLY A 41 -12.62 -9.50 -0.29
N LEU A 42 -12.56 -8.18 -0.29
CA LEU A 42 -13.20 -7.38 0.75
C LEU A 42 -14.39 -6.60 0.18
N ARG A 43 -15.27 -7.30 -0.53
CA ARG A 43 -16.44 -6.68 -1.13
C ARG A 43 -17.53 -6.44 -0.07
N SER A 44 -17.67 -7.40 0.85
CA SER A 44 -18.67 -7.29 1.91
C SER A 44 -18.29 -6.19 2.90
N LEU A 45 -17.07 -5.68 2.78
CA LEU A 45 -16.60 -4.63 3.67
C LEU A 45 -16.63 -3.27 2.96
N VAL A 46 -16.96 -3.29 1.67
CA VAL A 46 -17.03 -2.07 0.88
C VAL A 46 -18.08 -1.11 1.45
N ASP A 47 -19.29 -1.61 1.64
CA ASP A 47 -20.37 -0.81 2.18
C ASP A 47 -19.98 -0.18 3.52
N THR A 48 -19.15 -0.89 4.27
CA THR A 48 -18.70 -0.41 5.57
C THR A 48 -17.67 0.70 5.42
N TYR A 49 -16.73 0.51 4.49
CA TYR A 49 -15.69 1.50 4.25
C TYR A 49 -16.28 2.79 3.72
N ARG A 50 -16.94 2.71 2.57
CA ARG A 50 -17.56 3.88 1.95
C ARG A 50 -18.34 4.70 2.98
N GLN A 51 -18.71 4.05 4.08
CA GLN A 51 -19.45 4.72 5.14
C GLN A 51 -18.53 5.60 5.98
N THR A 52 -17.45 5.01 6.49
CA THR A 52 -16.49 5.72 7.31
C THR A 52 -16.01 6.99 6.61
N THR A 53 -15.12 7.72 7.27
CA THR A 53 -14.58 8.95 6.71
C THR A 53 -13.37 8.68 5.83
N SER A 54 -12.47 7.83 6.33
CA SER A 54 -11.26 7.49 5.59
C SER A 54 -11.24 6.00 5.24
N PRO A 55 -12.02 5.62 4.22
CA PRO A 55 -12.11 4.24 3.76
C PRO A 55 -10.84 3.76 3.09
N SER A 56 -9.84 4.63 3.04
CA SER A 56 -8.56 4.30 2.42
C SER A 56 -7.69 3.47 3.37
N GLY A 57 -7.51 3.97 4.58
CA GLY A 57 -6.72 3.26 5.57
C GLY A 57 -7.36 1.97 6.03
N SER A 58 -8.56 2.08 6.60
CA SER A 58 -9.29 0.92 7.10
C SER A 58 -9.30 -0.19 6.05
N LEU A 59 -9.09 0.18 4.80
CA LEU A 59 -9.07 -0.79 3.70
C LEU A 59 -7.76 -1.56 3.68
N LEU A 60 -6.68 -0.85 3.38
CA LEU A 60 -5.35 -1.46 3.32
C LEU A 60 -5.02 -2.16 4.63
N ARG A 61 -5.10 -1.42 5.73
CA ARG A 61 -4.80 -1.98 7.05
C ARG A 61 -5.59 -3.27 7.28
N SER A 62 -6.63 -3.47 6.49
CA SER A 62 -7.46 -4.67 6.61
C SER A 62 -7.03 -5.73 5.60
N TYR A 63 -6.61 -5.29 4.43
CA TYR A 63 -6.19 -6.19 3.38
C TYR A 63 -5.05 -7.08 3.86
N GLU A 64 -4.23 -6.56 4.77
CA GLU A 64 -3.11 -7.31 5.32
C GLU A 64 -3.58 -8.28 6.40
N LEU A 65 -4.53 -7.83 7.21
CA LEU A 65 -5.07 -8.67 8.28
C LEU A 65 -5.51 -10.03 7.75
N ALA A 66 -5.97 -10.05 6.50
CA ALA A 66 -6.42 -11.28 5.87
C ALA A 66 -5.23 -12.16 5.48
N GLY A 67 -4.08 -11.53 5.28
CA GLY A 67 -2.89 -12.28 4.90
C GLY A 67 -2.45 -11.98 3.48
N GLY A 68 -2.71 -10.75 3.02
CA GLY A 68 -2.33 -10.37 1.68
C GLY A 68 -0.98 -9.70 1.63
N ASP A 69 -0.34 -9.74 0.46
CA ASP A 69 0.97 -9.12 0.28
C ASP A 69 0.92 -8.04 -0.79
N LEU A 70 2.09 -7.48 -1.09
CA LEU A 70 2.18 -6.43 -2.10
C LEU A 70 1.68 -6.93 -3.46
N ALA A 71 2.36 -7.93 -4.00
CA ALA A 71 1.98 -8.50 -5.29
C ALA A 71 0.47 -8.62 -5.42
N GLY A 72 -0.17 -9.18 -4.39
CA GLY A 72 -1.61 -9.34 -4.40
C GLY A 72 -2.33 -8.05 -4.74
N LEU A 73 -1.94 -6.97 -4.09
CA LEU A 73 -2.56 -5.66 -4.33
C LEU A 73 -2.12 -5.09 -5.67
N LEU A 74 -0.89 -5.40 -6.07
CA LEU A 74 -0.34 -4.90 -7.33
C LEU A 74 -1.03 -5.58 -8.51
N GLU A 75 -1.53 -6.78 -8.29
CA GLU A 75 -2.22 -7.53 -9.34
C GLU A 75 -3.61 -6.95 -9.60
N ALA A 76 -4.28 -6.54 -8.52
CA ALA A 76 -5.62 -5.96 -8.63
C ALA A 76 -5.55 -4.54 -9.20
N LEU A 77 -4.72 -3.70 -8.59
CA LEU A 77 -4.58 -2.31 -9.03
C LEU A 77 -4.32 -2.25 -10.53
N SER A 78 -3.34 -3.02 -11.00
CA SER A 78 -2.99 -3.04 -12.41
C SER A 78 -4.22 -3.35 -13.27
N ASP A 79 -4.84 -4.50 -13.02
CA ASP A 79 -6.02 -4.90 -13.76
C ASP A 79 -7.04 -3.76 -13.85
N MET A 80 -7.09 -2.95 -12.79
CA MET A 80 -8.02 -1.82 -12.75
C MET A 80 -7.53 -0.68 -13.63
N GLY A 81 -6.22 -0.45 -13.63
CA GLY A 81 -5.65 0.60 -14.44
C GLY A 81 -4.86 1.60 -13.62
N LEU A 82 -4.77 1.35 -12.32
CA LEU A 82 -4.03 2.24 -11.42
C LEU A 82 -2.55 1.93 -11.43
N GLU A 83 -1.91 2.12 -12.58
CA GLU A 83 -0.48 1.86 -12.72
C GLU A 83 0.32 2.64 -11.68
N GLU A 84 -0.22 3.78 -11.26
CA GLU A 84 0.45 4.61 -10.27
C GLU A 84 0.54 3.90 -8.92
N GLY A 85 -0.61 3.63 -8.32
CA GLY A 85 -0.63 2.96 -7.04
C GLY A 85 0.25 1.72 -7.01
N VAL A 86 0.59 1.22 -8.20
CA VAL A 86 1.44 0.04 -8.30
C VAL A 86 2.92 0.41 -8.22
N ARG A 87 3.40 1.09 -9.26
CA ARG A 87 4.81 1.50 -9.31
C ARG A 87 5.22 2.13 -7.99
N LEU A 88 4.25 2.60 -7.21
CA LEU A 88 4.51 3.23 -5.93
C LEU A 88 4.79 2.18 -4.86
N LEU A 89 3.83 1.29 -4.64
CA LEU A 89 3.97 0.22 -3.65
C LEU A 89 5.26 -0.57 -3.88
N ARG A 90 5.46 -1.01 -5.12
CA ARG A 90 6.64 -1.77 -5.47
C ARG A 90 7.87 -0.87 -5.60
N GLY A 91 7.66 0.33 -6.13
CA GLY A 91 8.76 1.27 -6.30
C GLY A 91 10.07 0.58 -6.60
N PRO A 92 10.88 0.36 -5.55
CA PRO A 92 12.18 -0.30 -5.68
C PRO A 92 12.06 -1.78 -6.03
N GLU A 93 13.17 -2.38 -6.43
CA GLU A 93 13.18 -3.79 -6.79
C GLU A 93 13.46 -4.66 -5.57
N THR A 94 14.59 -4.42 -4.93
CA THR A 94 14.98 -5.18 -3.74
C THR A 94 15.26 -4.26 -2.55
N ARG A 95 15.28 -4.83 -1.36
CA ARG A 95 15.53 -4.06 -0.16
C ARG A 95 17.03 -3.89 0.09
N ASP A 96 17.49 -2.65 0.16
CA ASP A 96 18.90 -2.36 0.38
C ASP A 96 19.50 -3.34 1.38
N LYS A 97 20.55 -4.03 0.97
CA LYS A 97 21.22 -5.00 1.82
C LYS A 97 22.38 -4.35 2.57
N LEU A 98 22.40 -4.52 3.89
CA LEU A 98 23.45 -3.96 4.72
C LEU A 98 24.79 -3.98 3.99
N PRO A 99 25.58 -2.90 4.16
CA PRO A 99 26.89 -2.77 3.53
C PRO A 99 27.91 -3.74 4.12
N SER A 100 28.03 -3.74 5.45
CA SER A 100 28.97 -4.61 6.14
C SER A 100 28.62 -4.72 7.62
N THR A 101 29.21 -5.71 8.28
CA THR A 101 28.96 -5.92 9.70
C THR A 101 29.44 -4.74 10.54
N GLU A 102 30.62 -4.24 10.22
CA GLU A 102 31.19 -3.10 10.93
C GLU A 102 32.47 -2.61 10.26
N VAL A 103 32.78 -1.34 10.46
CA VAL A 103 33.98 -0.74 9.87
C VAL A 103 35.13 -1.75 9.85
N SER A 104 36.03 -1.58 8.88
CA SER A 104 37.18 -2.47 8.74
C SER A 104 38.12 -2.33 9.93
N GLY A 105 38.62 -3.45 10.42
CA GLY A 105 39.54 -3.43 11.56
C GLY A 105 40.59 -4.50 11.48
N PRO A 106 41.40 -4.63 12.54
CA PRO A 106 42.48 -5.63 12.60
C PRO A 106 41.93 -7.04 12.75
N SER A 107 42.84 -8.03 12.72
CA SER A 107 42.45 -9.41 12.84
C SER A 107 43.04 -10.04 14.10
N SER A 108 42.68 -11.30 14.37
CA SER A 108 43.16 -12.00 15.54
C SER A 108 44.07 -13.16 15.14
N GLY A 109 44.64 -13.84 16.14
CA GLY A 109 45.52 -14.96 15.88
C GLY A 109 46.82 -14.53 15.21
N GLY A 1 7.65 -15.29 -8.67
CA GLY A 1 6.48 -15.82 -7.97
C GLY A 1 6.67 -15.83 -6.46
N SER A 2 7.69 -16.52 -5.99
CA SER A 2 7.97 -16.61 -4.57
C SER A 2 8.33 -15.25 -3.99
N SER A 3 8.24 -15.12 -2.67
CA SER A 3 8.55 -13.87 -2.00
C SER A 3 8.87 -14.09 -0.54
N GLY A 4 9.87 -13.36 -0.03
CA GLY A 4 10.26 -13.51 1.36
C GLY A 4 10.51 -12.18 2.03
N SER A 5 9.79 -11.92 3.13
CA SER A 5 9.93 -10.67 3.86
C SER A 5 9.44 -10.82 5.30
N SER A 6 10.36 -10.67 6.25
CA SER A 6 10.02 -10.79 7.66
C SER A 6 9.20 -9.59 8.13
N GLY A 7 8.49 -9.77 9.24
CA GLY A 7 7.67 -8.70 9.78
C GLY A 7 6.23 -9.10 9.94
N PRO A 8 5.60 -8.65 11.04
CA PRO A 8 4.19 -8.94 11.34
C PRO A 8 3.24 -8.24 10.38
N GLY A 9 3.41 -6.94 10.24
CA GLY A 9 2.55 -6.17 9.35
C GLY A 9 3.07 -6.15 7.92
N LEU A 10 2.55 -5.21 7.14
CA LEU A 10 2.96 -5.08 5.74
C LEU A 10 4.38 -4.52 5.63
N SER A 11 5.17 -5.08 4.72
CA SER A 11 6.55 -4.64 4.52
C SER A 11 6.59 -3.34 3.74
N LEU A 12 5.77 -2.38 4.15
CA LEU A 12 5.71 -1.08 3.49
C LEU A 12 6.02 0.05 4.47
N GLY A 13 6.01 1.28 3.97
CA GLY A 13 6.29 2.43 4.82
C GLY A 13 5.08 3.34 4.97
N ASP A 14 4.89 3.87 6.17
CA ASP A 14 3.76 4.77 6.43
C ASP A 14 3.47 5.64 5.22
N THR A 15 4.49 6.31 4.71
CA THR A 15 4.34 7.17 3.55
C THR A 15 3.64 6.45 2.41
N ALA A 16 4.20 5.33 1.98
CA ALA A 16 3.62 4.55 0.90
C ALA A 16 2.11 4.44 1.05
N LEU A 17 1.66 4.00 2.21
CA LEU A 17 0.24 3.86 2.49
C LEU A 17 -0.50 5.18 2.29
N GLN A 18 -0.11 6.20 3.06
CA GLN A 18 -0.74 7.51 2.96
C GLN A 18 -0.94 7.90 1.50
N ASN A 19 0.10 7.72 0.69
CA ASN A 19 0.03 8.06 -0.73
C ASN A 19 -1.07 7.27 -1.43
N LEU A 20 -0.91 5.95 -1.46
CA LEU A 20 -1.90 5.09 -2.11
C LEU A 20 -3.32 5.51 -1.74
N GLU A 21 -3.58 5.61 -0.44
CA GLU A 21 -4.90 6.01 0.04
C GLU A 21 -5.44 7.18 -0.77
N GLN A 22 -4.61 8.20 -0.96
CA GLN A 22 -5.00 9.38 -1.72
C GLN A 22 -5.18 9.06 -3.20
N LEU A 23 -4.20 8.34 -3.76
CA LEU A 23 -4.26 7.96 -5.16
C LEU A 23 -5.65 7.48 -5.54
N LEU A 24 -6.18 6.55 -4.76
CA LEU A 24 -7.52 6.01 -5.02
C LEU A 24 -8.59 7.08 -4.86
N ASP A 25 -8.35 8.01 -3.94
CA ASP A 25 -9.30 9.10 -3.70
C ASP A 25 -8.93 10.33 -4.52
N GLY A 26 -9.75 10.61 -5.53
CA GLY A 26 -9.49 11.76 -6.39
C GLY A 26 -10.17 11.64 -7.74
N PRO A 27 -10.39 12.79 -8.40
CA PRO A 27 -11.05 12.84 -9.71
C PRO A 27 -10.16 12.26 -10.81
N GLU A 28 -8.91 12.70 -10.85
CA GLU A 28 -7.96 12.22 -11.86
C GLU A 28 -7.78 10.71 -11.75
N ALA A 29 -7.74 10.20 -10.54
CA ALA A 29 -7.57 8.77 -10.31
C ALA A 29 -8.25 7.95 -11.39
N GLN A 30 -7.45 7.27 -12.21
CA GLN A 30 -7.98 6.45 -13.28
C GLN A 30 -8.45 5.10 -12.77
N GLY A 31 -9.12 5.12 -11.61
CA GLY A 31 -9.62 3.88 -11.02
C GLY A 31 -10.50 4.12 -9.82
N SER A 32 -10.37 3.26 -8.82
CA SER A 32 -11.17 3.39 -7.60
C SER A 32 -10.75 2.35 -6.57
N TRP A 33 -11.15 2.57 -5.32
CA TRP A 33 -10.81 1.64 -4.24
C TRP A 33 -11.91 0.60 -4.05
N ALA A 34 -13.16 1.06 -4.12
CA ALA A 34 -14.31 0.16 -3.95
C ALA A 34 -14.14 -1.11 -4.78
N GLU A 35 -13.94 -0.93 -6.09
CA GLU A 35 -13.77 -2.07 -6.98
C GLU A 35 -12.57 -2.92 -6.57
N LEU A 36 -11.46 -2.26 -6.26
CA LEU A 36 -10.25 -2.95 -5.85
C LEU A 36 -10.56 -3.98 -4.76
N ALA A 37 -11.21 -3.53 -3.69
CA ALA A 37 -11.57 -4.41 -2.59
C ALA A 37 -12.13 -5.72 -3.10
N GLU A 38 -13.07 -5.65 -4.03
CA GLU A 38 -13.70 -6.83 -4.60
C GLU A 38 -12.64 -7.76 -5.19
N ARG A 39 -11.72 -7.20 -5.96
CA ARG A 39 -10.67 -7.98 -6.59
C ARG A 39 -9.92 -8.82 -5.55
N LEU A 40 -9.63 -8.20 -4.41
CA LEU A 40 -8.92 -8.89 -3.34
C LEU A 40 -9.86 -9.81 -2.56
N GLY A 41 -11.13 -9.41 -2.47
CA GLY A 41 -12.11 -10.20 -1.76
C GLY A 41 -12.65 -9.49 -0.54
N LEU A 42 -12.34 -8.20 -0.42
CA LEU A 42 -12.81 -7.40 0.71
C LEU A 42 -14.00 -6.55 0.31
N ARG A 43 -14.91 -7.13 -0.46
CA ARG A 43 -16.10 -6.42 -0.91
C ARG A 43 -17.09 -6.24 0.24
N SER A 44 -17.33 -7.32 0.98
CA SER A 44 -18.26 -7.28 2.10
C SER A 44 -17.94 -6.12 3.04
N LEU A 45 -16.67 -5.72 3.06
CA LEU A 45 -16.23 -4.62 3.91
C LEU A 45 -16.51 -3.28 3.24
N VAL A 46 -16.59 -3.29 1.92
CA VAL A 46 -16.86 -2.07 1.16
C VAL A 46 -17.80 -1.14 1.94
N ASP A 47 -18.92 -1.68 2.38
CA ASP A 47 -19.91 -0.91 3.13
C ASP A 47 -19.27 -0.28 4.37
N THR A 48 -18.64 -1.12 5.19
CA THR A 48 -18.00 -0.64 6.41
C THR A 48 -17.00 0.47 6.11
N TYR A 49 -16.40 0.42 4.91
CA TYR A 49 -15.43 1.41 4.50
C TYR A 49 -16.11 2.70 4.07
N ARG A 50 -16.80 2.64 2.93
CA ARG A 50 -17.50 3.81 2.40
C ARG A 50 -18.18 4.59 3.52
N GLN A 51 -18.50 3.90 4.60
CA GLN A 51 -19.15 4.53 5.75
C GLN A 51 -18.30 5.66 6.31
N THR A 52 -17.17 5.30 6.93
CA THR A 52 -16.27 6.29 7.49
C THR A 52 -15.88 7.35 6.46
N THR A 53 -15.14 8.36 6.92
CA THR A 53 -14.70 9.43 6.04
C THR A 53 -13.43 9.05 5.30
N SER A 54 -12.48 8.47 6.03
CA SER A 54 -11.21 8.06 5.45
C SER A 54 -11.11 6.54 5.37
N PRO A 55 -11.88 5.95 4.44
CA PRO A 55 -11.90 4.50 4.24
C PRO A 55 -10.60 3.99 3.62
N SER A 56 -10.04 4.77 2.70
CA SER A 56 -8.80 4.38 2.05
C SER A 56 -7.87 3.65 3.01
N GLY A 57 -7.71 4.20 4.20
CA GLY A 57 -6.85 3.59 5.19
C GLY A 57 -7.37 2.24 5.65
N SER A 58 -8.55 2.23 6.26
CA SER A 58 -9.14 1.00 6.75
C SER A 58 -9.07 -0.10 5.70
N LEU A 59 -9.32 0.28 4.45
CA LEU A 59 -9.29 -0.68 3.34
C LEU A 59 -8.01 -1.52 3.39
N LEU A 60 -6.86 -0.86 3.26
CA LEU A 60 -5.58 -1.54 3.29
C LEU A 60 -5.29 -2.09 4.69
N ARG A 61 -5.47 -1.25 5.70
CA ARG A 61 -5.23 -1.64 7.08
C ARG A 61 -5.77 -3.04 7.35
N SER A 62 -6.80 -3.43 6.61
CA SER A 62 -7.41 -4.74 6.77
C SER A 62 -6.80 -5.74 5.79
N TYR A 63 -6.47 -5.26 4.60
CA TYR A 63 -5.88 -6.12 3.57
C TYR A 63 -4.72 -6.92 4.13
N GLU A 64 -4.03 -6.35 5.12
CA GLU A 64 -2.90 -7.02 5.74
C GLU A 64 -3.36 -8.00 6.81
N LEU A 65 -4.41 -7.63 7.54
CA LEU A 65 -4.95 -8.47 8.59
C LEU A 65 -5.50 -9.78 8.02
N ALA A 66 -6.20 -9.67 6.89
CA ALA A 66 -6.77 -10.85 6.24
C ALA A 66 -5.69 -11.82 5.81
N GLY A 67 -4.52 -11.29 5.47
CA GLY A 67 -3.42 -12.13 5.04
C GLY A 67 -3.03 -11.90 3.59
N GLY A 68 -3.03 -10.63 3.18
CA GLY A 68 -2.68 -10.29 1.82
C GLY A 68 -1.24 -9.84 1.69
N ASP A 69 -0.75 -9.75 0.45
CA ASP A 69 0.61 -9.33 0.20
C ASP A 69 0.67 -8.31 -0.94
N LEU A 70 1.61 -7.38 -0.85
CA LEU A 70 1.77 -6.35 -1.88
C LEU A 70 1.43 -6.89 -3.26
N ALA A 71 2.09 -7.99 -3.63
CA ALA A 71 1.86 -8.62 -4.92
C ALA A 71 0.38 -8.63 -5.28
N GLY A 72 -0.41 -9.37 -4.49
CA GLY A 72 -1.83 -9.46 -4.74
C GLY A 72 -2.46 -8.09 -4.97
N LEU A 73 -1.96 -7.08 -4.26
CA LEU A 73 -2.49 -5.73 -4.39
C LEU A 73 -2.05 -5.10 -5.71
N LEU A 74 -0.82 -5.39 -6.12
CA LEU A 74 -0.28 -4.86 -7.37
C LEU A 74 -1.03 -5.41 -8.57
N GLU A 75 -1.26 -6.72 -8.55
CA GLU A 75 -1.98 -7.38 -9.65
C GLU A 75 -3.39 -6.82 -9.79
N ALA A 76 -4.02 -6.54 -8.65
CA ALA A 76 -5.37 -5.99 -8.64
C ALA A 76 -5.41 -4.59 -9.24
N LEU A 77 -4.60 -3.69 -8.70
CA LEU A 77 -4.54 -2.32 -9.18
C LEU A 77 -4.35 -2.28 -10.69
N SER A 78 -3.29 -2.93 -11.16
CA SER A 78 -2.98 -2.97 -12.59
C SER A 78 -4.21 -3.34 -13.40
N ASP A 79 -4.79 -4.51 -13.09
CA ASP A 79 -5.98 -4.99 -13.79
C ASP A 79 -6.99 -3.87 -13.96
N MET A 80 -7.19 -3.08 -12.91
CA MET A 80 -8.13 -1.97 -12.95
C MET A 80 -7.59 -0.83 -13.81
N GLY A 81 -6.28 -0.58 -13.70
CA GLY A 81 -5.67 0.49 -14.47
C GLY A 81 -4.71 1.32 -13.64
N LEU A 82 -5.01 1.46 -12.35
CA LEU A 82 -4.18 2.23 -11.45
C LEU A 82 -2.70 1.84 -11.59
N GLU A 83 -1.98 2.57 -12.44
CA GLU A 83 -0.57 2.30 -12.66
C GLU A 83 0.29 2.93 -11.57
N GLU A 84 0.18 4.24 -11.42
CA GLU A 84 0.94 4.96 -10.41
C GLU A 84 1.09 4.12 -9.14
N GLY A 85 -0.03 3.68 -8.60
CA GLY A 85 0.01 2.87 -7.38
C GLY A 85 0.95 1.68 -7.51
N VAL A 86 0.92 1.03 -8.66
CA VAL A 86 1.77 -0.12 -8.91
C VAL A 86 3.24 0.22 -8.72
N ARG A 87 3.66 1.33 -9.33
CA ARG A 87 5.05 1.77 -9.23
C ARG A 87 5.38 2.20 -7.80
N LEU A 88 4.48 2.95 -7.19
CA LEU A 88 4.67 3.43 -5.83
C LEU A 88 4.84 2.26 -4.87
N LEU A 89 3.85 1.39 -4.81
CA LEU A 89 3.89 0.23 -3.93
C LEU A 89 5.18 -0.55 -4.11
N ARG A 90 5.53 -0.83 -5.36
CA ARG A 90 6.75 -1.56 -5.67
C ARG A 90 7.97 -0.84 -5.12
N GLY A 91 8.05 0.46 -5.38
CA GLY A 91 9.17 1.25 -4.91
C GLY A 91 9.95 1.89 -6.04
N PRO A 92 10.47 3.10 -5.79
CA PRO A 92 11.25 3.85 -6.79
C PRO A 92 12.60 3.20 -7.07
N GLU A 93 12.87 2.92 -8.34
CA GLU A 93 14.13 2.31 -8.73
C GLU A 93 15.16 3.36 -9.10
N THR A 94 15.98 3.76 -8.12
CA THR A 94 17.00 4.77 -8.35
C THR A 94 18.40 4.20 -8.10
N ARG A 95 19.27 4.33 -9.10
CA ARG A 95 20.63 3.83 -8.99
C ARG A 95 21.58 4.93 -8.53
N ASP A 96 22.32 4.66 -7.45
CA ASP A 96 23.26 5.62 -6.91
C ASP A 96 24.39 4.92 -6.16
N LYS A 97 25.36 5.70 -5.69
CA LYS A 97 26.49 5.14 -4.95
C LYS A 97 26.89 6.06 -3.80
N LEU A 98 27.62 5.50 -2.84
CA LEU A 98 28.05 6.28 -1.68
C LEU A 98 29.58 6.23 -1.54
N PRO A 99 30.20 7.40 -1.32
CA PRO A 99 31.65 7.51 -1.17
C PRO A 99 32.14 6.90 0.14
N SER A 100 32.63 5.67 0.06
CA SER A 100 33.13 4.97 1.24
C SER A 100 34.58 4.55 1.05
N THR A 101 35.46 5.05 1.90
CA THR A 101 36.88 4.73 1.83
C THR A 101 37.57 4.93 3.17
N GLU A 102 38.67 4.23 3.38
CA GLU A 102 39.42 4.35 4.63
C GLU A 102 39.84 5.79 4.89
N VAL A 103 39.39 6.34 6.01
CA VAL A 103 39.72 7.71 6.37
C VAL A 103 40.43 7.77 7.71
N SER A 104 41.36 8.71 7.84
CA SER A 104 42.12 8.88 9.07
C SER A 104 42.40 10.35 9.36
N GLY A 105 42.78 10.65 10.59
CA GLY A 105 43.08 12.02 10.96
C GLY A 105 44.55 12.23 11.26
N PRO A 106 45.04 13.45 10.98
CA PRO A 106 46.44 13.82 11.22
C PRO A 106 46.77 13.92 12.70
N SER A 107 48.03 14.21 12.99
CA SER A 107 48.49 14.33 14.38
C SER A 107 48.88 15.77 14.70
N SER A 108 49.65 16.38 13.80
CA SER A 108 50.10 17.75 13.99
C SER A 108 48.93 18.68 14.27
N GLY A 109 49.07 19.51 15.31
CA GLY A 109 48.01 20.44 15.67
C GLY A 109 46.64 19.85 15.46
N GLY A 1 7.85 -21.66 0.53
CA GLY A 1 7.79 -22.55 1.67
C GLY A 1 6.68 -22.18 2.64
N SER A 2 6.82 -22.59 3.90
CA SER A 2 5.83 -22.30 4.92
C SER A 2 5.25 -20.91 4.73
N SER A 3 3.93 -20.80 4.83
CA SER A 3 3.25 -19.52 4.68
C SER A 3 3.05 -18.84 6.02
N GLY A 4 3.20 -17.52 6.05
CA GLY A 4 3.03 -16.77 7.29
C GLY A 4 2.88 -15.28 7.04
N SER A 5 3.74 -14.49 7.66
CA SER A 5 3.70 -13.04 7.52
C SER A 5 5.00 -12.40 7.99
N SER A 6 5.14 -11.10 7.77
CA SER A 6 6.34 -10.37 8.17
C SER A 6 5.97 -9.14 8.99
N GLY A 7 5.57 -9.37 10.24
CA GLY A 7 5.19 -8.27 11.12
C GLY A 7 3.70 -8.03 11.13
N PRO A 8 3.23 -7.27 12.13
CA PRO A 8 1.81 -6.95 12.28
C PRO A 8 1.32 -5.98 11.20
N GLY A 9 2.17 -5.04 10.82
CA GLY A 9 1.82 -4.08 9.80
C GLY A 9 2.47 -4.38 8.46
N LEU A 10 1.82 -3.95 7.38
CA LEU A 10 2.34 -4.17 6.04
C LEU A 10 3.72 -3.54 5.87
N SER A 11 4.64 -4.29 5.28
CA SER A 11 6.00 -3.80 5.07
C SER A 11 6.00 -2.31 4.72
N LEU A 12 4.93 -1.87 4.06
CA LEU A 12 4.80 -0.46 3.69
C LEU A 12 5.15 0.46 4.85
N GLY A 13 5.54 1.69 4.53
CA GLY A 13 5.89 2.65 5.57
C GLY A 13 4.75 3.59 5.89
N ASP A 14 5.10 4.78 6.39
CA ASP A 14 4.10 5.78 6.74
C ASP A 14 3.70 6.60 5.52
N THR A 15 4.65 6.79 4.61
CA THR A 15 4.40 7.55 3.39
C THR A 15 3.57 6.75 2.40
N ALA A 16 3.92 5.48 2.22
CA ALA A 16 3.21 4.61 1.30
C ALA A 16 1.70 4.68 1.53
N LEU A 17 1.30 4.79 2.80
CA LEU A 17 -0.11 4.86 3.14
C LEU A 17 -0.69 6.22 2.76
N GLN A 18 -0.02 7.29 3.17
CA GLN A 18 -0.47 8.64 2.86
C GLN A 18 -0.51 8.87 1.35
N ASN A 19 0.32 8.13 0.62
CA ASN A 19 0.39 8.25 -0.83
C ASN A 19 -0.74 7.48 -1.49
N LEU A 20 -0.82 6.18 -1.20
CA LEU A 20 -1.86 5.33 -1.77
C LEU A 20 -3.25 5.80 -1.33
N GLU A 21 -3.39 6.09 -0.05
CA GLU A 21 -4.67 6.55 0.50
C GLU A 21 -5.30 7.60 -0.41
N GLN A 22 -4.45 8.37 -1.09
CA GLN A 22 -4.93 9.41 -1.99
C GLN A 22 -5.06 8.89 -3.40
N LEU A 23 -4.07 8.14 -3.86
CA LEU A 23 -4.08 7.58 -5.20
C LEU A 23 -5.47 7.05 -5.56
N LEU A 24 -6.21 6.62 -4.55
CA LEU A 24 -7.55 6.09 -4.75
C LEU A 24 -8.61 7.16 -4.47
N ASP A 25 -8.28 8.08 -3.57
CA ASP A 25 -9.19 9.16 -3.21
C ASP A 25 -8.90 10.42 -4.02
N GLY A 26 -9.74 10.68 -5.02
CA GLY A 26 -9.55 11.86 -5.85
C GLY A 26 -10.08 11.65 -7.26
N PRO A 27 -10.20 12.75 -8.02
CA PRO A 27 -10.69 12.71 -9.40
C PRO A 27 -9.70 12.06 -10.35
N GLU A 28 -8.43 12.42 -10.21
CA GLU A 28 -7.38 11.86 -11.06
C GLU A 28 -7.32 10.35 -10.92
N ALA A 29 -7.56 9.85 -9.71
CA ALA A 29 -7.54 8.42 -9.44
C ALA A 29 -8.02 7.63 -10.66
N GLN A 30 -7.11 6.87 -11.27
CA GLN A 30 -7.45 6.06 -12.43
C GLN A 30 -8.10 4.75 -12.02
N GLY A 31 -8.94 4.81 -10.99
CA GLY A 31 -9.62 3.61 -10.52
C GLY A 31 -10.55 3.90 -9.36
N SER A 32 -10.45 3.09 -8.31
CA SER A 32 -11.29 3.26 -7.13
C SER A 32 -10.88 2.30 -6.02
N TRP A 33 -11.26 2.61 -4.80
CA TRP A 33 -10.93 1.78 -3.65
C TRP A 33 -11.94 0.63 -3.50
N ALA A 34 -13.20 0.93 -3.82
CA ALA A 34 -14.25 -0.08 -3.72
C ALA A 34 -13.98 -1.25 -4.66
N GLU A 35 -14.10 -1.00 -5.96
CA GLU A 35 -13.86 -2.03 -6.96
C GLU A 35 -12.64 -2.87 -6.60
N LEU A 36 -11.61 -2.21 -6.10
CA LEU A 36 -10.37 -2.89 -5.71
C LEU A 36 -10.63 -3.89 -4.58
N ALA A 37 -11.39 -3.46 -3.59
CA ALA A 37 -11.71 -4.32 -2.45
C ALA A 37 -12.29 -5.64 -2.91
N GLU A 38 -13.05 -5.61 -4.01
CA GLU A 38 -13.67 -6.82 -4.55
C GLU A 38 -12.60 -7.77 -5.09
N ARG A 39 -11.78 -7.27 -6.01
CA ARG A 39 -10.73 -8.08 -6.61
C ARG A 39 -9.90 -8.78 -5.53
N LEU A 40 -9.72 -8.11 -4.40
CA LEU A 40 -8.94 -8.66 -3.29
C LEU A 40 -9.77 -9.69 -2.52
N GLY A 41 -11.09 -9.55 -2.58
CA GLY A 41 -11.96 -10.49 -1.88
C GLY A 41 -12.67 -9.85 -0.71
N LEU A 42 -12.44 -8.56 -0.52
CA LEU A 42 -13.07 -7.82 0.59
C LEU A 42 -14.26 -7.02 0.09
N ARG A 43 -15.12 -7.64 -0.71
CA ARG A 43 -16.29 -6.98 -1.25
C ARG A 43 -17.36 -6.80 -0.17
N SER A 44 -17.31 -7.66 0.84
CA SER A 44 -18.27 -7.60 1.94
C SER A 44 -17.95 -6.45 2.89
N LEU A 45 -16.66 -6.13 3.01
CA LEU A 45 -16.22 -5.05 3.87
C LEU A 45 -16.35 -3.70 3.18
N VAL A 46 -16.72 -3.73 1.90
CA VAL A 46 -16.88 -2.51 1.12
C VAL A 46 -17.83 -1.53 1.81
N ASP A 47 -18.94 -2.06 2.32
CA ASP A 47 -19.93 -1.24 3.01
C ASP A 47 -19.38 -0.73 4.34
N THR A 48 -18.82 -1.65 5.14
CA THR A 48 -18.26 -1.31 6.43
C THR A 48 -17.33 -0.10 6.33
N TYR A 49 -16.52 -0.09 5.28
CA TYR A 49 -15.57 1.01 5.07
C TYR A 49 -16.30 2.32 4.87
N ARG A 50 -17.47 2.26 4.24
CA ARG A 50 -18.27 3.46 4.00
C ARG A 50 -18.36 4.32 5.26
N GLN A 51 -18.26 3.67 6.42
CA GLN A 51 -18.34 4.38 7.69
C GLN A 51 -17.56 5.69 7.63
N THR A 52 -16.53 5.72 6.80
CA THR A 52 -15.71 6.92 6.66
C THR A 52 -15.78 7.46 5.25
N THR A 53 -15.24 8.66 5.05
CA THR A 53 -15.24 9.31 3.74
C THR A 53 -14.08 8.81 2.88
N SER A 54 -12.92 8.63 3.51
CA SER A 54 -11.74 8.16 2.81
C SER A 54 -11.12 6.96 3.52
N PRO A 55 -11.78 5.79 3.37
CA PRO A 55 -11.31 4.54 3.99
C PRO A 55 -10.03 4.03 3.35
N SER A 56 -9.59 4.69 2.29
CA SER A 56 -8.37 4.29 1.58
C SER A 56 -7.30 3.85 2.57
N GLY A 57 -7.26 4.50 3.72
CA GLY A 57 -6.27 4.16 4.73
C GLY A 57 -6.64 2.91 5.51
N SER A 58 -7.93 2.75 5.78
CA SER A 58 -8.41 1.59 6.53
C SER A 58 -8.55 0.38 5.62
N LEU A 59 -8.37 0.59 4.32
CA LEU A 59 -8.48 -0.49 3.34
C LEU A 59 -7.15 -1.23 3.22
N LEU A 60 -6.06 -0.48 3.06
CA LEU A 60 -4.74 -1.08 2.93
C LEU A 60 -4.31 -1.73 4.23
N ARG A 61 -4.84 -1.24 5.34
CA ARG A 61 -4.51 -1.78 6.66
C ARG A 61 -5.27 -3.08 6.92
N SER A 62 -6.49 -3.17 6.38
CA SER A 62 -7.31 -4.35 6.56
C SER A 62 -6.96 -5.42 5.53
N TYR A 63 -6.64 -4.98 4.32
CA TYR A 63 -6.29 -5.89 3.24
C TYR A 63 -5.24 -6.91 3.71
N GLU A 64 -4.37 -6.47 4.61
CA GLU A 64 -3.32 -7.34 5.14
C GLU A 64 -3.85 -8.22 6.27
N LEU A 65 -4.80 -7.67 7.04
CA LEU A 65 -5.39 -8.39 8.15
C LEU A 65 -6.25 -9.55 7.66
N ALA A 66 -6.94 -9.34 6.53
CA ALA A 66 -7.80 -10.36 5.95
C ALA A 66 -6.98 -11.52 5.41
N GLY A 67 -5.71 -11.25 5.11
CA GLY A 67 -4.83 -12.29 4.58
C GLY A 67 -4.31 -11.97 3.20
N GLY A 68 -4.21 -10.67 2.90
CA GLY A 68 -3.73 -10.25 1.60
C GLY A 68 -2.22 -10.03 1.58
N ASP A 69 -1.71 -9.52 0.47
CA ASP A 69 -0.28 -9.25 0.33
C ASP A 69 -0.02 -8.24 -0.77
N LEU A 70 1.14 -7.61 -0.73
CA LEU A 70 1.52 -6.61 -1.72
C LEU A 70 1.29 -7.15 -3.14
N ALA A 71 1.95 -8.27 -3.44
CA ALA A 71 1.81 -8.89 -4.76
C ALA A 71 0.36 -8.88 -5.22
N GLY A 72 -0.48 -9.64 -4.52
CA GLY A 72 -1.88 -9.71 -4.88
C GLY A 72 -2.49 -8.34 -5.15
N LEU A 73 -2.12 -7.37 -4.32
CA LEU A 73 -2.64 -6.00 -4.47
C LEU A 73 -2.13 -5.38 -5.77
N LEU A 74 -0.93 -5.76 -6.17
CA LEU A 74 -0.33 -5.24 -7.40
C LEU A 74 -1.04 -5.80 -8.64
N GLU A 75 -1.45 -7.06 -8.55
CA GLU A 75 -2.14 -7.71 -9.66
C GLU A 75 -3.52 -7.10 -9.87
N ALA A 76 -4.18 -6.74 -8.77
CA ALA A 76 -5.51 -6.14 -8.84
C ALA A 76 -5.45 -4.73 -9.39
N LEU A 77 -4.67 -3.87 -8.74
CA LEU A 77 -4.52 -2.48 -9.17
C LEU A 77 -4.33 -2.40 -10.67
N SER A 78 -3.44 -3.22 -11.20
CA SER A 78 -3.16 -3.24 -12.63
C SER A 78 -4.41 -3.56 -13.43
N ASP A 79 -5.09 -4.64 -13.03
CA ASP A 79 -6.32 -5.05 -13.71
C ASP A 79 -7.29 -3.89 -13.86
N MET A 80 -7.27 -2.99 -12.87
CA MET A 80 -8.16 -1.84 -12.89
C MET A 80 -7.55 -0.70 -13.72
N GLY A 81 -6.24 -0.57 -13.65
CA GLY A 81 -5.56 0.47 -14.41
C GLY A 81 -4.64 1.31 -13.54
N LEU A 82 -4.96 1.41 -12.26
CA LEU A 82 -4.14 2.18 -11.32
C LEU A 82 -2.68 1.74 -11.37
N GLU A 83 -1.94 2.30 -12.31
CA GLU A 83 -0.52 1.97 -12.46
C GLU A 83 0.32 2.69 -11.42
N GLU A 84 -0.20 3.81 -10.91
CA GLU A 84 0.50 4.60 -9.90
C GLU A 84 0.83 3.75 -8.68
N GLY A 85 -0.22 3.24 -8.04
CA GLY A 85 -0.02 2.42 -6.85
C GLY A 85 1.04 1.36 -7.04
N VAL A 86 0.95 0.64 -8.16
CA VAL A 86 1.91 -0.41 -8.46
C VAL A 86 3.34 0.12 -8.45
N ARG A 87 3.61 1.08 -9.34
CA ARG A 87 4.94 1.67 -9.44
C ARG A 87 5.40 2.20 -8.08
N LEU A 88 4.48 2.82 -7.35
CA LEU A 88 4.79 3.37 -6.04
C LEU A 88 5.23 2.27 -5.07
N LEU A 89 4.39 1.26 -4.91
CA LEU A 89 4.69 0.14 -4.02
C LEU A 89 6.02 -0.52 -4.40
N ARG A 90 6.22 -0.71 -5.70
CA ARG A 90 7.45 -1.33 -6.19
C ARG A 90 8.65 -0.44 -5.90
N GLY A 91 8.48 0.87 -6.11
CA GLY A 91 9.57 1.80 -5.86
C GLY A 91 10.92 1.24 -6.27
N PRO A 92 11.19 1.23 -7.58
CA PRO A 92 12.45 0.72 -8.12
C PRO A 92 13.63 1.62 -7.78
N GLU A 93 14.73 1.01 -7.35
CA GLU A 93 15.94 1.76 -6.98
C GLU A 93 17.14 1.28 -7.79
N THR A 94 17.75 2.19 -8.53
CA THR A 94 18.92 1.86 -9.35
C THR A 94 20.16 2.59 -8.87
N ARG A 95 21.19 1.83 -8.52
CA ARG A 95 22.44 2.41 -8.03
C ARG A 95 22.17 3.55 -7.05
N ASP A 96 21.33 3.28 -6.05
CA ASP A 96 20.99 4.28 -5.05
C ASP A 96 21.05 3.68 -3.64
N LYS A 97 21.38 4.51 -2.66
CA LYS A 97 21.48 4.07 -1.28
C LYS A 97 21.08 5.19 -0.31
N LEU A 98 19.93 5.05 0.31
CA LEU A 98 19.44 6.05 1.25
C LEU A 98 20.57 6.54 2.16
N PRO A 99 20.81 7.85 2.15
CA PRO A 99 21.86 8.47 2.97
C PRO A 99 21.52 8.45 4.46
N SER A 100 22.34 7.75 5.24
CA SER A 100 22.13 7.64 6.67
C SER A 100 23.31 6.95 7.35
N THR A 101 23.49 7.23 8.63
CA THR A 101 24.59 6.64 9.39
C THR A 101 24.07 5.95 10.65
N GLU A 102 23.58 4.72 10.48
CA GLU A 102 23.05 3.95 11.60
C GLU A 102 22.18 4.83 12.51
N VAL A 103 21.26 5.56 11.89
CA VAL A 103 20.37 6.43 12.63
C VAL A 103 19.01 5.76 12.87
N SER A 104 18.32 5.44 11.79
CA SER A 104 17.01 4.80 11.87
C SER A 104 16.49 4.43 10.49
N GLY A 105 15.66 3.39 10.44
CA GLY A 105 15.11 2.96 9.17
C GLY A 105 13.86 2.11 9.34
N PRO A 106 14.03 0.79 9.34
CA PRO A 106 12.92 -0.15 9.50
C PRO A 106 12.33 -0.13 10.90
N SER A 107 13.09 0.39 11.85
CA SER A 107 12.65 0.48 13.24
C SER A 107 12.43 1.92 13.66
N SER A 108 11.18 2.32 13.78
CA SER A 108 10.83 3.68 14.16
C SER A 108 10.64 3.78 15.67
N GLY A 109 11.09 4.89 16.25
CA GLY A 109 10.96 5.09 17.68
C GLY A 109 11.05 6.55 18.08
N GLY A 1 21.70 -19.53 9.91
CA GLY A 1 20.93 -20.00 8.77
C GLY A 1 19.78 -20.89 9.20
N SER A 2 18.58 -20.31 9.31
CA SER A 2 17.40 -21.07 9.71
C SER A 2 16.14 -20.43 9.14
N SER A 3 15.46 -21.16 8.27
CA SER A 3 14.23 -20.67 7.64
C SER A 3 13.34 -19.97 8.67
N GLY A 4 12.92 -18.76 8.35
CA GLY A 4 12.07 -18.01 9.25
C GLY A 4 11.15 -17.05 8.52
N SER A 5 9.96 -16.84 9.06
CA SER A 5 8.98 -15.94 8.45
C SER A 5 8.54 -14.87 9.44
N SER A 6 9.20 -13.73 9.41
CA SER A 6 8.87 -12.62 10.31
C SER A 6 8.10 -11.53 9.57
N GLY A 7 7.27 -10.80 10.31
CA GLY A 7 6.49 -9.74 9.71
C GLY A 7 5.13 -9.59 10.37
N PRO A 8 5.07 -8.86 11.48
CA PRO A 8 3.83 -8.63 12.23
C PRO A 8 2.86 -7.73 11.47
N GLY A 9 3.27 -7.29 10.27
CA GLY A 9 2.44 -6.42 9.48
C GLY A 9 3.02 -6.15 8.11
N LEU A 10 2.27 -5.42 7.28
CA LEU A 10 2.73 -5.10 5.93
C LEU A 10 4.09 -4.41 5.97
N SER A 11 4.97 -4.80 5.05
CA SER A 11 6.31 -4.22 4.98
C SER A 11 6.29 -2.91 4.19
N LEU A 12 5.21 -2.16 4.32
CA LEU A 12 5.07 -0.89 3.63
C LEU A 12 5.54 0.27 4.50
N GLY A 13 5.72 1.44 3.89
CA GLY A 13 6.17 2.60 4.63
C GLY A 13 5.02 3.53 4.99
N ASP A 14 5.30 4.52 5.82
CA ASP A 14 4.29 5.48 6.25
C ASP A 14 3.88 6.39 5.09
N THR A 15 4.87 6.95 4.41
CA THR A 15 4.62 7.84 3.29
C THR A 15 3.93 7.11 2.15
N ALA A 16 4.44 5.93 1.81
CA ALA A 16 3.88 5.13 0.74
C ALA A 16 2.38 4.95 0.92
N LEU A 17 1.98 4.43 2.07
CA LEU A 17 0.56 4.22 2.36
C LEU A 17 -0.23 5.51 2.18
N GLN A 18 0.08 6.51 2.98
CA GLN A 18 -0.60 7.80 2.90
C GLN A 18 -0.92 8.16 1.45
N ASN A 19 0.09 8.02 0.59
CA ASN A 19 -0.08 8.34 -0.83
C ASN A 19 -1.10 7.40 -1.47
N LEU A 20 -0.81 6.11 -1.44
CA LEU A 20 -1.70 5.11 -2.03
C LEU A 20 -3.15 5.39 -1.66
N GLU A 21 -3.36 5.96 -0.48
CA GLU A 21 -4.70 6.30 -0.01
C GLU A 21 -5.39 7.28 -0.96
N GLN A 22 -4.70 8.39 -1.25
CA GLN A 22 -5.24 9.40 -2.14
C GLN A 22 -5.35 8.88 -3.57
N LEU A 23 -4.27 8.30 -4.07
CA LEU A 23 -4.23 7.76 -5.42
C LEU A 23 -5.52 7.00 -5.73
N LEU A 24 -6.15 6.47 -4.68
CA LEU A 24 -7.39 5.72 -4.84
C LEU A 24 -8.61 6.62 -4.63
N ASP A 25 -8.44 7.64 -3.79
CA ASP A 25 -9.52 8.57 -3.51
C ASP A 25 -9.37 9.85 -4.33
N GLY A 26 -10.19 10.00 -5.36
CA GLY A 26 -10.13 11.17 -6.20
C GLY A 26 -10.71 10.93 -7.58
N PRO A 27 -11.05 12.02 -8.29
CA PRO A 27 -11.63 11.94 -9.64
C PRO A 27 -10.62 11.47 -10.67
N GLU A 28 -9.44 12.08 -10.67
CA GLU A 28 -8.38 11.72 -11.61
C GLU A 28 -8.03 10.25 -11.48
N ALA A 29 -8.19 9.71 -10.28
CA ALA A 29 -7.89 8.30 -10.03
C ALA A 29 -8.54 7.40 -11.08
N GLN A 30 -7.75 6.99 -12.07
CA GLN A 30 -8.24 6.12 -13.13
C GLN A 30 -9.05 4.96 -12.56
N GLY A 31 -8.73 4.57 -11.33
CA GLY A 31 -9.43 3.48 -10.70
C GLY A 31 -10.17 3.91 -9.45
N SER A 32 -10.16 3.07 -8.42
CA SER A 32 -10.84 3.37 -7.17
C SER A 32 -10.50 2.34 -6.10
N TRP A 33 -10.97 2.57 -4.89
CA TRP A 33 -10.72 1.66 -3.78
C TRP A 33 -11.83 0.62 -3.66
N ALA A 34 -13.06 1.06 -3.89
CA ALA A 34 -14.22 0.17 -3.81
C ALA A 34 -14.01 -1.07 -4.69
N GLU A 35 -14.00 -0.86 -6.00
CA GLU A 35 -13.82 -1.95 -6.95
C GLU A 35 -12.61 -2.80 -6.57
N LEU A 36 -11.52 -2.14 -6.19
CA LEU A 36 -10.30 -2.84 -5.81
C LEU A 36 -10.57 -3.83 -4.68
N ALA A 37 -11.17 -3.33 -3.60
CA ALA A 37 -11.49 -4.17 -2.45
C ALA A 37 -12.09 -5.51 -2.89
N GLU A 38 -13.12 -5.44 -3.73
CA GLU A 38 -13.78 -6.63 -4.23
C GLU A 38 -12.76 -7.64 -4.76
N ARG A 39 -11.98 -7.22 -5.74
CA ARG A 39 -10.97 -8.08 -6.34
C ARG A 39 -10.19 -8.84 -5.26
N LEU A 40 -9.94 -8.16 -4.15
CA LEU A 40 -9.20 -8.77 -3.04
C LEU A 40 -10.09 -9.74 -2.27
N GLY A 41 -11.39 -9.46 -2.23
CA GLY A 41 -12.32 -10.32 -1.53
C GLY A 41 -12.98 -9.63 -0.36
N LEU A 42 -12.91 -8.30 -0.34
CA LEU A 42 -13.51 -7.51 0.73
C LEU A 42 -14.66 -6.66 0.20
N ARG A 43 -15.50 -7.24 -0.65
CA ARG A 43 -16.63 -6.53 -1.22
C ARG A 43 -17.76 -6.42 -0.22
N SER A 44 -17.85 -7.38 0.69
CA SER A 44 -18.89 -7.39 1.72
C SER A 44 -18.57 -6.40 2.83
N LEU A 45 -17.33 -5.91 2.84
CA LEU A 45 -16.90 -4.96 3.85
C LEU A 45 -16.82 -3.54 3.27
N VAL A 46 -17.11 -3.42 1.97
CA VAL A 46 -17.08 -2.14 1.30
C VAL A 46 -18.03 -1.15 1.96
N ASP A 47 -18.94 -1.67 2.78
CA ASP A 47 -19.91 -0.83 3.47
C ASP A 47 -19.36 -0.36 4.81
N THR A 48 -18.27 -0.97 5.26
CA THR A 48 -17.64 -0.60 6.52
C THR A 48 -16.70 0.58 6.35
N TYR A 49 -16.08 0.68 5.18
CA TYR A 49 -15.15 1.77 4.90
C TYR A 49 -15.91 3.08 4.69
N ARG A 50 -16.92 3.04 3.83
CA ARG A 50 -17.72 4.24 3.55
C ARG A 50 -18.30 4.82 4.82
N GLN A 51 -18.35 4.00 5.88
CA GLN A 51 -18.89 4.44 7.16
C GLN A 51 -17.91 5.37 7.86
N THR A 52 -16.63 5.04 7.81
CA THR A 52 -15.60 5.84 8.45
C THR A 52 -15.23 7.04 7.59
N THR A 53 -14.35 7.89 8.12
CA THR A 53 -13.91 9.08 7.40
C THR A 53 -12.66 8.79 6.56
N SER A 54 -11.88 7.82 7.01
CA SER A 54 -10.65 7.45 6.30
C SER A 54 -10.68 5.99 5.90
N PRO A 55 -11.47 5.67 4.86
CA PRO A 55 -11.60 4.31 4.36
C PRO A 55 -10.33 3.81 3.66
N SER A 56 -9.61 4.73 3.03
CA SER A 56 -8.38 4.40 2.33
C SER A 56 -7.46 3.57 3.22
N GLY A 57 -7.19 4.08 4.42
CA GLY A 57 -6.32 3.38 5.35
C GLY A 57 -6.87 2.02 5.74
N SER A 58 -8.12 2.00 6.20
CA SER A 58 -8.75 0.75 6.60
C SER A 58 -8.71 -0.29 5.48
N LEU A 59 -8.91 0.18 4.25
CA LEU A 59 -8.90 -0.70 3.09
C LEU A 59 -7.66 -1.60 3.10
N LEU A 60 -6.49 -0.98 3.11
CA LEU A 60 -5.22 -1.72 3.14
C LEU A 60 -5.00 -2.37 4.50
N ARG A 61 -5.27 -1.63 5.56
CA ARG A 61 -5.10 -2.13 6.91
C ARG A 61 -5.86 -3.43 7.12
N SER A 62 -6.89 -3.64 6.29
CA SER A 62 -7.71 -4.85 6.38
C SER A 62 -7.23 -5.90 5.38
N TYR A 63 -6.75 -5.43 4.23
CA TYR A 63 -6.26 -6.34 3.19
C TYR A 63 -5.19 -7.26 3.74
N GLU A 64 -4.44 -6.78 4.73
CA GLU A 64 -3.38 -7.57 5.34
C GLU A 64 -3.94 -8.51 6.40
N LEU A 65 -4.89 -8.02 7.18
CA LEU A 65 -5.51 -8.82 8.23
C LEU A 65 -6.07 -10.12 7.67
N ALA A 66 -6.53 -10.08 6.43
CA ALA A 66 -7.09 -11.25 5.77
C ALA A 66 -5.99 -12.26 5.43
N GLY A 67 -4.79 -11.76 5.17
CA GLY A 67 -3.68 -12.62 4.83
C GLY A 67 -3.15 -12.36 3.44
N GLY A 68 -3.24 -11.11 2.98
CA GLY A 68 -2.76 -10.76 1.67
C GLY A 68 -1.35 -10.20 1.69
N ASP A 69 -0.79 -9.94 0.51
CA ASP A 69 0.56 -9.41 0.39
C ASP A 69 0.62 -8.33 -0.67
N LEU A 70 1.74 -7.61 -0.71
CA LEU A 70 1.93 -6.55 -1.69
C LEU A 70 1.55 -7.01 -3.09
N ALA A 71 2.23 -8.04 -3.57
CA ALA A 71 1.96 -8.59 -4.89
C ALA A 71 0.46 -8.66 -5.16
N GLY A 72 -0.23 -9.51 -4.42
CA GLY A 72 -1.66 -9.65 -4.60
C GLY A 72 -2.36 -8.32 -4.82
N LEU A 73 -1.90 -7.29 -4.12
CA LEU A 73 -2.49 -5.96 -4.24
C LEU A 73 -2.07 -5.31 -5.56
N LEU A 74 -0.79 -5.42 -5.89
CA LEU A 74 -0.26 -4.85 -7.13
C LEU A 74 -1.02 -5.38 -8.34
N GLU A 75 -1.43 -6.65 -8.27
CA GLU A 75 -2.16 -7.28 -9.37
C GLU A 75 -3.51 -6.59 -9.58
N ALA A 76 -4.33 -6.59 -8.55
CA ALA A 76 -5.65 -5.97 -8.62
C ALA A 76 -5.57 -4.56 -9.22
N LEU A 77 -4.64 -3.76 -8.70
CA LEU A 77 -4.46 -2.40 -9.18
C LEU A 77 -4.13 -2.39 -10.68
N SER A 78 -3.27 -3.31 -11.09
CA SER A 78 -2.88 -3.40 -12.50
C SER A 78 -4.07 -3.75 -13.37
N ASP A 79 -4.88 -4.72 -12.92
CA ASP A 79 -6.06 -5.14 -13.67
C ASP A 79 -7.02 -3.97 -13.86
N MET A 80 -7.06 -3.07 -12.89
CA MET A 80 -7.93 -1.91 -12.94
C MET A 80 -7.31 -0.79 -13.76
N GLY A 81 -5.99 -0.86 -13.93
CA GLY A 81 -5.28 0.16 -14.69
C GLY A 81 -4.40 1.04 -13.83
N LEU A 82 -4.73 1.11 -12.55
CA LEU A 82 -3.97 1.92 -11.60
C LEU A 82 -2.48 1.60 -11.69
N GLU A 83 -1.76 2.41 -12.47
CA GLU A 83 -0.33 2.22 -12.65
C GLU A 83 0.46 2.90 -11.52
N GLU A 84 0.05 4.12 -11.18
CA GLU A 84 0.71 4.88 -10.13
C GLU A 84 0.93 4.01 -8.89
N GLY A 85 -0.17 3.65 -8.23
CA GLY A 85 -0.08 2.83 -7.04
C GLY A 85 0.91 1.69 -7.19
N VAL A 86 0.87 1.01 -8.33
CA VAL A 86 1.77 -0.10 -8.59
C VAL A 86 3.22 0.32 -8.44
N ARG A 87 3.65 1.28 -9.26
CA ARG A 87 5.02 1.77 -9.21
C ARG A 87 5.36 2.30 -7.81
N LEU A 88 4.58 3.27 -7.36
CA LEU A 88 4.80 3.86 -6.04
C LEU A 88 5.18 2.79 -5.01
N LEU A 89 4.29 1.81 -4.83
CA LEU A 89 4.53 0.74 -3.89
C LEU A 89 5.85 0.03 -4.19
N ARG A 90 6.10 -0.25 -5.47
CA ARG A 90 7.32 -0.92 -5.88
C ARG A 90 8.54 -0.08 -5.52
N GLY A 91 8.40 1.23 -5.61
CA GLY A 91 9.51 2.13 -5.29
C GLY A 91 9.72 2.27 -3.79
N PRO A 92 10.91 1.90 -3.31
CA PRO A 92 11.26 1.99 -1.89
C PRO A 92 11.40 3.43 -1.42
N GLU A 93 11.84 3.60 -0.17
CA GLU A 93 12.03 4.92 0.41
C GLU A 93 13.41 5.06 1.03
N THR A 94 13.80 6.29 1.33
CA THR A 94 15.10 6.56 1.92
C THR A 94 14.98 6.76 3.43
N ARG A 95 13.96 6.15 4.02
CA ARG A 95 13.72 6.27 5.45
C ARG A 95 13.65 4.89 6.11
N ASP A 96 14.23 4.77 7.30
CA ASP A 96 14.24 3.51 8.02
C ASP A 96 14.28 3.74 9.53
N LYS A 97 13.50 2.98 10.27
CA LYS A 97 13.44 3.10 11.72
C LYS A 97 13.16 1.75 12.37
N LEU A 98 13.71 1.55 13.56
CA LEU A 98 13.50 0.30 14.29
C LEU A 98 12.09 -0.22 14.09
N PRO A 99 11.92 -1.55 14.22
CA PRO A 99 10.63 -2.21 14.07
C PRO A 99 9.67 -1.88 15.20
N SER A 100 8.52 -1.30 14.85
CA SER A 100 7.52 -0.93 15.85
C SER A 100 6.11 -1.21 15.34
N THR A 101 5.15 -1.28 16.25
CA THR A 101 3.76 -1.54 15.89
C THR A 101 2.81 -0.89 16.87
N GLU A 102 1.87 -0.10 16.36
CA GLU A 102 0.89 0.57 17.20
C GLU A 102 -0.43 -0.20 17.23
N VAL A 103 -0.72 -0.79 18.39
CA VAL A 103 -1.94 -1.56 18.56
C VAL A 103 -2.56 -1.32 19.93
N SER A 104 -3.85 -0.98 19.94
CA SER A 104 -4.56 -0.72 21.19
C SER A 104 -6.07 -0.81 20.98
N GLY A 105 -6.69 -1.82 21.59
CA GLY A 105 -8.12 -2.00 21.46
C GLY A 105 -8.60 -3.26 22.16
N PRO A 106 -9.93 -3.35 22.35
CA PRO A 106 -10.56 -4.51 23.00
C PRO A 106 -10.48 -5.77 22.15
N SER A 107 -10.05 -5.61 20.90
CA SER A 107 -9.94 -6.74 19.98
C SER A 107 -9.41 -7.98 20.70
N SER A 108 -10.30 -8.94 20.91
CA SER A 108 -9.93 -10.18 21.59
C SER A 108 -10.27 -11.40 20.73
N GLY A 109 -11.05 -11.17 19.68
CA GLY A 109 -11.43 -12.25 18.79
C GLY A 109 -11.87 -13.50 19.55
N GLY A 1 13.00 -14.53 -2.91
CA GLY A 1 11.93 -13.94 -2.15
C GLY A 1 11.67 -14.69 -0.85
N SER A 2 12.73 -14.91 -0.09
CA SER A 2 12.62 -15.62 1.20
C SER A 2 12.54 -14.64 2.35
N SER A 3 11.31 -14.39 2.82
CA SER A 3 11.10 -13.46 3.92
C SER A 3 11.46 -14.11 5.25
N GLY A 4 10.71 -15.14 5.62
CA GLY A 4 10.98 -15.83 6.88
C GLY A 4 9.72 -16.07 7.69
N SER A 5 9.36 -15.10 8.52
CA SER A 5 8.17 -15.21 9.35
C SER A 5 6.93 -15.42 8.50
N SER A 6 5.76 -15.44 9.15
CA SER A 6 4.50 -15.63 8.45
C SER A 6 3.95 -14.30 7.93
N GLY A 7 4.59 -13.21 8.34
CA GLY A 7 4.15 -11.90 7.90
C GLY A 7 3.39 -11.16 8.99
N PRO A 8 4.12 -10.50 9.90
CA PRO A 8 3.53 -9.74 11.00
C PRO A 8 2.82 -8.48 10.52
N GLY A 9 3.26 -7.97 9.37
CA GLY A 9 2.65 -6.76 8.83
C GLY A 9 3.10 -6.49 7.40
N LEU A 10 2.46 -5.52 6.76
CA LEU A 10 2.79 -5.16 5.38
C LEU A 10 4.14 -4.45 5.32
N SER A 11 4.94 -4.80 4.31
CA SER A 11 6.25 -4.20 4.13
C SER A 11 6.14 -2.85 3.44
N LEU A 12 5.32 -1.97 3.99
CA LEU A 12 5.12 -0.64 3.43
C LEU A 12 5.55 0.45 4.42
N GLY A 13 5.65 1.68 3.92
CA GLY A 13 6.05 2.78 4.78
C GLY A 13 4.96 3.82 4.93
N ASP A 14 4.97 4.54 6.05
CA ASP A 14 3.97 5.56 6.32
C ASP A 14 3.71 6.39 5.08
N THR A 15 4.74 7.05 4.56
CA THR A 15 4.62 7.88 3.37
C THR A 15 3.94 7.12 2.24
N ALA A 16 4.48 5.96 1.91
CA ALA A 16 3.92 5.13 0.84
C ALA A 16 2.41 5.00 0.99
N LEU A 17 1.98 4.48 2.13
CA LEU A 17 0.55 4.29 2.39
C LEU A 17 -0.22 5.59 2.14
N GLN A 18 0.10 6.62 2.91
CA GLN A 18 -0.57 7.91 2.77
C GLN A 18 -0.86 8.22 1.31
N ASN A 19 0.14 8.00 0.45
CA ASN A 19 -0.01 8.25 -0.98
C ASN A 19 -1.03 7.30 -1.59
N LEU A 20 -0.73 6.01 -1.58
CA LEU A 20 -1.63 5.01 -2.13
C LEU A 20 -3.08 5.28 -1.74
N GLU A 21 -3.30 5.55 -0.46
CA GLU A 21 -4.64 5.84 0.04
C GLU A 21 -5.35 6.83 -0.87
N GLN A 22 -4.84 8.06 -0.93
CA GLN A 22 -5.43 9.09 -1.77
C GLN A 22 -5.48 8.66 -3.23
N LEU A 23 -4.36 8.11 -3.71
CA LEU A 23 -4.28 7.66 -5.10
C LEU A 23 -5.55 6.92 -5.51
N LEU A 24 -6.26 6.37 -4.52
CA LEU A 24 -7.49 5.64 -4.78
C LEU A 24 -8.70 6.53 -4.54
N ASP A 25 -8.62 7.38 -3.52
CA ASP A 25 -9.71 8.29 -3.18
C ASP A 25 -9.56 9.61 -3.92
N GLY A 26 -10.35 9.80 -4.97
CA GLY A 26 -10.29 11.03 -5.74
C GLY A 26 -11.04 10.93 -7.06
N PRO A 27 -11.56 12.06 -7.53
CA PRO A 27 -12.31 12.12 -8.79
C PRO A 27 -11.41 11.91 -10.01
N GLU A 28 -10.14 12.26 -9.86
CA GLU A 28 -9.19 12.11 -10.96
C GLU A 28 -8.68 10.67 -11.04
N ALA A 29 -8.53 10.03 -9.89
CA ALA A 29 -8.05 8.66 -9.83
C ALA A 29 -8.89 7.75 -10.73
N GLN A 30 -8.53 7.70 -12.01
CA GLN A 30 -9.25 6.87 -12.97
C GLN A 30 -9.76 5.60 -12.32
N GLY A 31 -8.98 5.05 -11.40
CA GLY A 31 -9.37 3.84 -10.71
C GLY A 31 -10.21 4.11 -9.49
N SER A 32 -10.17 3.20 -8.52
CA SER A 32 -10.94 3.34 -7.29
C SER A 32 -10.59 2.23 -6.30
N TRP A 33 -11.04 2.41 -5.06
CA TRP A 33 -10.77 1.42 -4.01
C TRP A 33 -11.91 0.41 -3.92
N ALA A 34 -13.14 0.89 -4.00
CA ALA A 34 -14.31 0.03 -3.92
C ALA A 34 -14.12 -1.23 -4.77
N GLU A 35 -13.90 -1.03 -6.07
CA GLU A 35 -13.70 -2.15 -6.98
C GLU A 35 -12.46 -2.96 -6.61
N LEU A 36 -11.38 -2.24 -6.26
CA LEU A 36 -10.13 -2.88 -5.88
C LEU A 36 -10.37 -3.93 -4.79
N ALA A 37 -10.94 -3.49 -3.68
CA ALA A 37 -11.22 -4.38 -2.56
C ALA A 37 -11.92 -5.65 -3.03
N GLU A 38 -12.98 -5.47 -3.82
CA GLU A 38 -13.74 -6.61 -4.34
C GLU A 38 -12.82 -7.63 -4.98
N ARG A 39 -11.83 -7.14 -5.74
CA ARG A 39 -10.88 -8.02 -6.41
C ARG A 39 -10.05 -8.81 -5.39
N LEU A 40 -9.73 -8.17 -4.28
CA LEU A 40 -8.94 -8.82 -3.24
C LEU A 40 -9.79 -9.80 -2.44
N GLY A 41 -11.05 -9.42 -2.19
CA GLY A 41 -11.95 -10.28 -1.45
C GLY A 41 -12.60 -9.57 -0.29
N LEU A 42 -12.50 -8.24 -0.27
CA LEU A 42 -13.09 -7.43 0.79
C LEU A 42 -14.25 -6.60 0.27
N ARG A 43 -15.13 -7.22 -0.50
CA ARG A 43 -16.27 -6.54 -1.06
C ARG A 43 -17.30 -6.19 0.02
N SER A 44 -17.59 -7.17 0.87
CA SER A 44 -18.54 -6.97 1.96
C SER A 44 -18.10 -5.85 2.89
N LEU A 45 -16.80 -5.57 2.89
CA LEU A 45 -16.24 -4.51 3.72
C LEU A 45 -16.31 -3.17 3.01
N VAL A 46 -16.57 -3.21 1.71
CA VAL A 46 -16.66 -1.98 0.91
C VAL A 46 -17.60 -0.97 1.56
N ASP A 47 -18.85 -1.37 1.77
CA ASP A 47 -19.85 -0.50 2.37
C ASP A 47 -19.42 -0.12 3.79
N THR A 48 -18.87 -1.09 4.52
CA THR A 48 -18.43 -0.85 5.89
C THR A 48 -17.44 0.30 5.97
N TYR A 49 -16.64 0.46 4.92
CA TYR A 49 -15.65 1.53 4.86
C TYR A 49 -16.28 2.83 4.40
N ARG A 50 -17.42 2.73 3.72
CA ARG A 50 -18.12 3.90 3.22
C ARG A 50 -18.54 4.81 4.38
N GLN A 51 -19.03 4.20 5.45
CA GLN A 51 -19.46 4.96 6.62
C GLN A 51 -18.28 5.60 7.33
N THR A 52 -17.16 4.87 7.39
CA THR A 52 -15.97 5.38 8.05
C THR A 52 -15.46 6.65 7.38
N THR A 53 -14.56 7.36 8.05
CA THR A 53 -14.00 8.59 7.53
C THR A 53 -12.86 8.32 6.56
N SER A 54 -11.87 7.56 7.03
CA SER A 54 -10.71 7.22 6.21
C SER A 54 -10.76 5.76 5.78
N PRO A 55 -11.54 5.47 4.75
CA PRO A 55 -11.70 4.11 4.21
C PRO A 55 -10.43 3.61 3.51
N SER A 56 -9.61 4.55 3.07
CA SER A 56 -8.37 4.21 2.38
C SER A 56 -7.41 3.48 3.31
N GLY A 57 -7.13 4.08 4.45
CA GLY A 57 -6.23 3.46 5.42
C GLY A 57 -6.77 2.15 5.95
N SER A 58 -7.97 2.18 6.52
CA SER A 58 -8.59 0.99 7.08
C SER A 58 -8.64 -0.13 6.04
N LEU A 59 -8.85 0.25 4.78
CA LEU A 59 -8.91 -0.72 3.69
C LEU A 59 -7.64 -1.55 3.62
N LEU A 60 -6.52 -0.89 3.28
CA LEU A 60 -5.24 -1.58 3.19
C LEU A 60 -4.89 -2.28 4.50
N ARG A 61 -5.15 -1.60 5.61
CA ARG A 61 -4.85 -2.15 6.93
C ARG A 61 -5.58 -3.48 7.13
N SER A 62 -6.75 -3.60 6.51
CA SER A 62 -7.55 -4.83 6.63
C SER A 62 -7.12 -5.86 5.59
N TYR A 63 -6.53 -5.38 4.50
CA TYR A 63 -6.07 -6.26 3.43
C TYR A 63 -4.95 -7.17 3.93
N GLU A 64 -4.27 -6.75 4.99
CA GLU A 64 -3.18 -7.52 5.56
C GLU A 64 -3.68 -8.44 6.67
N LEU A 65 -4.61 -7.93 7.48
CA LEU A 65 -5.17 -8.69 8.58
C LEU A 65 -5.78 -10.00 8.09
N ALA A 66 -6.32 -9.97 6.86
CA ALA A 66 -6.93 -11.16 6.27
C ALA A 66 -5.86 -12.17 5.85
N GLY A 67 -4.69 -11.65 5.47
CA GLY A 67 -3.61 -12.53 5.04
C GLY A 67 -3.23 -12.31 3.60
N GLY A 68 -3.29 -11.07 3.14
CA GLY A 68 -2.96 -10.76 1.77
C GLY A 68 -1.48 -10.45 1.59
N ASP A 69 -1.15 -9.82 0.47
CA ASP A 69 0.25 -9.48 0.18
C ASP A 69 0.33 -8.44 -0.94
N LEU A 70 1.45 -7.74 -1.00
CA LEU A 70 1.66 -6.71 -2.02
C LEU A 70 1.24 -7.23 -3.40
N ALA A 71 1.89 -8.29 -3.85
CA ALA A 71 1.58 -8.89 -5.14
C ALA A 71 0.07 -8.88 -5.41
N GLY A 72 -0.68 -9.56 -4.55
CA GLY A 72 -2.11 -9.62 -4.71
C GLY A 72 -2.72 -8.28 -5.07
N LEU A 73 -2.25 -7.23 -4.41
CA LEU A 73 -2.76 -5.88 -4.68
C LEU A 73 -2.28 -5.38 -6.04
N LEU A 74 -0.98 -5.42 -6.25
CA LEU A 74 -0.39 -4.98 -7.51
C LEU A 74 -1.16 -5.55 -8.70
N GLU A 75 -1.72 -6.73 -8.52
CA GLU A 75 -2.49 -7.39 -9.57
C GLU A 75 -3.84 -6.69 -9.78
N ALA A 76 -4.51 -6.39 -8.68
CA ALA A 76 -5.81 -5.72 -8.74
C ALA A 76 -5.67 -4.31 -9.33
N LEU A 77 -4.75 -3.53 -8.75
CA LEU A 77 -4.53 -2.16 -9.21
C LEU A 77 -4.21 -2.14 -10.70
N SER A 78 -3.27 -2.99 -11.11
CA SER A 78 -2.87 -3.06 -12.51
C SER A 78 -4.02 -3.51 -13.39
N ASP A 79 -4.84 -4.41 -12.86
CA ASP A 79 -5.99 -4.94 -13.58
C ASP A 79 -7.00 -3.84 -13.89
N MET A 80 -7.11 -2.88 -12.96
CA MET A 80 -8.04 -1.77 -13.11
C MET A 80 -7.40 -0.63 -13.92
N GLY A 81 -6.07 -0.56 -13.86
CA GLY A 81 -5.36 0.47 -14.59
C GLY A 81 -4.46 1.29 -13.69
N LEU A 82 -4.83 1.40 -12.42
CA LEU A 82 -4.04 2.16 -11.45
C LEU A 82 -2.56 1.82 -11.57
N GLU A 83 -1.85 2.56 -12.41
CA GLU A 83 -0.42 2.33 -12.61
C GLU A 83 0.38 2.93 -11.46
N GLU A 84 0.12 4.21 -11.16
CA GLU A 84 0.83 4.90 -10.09
C GLU A 84 1.00 3.98 -8.88
N GLY A 85 -0.11 3.67 -8.22
CA GLY A 85 -0.07 2.81 -7.05
C GLY A 85 0.83 1.61 -7.25
N VAL A 86 0.58 0.85 -8.32
CA VAL A 86 1.38 -0.34 -8.62
C VAL A 86 2.87 -0.05 -8.47
N ARG A 87 3.37 0.87 -9.29
CA ARG A 87 4.78 1.24 -9.25
C ARG A 87 5.15 1.84 -7.89
N LEU A 88 4.51 2.96 -7.55
CA LEU A 88 4.78 3.63 -6.29
C LEU A 88 5.02 2.61 -5.17
N LEU A 89 4.06 1.70 -4.98
CA LEU A 89 4.17 0.69 -3.96
C LEU A 89 5.52 -0.03 -4.04
N ARG A 90 5.89 -0.45 -5.24
CA ARG A 90 7.16 -1.14 -5.46
C ARG A 90 8.34 -0.23 -5.12
N GLY A 91 8.27 1.00 -5.59
CA GLY A 91 9.34 1.96 -5.34
C GLY A 91 10.00 1.73 -3.98
N PRO A 92 11.13 0.99 -3.99
CA PRO A 92 11.87 0.69 -2.77
C PRO A 92 12.56 1.92 -2.18
N GLU A 93 12.27 2.23 -0.93
CA GLU A 93 12.86 3.38 -0.25
C GLU A 93 14.37 3.20 -0.09
N THR A 94 15.02 4.22 0.45
CA THR A 94 16.46 4.18 0.65
C THR A 94 16.83 3.24 1.80
N ARG A 95 17.96 2.56 1.66
CA ARG A 95 18.41 1.63 2.69
C ARG A 95 19.21 2.36 3.77
N ASP A 96 18.76 2.27 5.01
CA ASP A 96 19.44 2.92 6.12
C ASP A 96 19.71 1.92 7.25
N LYS A 97 20.10 0.71 6.88
CA LYS A 97 20.39 -0.33 7.85
C LYS A 97 19.44 -0.23 9.05
N LEU A 98 18.18 0.06 8.77
CA LEU A 98 17.16 0.18 9.82
C LEU A 98 17.35 -0.91 10.87
N PRO A 99 17.02 -0.57 12.13
CA PRO A 99 17.13 -1.51 13.26
C PRO A 99 16.11 -2.64 13.18
N SER A 100 16.57 -3.85 13.43
CA SER A 100 15.70 -5.02 13.39
C SER A 100 15.81 -5.84 14.68
N THR A 101 15.13 -5.39 15.71
CA THR A 101 15.15 -6.07 17.00
C THR A 101 14.35 -7.37 16.95
N GLU A 102 14.87 -8.40 17.61
CA GLU A 102 14.20 -9.70 17.64
C GLU A 102 13.82 -10.08 19.05
N VAL A 103 12.52 -10.07 19.35
CA VAL A 103 12.02 -10.42 20.67
C VAL A 103 10.58 -10.89 20.61
N SER A 104 10.24 -11.86 21.45
CA SER A 104 8.89 -12.41 21.50
C SER A 104 8.39 -12.73 20.10
N GLY A 105 9.26 -13.33 19.28
CA GLY A 105 8.89 -13.69 17.93
C GLY A 105 7.85 -14.78 17.87
N PRO A 106 7.76 -15.48 16.74
CA PRO A 106 6.80 -16.57 16.53
C PRO A 106 7.13 -17.80 17.37
N SER A 107 8.35 -17.84 17.89
CA SER A 107 8.79 -18.96 18.70
C SER A 107 7.68 -19.43 19.64
N SER A 108 7.67 -20.73 19.95
CA SER A 108 6.66 -21.30 20.82
C SER A 108 7.04 -21.10 22.29
N GLY A 109 8.20 -21.63 22.67
CA GLY A 109 8.66 -21.51 24.04
C GLY A 109 8.73 -20.07 24.51
N GLY A 1 12.97 -15.34 -7.76
CA GLY A 1 12.55 -13.98 -7.48
C GLY A 1 11.59 -13.91 -6.31
N SER A 2 11.97 -14.50 -5.18
CA SER A 2 11.14 -14.51 -3.99
C SER A 2 11.76 -13.66 -2.88
N SER A 3 10.92 -13.07 -2.04
CA SER A 3 11.39 -12.23 -0.95
C SER A 3 10.48 -12.38 0.26
N GLY A 4 10.87 -11.75 1.37
CA GLY A 4 10.08 -11.81 2.59
C GLY A 4 10.26 -10.59 3.46
N SER A 5 9.15 -9.98 3.87
CA SER A 5 9.19 -8.79 4.71
C SER A 5 8.84 -9.14 6.16
N SER A 6 9.85 -9.31 6.99
CA SER A 6 9.65 -9.64 8.39
C SER A 6 9.21 -8.42 9.19
N GLY A 7 7.90 -8.26 9.33
CA GLY A 7 7.36 -7.13 10.07
C GLY A 7 5.95 -7.37 10.57
N PRO A 8 5.49 -6.50 11.47
CA PRO A 8 4.14 -6.61 12.06
C PRO A 8 3.05 -6.29 11.03
N GLY A 9 3.31 -5.31 10.17
CA GLY A 9 2.34 -4.94 9.17
C GLY A 9 2.90 -5.03 7.76
N LEU A 10 2.41 -4.18 6.87
CA LEU A 10 2.87 -4.17 5.48
C LEU A 10 4.19 -3.43 5.34
N SER A 11 5.12 -4.03 4.61
CA SER A 11 6.43 -3.43 4.40
C SER A 11 6.30 -1.95 4.03
N LEU A 12 5.22 -1.62 3.33
CA LEU A 12 4.97 -0.24 2.92
C LEU A 12 5.30 0.74 4.04
N GLY A 13 5.85 1.89 3.67
CA GLY A 13 6.20 2.90 4.66
C GLY A 13 5.08 3.89 4.90
N ASP A 14 5.32 4.82 5.81
CA ASP A 14 4.32 5.85 6.14
C ASP A 14 3.91 6.61 4.88
N THR A 15 4.90 7.06 4.11
CA THR A 15 4.65 7.81 2.89
C THR A 15 3.92 6.95 1.86
N ALA A 16 4.41 5.73 1.65
CA ALA A 16 3.80 4.81 0.70
C ALA A 16 2.31 4.66 0.95
N LEU A 17 1.96 4.25 2.17
CA LEU A 17 0.55 4.06 2.54
C LEU A 17 -0.23 5.34 2.31
N GLN A 18 0.21 6.43 2.93
CA GLN A 18 -0.45 7.71 2.80
C GLN A 18 -0.74 8.03 1.33
N ASN A 19 0.29 7.89 0.50
CA ASN A 19 0.15 8.17 -0.93
C ASN A 19 -0.90 7.27 -1.56
N LEU A 20 -0.65 5.96 -1.54
CA LEU A 20 -1.57 4.98 -2.10
C LEU A 20 -3.00 5.27 -1.67
N GLU A 21 -3.19 5.50 -0.37
CA GLU A 21 -4.51 5.79 0.17
C GLU A 21 -5.19 6.91 -0.62
N GLN A 22 -4.60 8.10 -0.57
CA GLN A 22 -5.15 9.24 -1.28
C GLN A 22 -5.32 8.94 -2.76
N LEU A 23 -4.27 8.42 -3.38
CA LEU A 23 -4.30 8.09 -4.80
C LEU A 23 -5.59 7.35 -5.16
N LEU A 24 -5.92 6.32 -4.37
CA LEU A 24 -7.14 5.54 -4.60
C LEU A 24 -8.37 6.44 -4.58
N ASP A 25 -8.29 7.52 -3.81
CA ASP A 25 -9.40 8.45 -3.70
C ASP A 25 -9.16 9.70 -4.54
N GLY A 26 -9.97 9.88 -5.58
CA GLY A 26 -9.81 11.02 -6.45
C GLY A 26 -10.33 10.76 -7.85
N PRO A 27 -10.62 11.84 -8.60
CA PRO A 27 -11.13 11.74 -9.97
C PRO A 27 -10.07 11.24 -10.95
N GLU A 28 -8.87 11.82 -10.85
CA GLU A 28 -7.77 11.44 -11.73
C GLU A 28 -7.46 9.95 -11.60
N ALA A 29 -7.79 9.38 -10.43
CA ALA A 29 -7.56 7.97 -10.18
C ALA A 29 -8.39 7.09 -11.11
N GLN A 30 -7.78 6.66 -12.21
CA GLN A 30 -8.48 5.81 -13.18
C GLN A 30 -9.20 4.67 -12.47
N GLY A 31 -8.76 4.35 -11.26
CA GLY A 31 -9.38 3.26 -10.51
C GLY A 31 -10.14 3.76 -9.29
N SER A 32 -10.14 2.97 -8.23
CA SER A 32 -10.83 3.33 -7.01
C SER A 32 -10.52 2.35 -5.88
N TRP A 33 -10.97 2.66 -4.69
CA TRP A 33 -10.73 1.81 -3.52
C TRP A 33 -11.84 0.76 -3.38
N ALA A 34 -13.04 1.12 -3.80
CA ALA A 34 -14.18 0.22 -3.73
C ALA A 34 -13.95 -1.03 -4.58
N GLU A 35 -13.92 -0.85 -5.90
CA GLU A 35 -13.70 -1.96 -6.82
C GLU A 35 -12.48 -2.78 -6.41
N LEU A 36 -11.43 -2.09 -5.97
CA LEU A 36 -10.20 -2.75 -5.55
C LEU A 36 -10.49 -3.78 -4.46
N ALA A 37 -11.15 -3.34 -3.40
CA ALA A 37 -11.49 -4.22 -2.29
C ALA A 37 -12.10 -5.52 -2.78
N GLU A 38 -13.01 -5.41 -3.74
CA GLU A 38 -13.67 -6.58 -4.31
C GLU A 38 -12.65 -7.54 -4.92
N ARG A 39 -11.76 -7.00 -5.74
CA ARG A 39 -10.73 -7.80 -6.39
C ARG A 39 -9.95 -8.62 -5.36
N LEU A 40 -9.73 -8.02 -4.19
CA LEU A 40 -8.98 -8.69 -3.12
C LEU A 40 -9.87 -9.69 -2.40
N GLY A 41 -11.15 -9.38 -2.28
CA GLY A 41 -12.08 -10.26 -1.61
C GLY A 41 -12.84 -9.58 -0.48
N LEU A 42 -12.63 -8.27 -0.35
CA LEU A 42 -13.29 -7.50 0.69
C LEU A 42 -14.44 -6.69 0.12
N ARG A 43 -15.32 -7.36 -0.62
CA ARG A 43 -16.47 -6.70 -1.22
C ARG A 43 -17.54 -6.41 -0.18
N SER A 44 -17.79 -7.39 0.69
CA SER A 44 -18.80 -7.23 1.73
C SER A 44 -18.43 -6.11 2.69
N LEU A 45 -17.14 -5.84 2.80
CA LEU A 45 -16.65 -4.79 3.69
C LEU A 45 -16.74 -3.42 3.02
N VAL A 46 -16.89 -3.43 1.69
CA VAL A 46 -17.00 -2.19 0.93
C VAL A 46 -18.02 -1.26 1.54
N ASP A 47 -19.25 -1.75 1.72
CA ASP A 47 -20.32 -0.96 2.30
C ASP A 47 -19.92 -0.41 3.67
N THR A 48 -19.34 -1.28 4.49
CA THR A 48 -18.92 -0.89 5.83
C THR A 48 -17.93 0.27 5.77
N TYR A 49 -16.83 0.08 5.05
CA TYR A 49 -15.81 1.11 4.91
C TYR A 49 -16.42 2.42 4.42
N ARG A 50 -17.35 2.32 3.48
CA ARG A 50 -18.01 3.50 2.92
C ARG A 50 -18.35 4.50 4.03
N GLN A 51 -18.78 3.98 5.18
CA GLN A 51 -19.14 4.83 6.31
C GLN A 51 -18.17 5.99 6.44
N THR A 52 -16.96 5.70 6.90
CA THR A 52 -15.95 6.73 7.08
C THR A 52 -15.74 7.53 5.80
N THR A 53 -15.07 8.67 5.92
CA THR A 53 -14.82 9.53 4.77
C THR A 53 -13.64 9.00 3.94
N SER A 54 -12.54 8.69 4.61
CA SER A 54 -11.36 8.17 3.94
C SER A 54 -11.05 6.75 4.40
N PRO A 55 -11.80 5.79 3.85
CA PRO A 55 -11.63 4.37 4.18
C PRO A 55 -10.32 3.79 3.63
N SER A 56 -9.64 4.58 2.80
CA SER A 56 -8.38 4.16 2.20
C SER A 56 -7.53 3.40 3.22
N GLY A 57 -6.99 4.14 4.18
CA GLY A 57 -6.15 3.53 5.20
C GLY A 57 -6.70 2.19 5.67
N SER A 58 -7.94 2.20 6.15
CA SER A 58 -8.56 0.98 6.64
C SER A 58 -8.45 -0.14 5.61
N LEU A 59 -9.02 0.09 4.43
CA LEU A 59 -8.99 -0.89 3.36
C LEU A 59 -7.67 -1.66 3.36
N LEU A 60 -6.56 -0.94 3.27
CA LEU A 60 -5.24 -1.55 3.26
C LEU A 60 -4.96 -2.23 4.59
N ARG A 61 -5.36 -1.58 5.69
CA ARG A 61 -5.14 -2.12 7.02
C ARG A 61 -5.85 -3.46 7.18
N SER A 62 -6.94 -3.65 6.45
CA SER A 62 -7.71 -4.89 6.51
C SER A 62 -7.19 -5.90 5.49
N TYR A 63 -6.58 -5.39 4.42
CA TYR A 63 -6.04 -6.25 3.37
C TYR A 63 -4.83 -7.03 3.87
N GLU A 64 -4.16 -6.49 4.88
CA GLU A 64 -2.98 -7.14 5.45
C GLU A 64 -3.37 -8.06 6.60
N LEU A 65 -4.42 -7.67 7.33
CA LEU A 65 -4.90 -8.47 8.46
C LEU A 65 -5.49 -9.80 7.98
N ALA A 66 -6.20 -9.75 6.85
CA ALA A 66 -6.81 -10.94 6.29
C ALA A 66 -5.76 -11.94 5.82
N GLY A 67 -4.57 -11.42 5.51
CA GLY A 67 -3.49 -12.28 5.05
C GLY A 67 -3.10 -12.01 3.62
N GLY A 68 -3.23 -10.76 3.19
CA GLY A 68 -2.89 -10.39 1.83
C GLY A 68 -1.44 -9.98 1.68
N ASP A 69 -0.95 -9.97 0.45
CA ASP A 69 0.43 -9.58 0.18
C ASP A 69 0.49 -8.47 -0.88
N LEU A 70 1.66 -7.84 -0.99
CA LEU A 70 1.84 -6.76 -1.95
C LEU A 70 1.43 -7.20 -3.35
N ALA A 71 1.91 -8.36 -3.77
CA ALA A 71 1.59 -8.89 -5.09
C ALA A 71 0.08 -8.90 -5.32
N GLY A 72 -0.65 -9.53 -4.40
CA GLY A 72 -2.09 -9.59 -4.53
C GLY A 72 -2.70 -8.25 -4.88
N LEU A 73 -2.18 -7.19 -4.29
CA LEU A 73 -2.68 -5.84 -4.54
C LEU A 73 -2.20 -5.33 -5.89
N LEU A 74 -0.92 -5.51 -6.17
CA LEU A 74 -0.34 -5.07 -7.44
C LEU A 74 -1.09 -5.66 -8.62
N GLU A 75 -1.58 -6.89 -8.45
CA GLU A 75 -2.31 -7.57 -9.51
C GLU A 75 -3.67 -6.91 -9.73
N ALA A 76 -4.37 -6.62 -8.65
CA ALA A 76 -5.68 -5.98 -8.73
C ALA A 76 -5.57 -4.57 -9.30
N LEU A 77 -4.71 -3.75 -8.71
CA LEU A 77 -4.51 -2.38 -9.16
C LEU A 77 -4.28 -2.34 -10.67
N SER A 78 -3.39 -3.20 -11.15
CA SER A 78 -3.07 -3.26 -12.57
C SER A 78 -4.32 -3.51 -13.40
N ASP A 79 -5.00 -4.63 -13.12
CA ASP A 79 -6.21 -4.98 -13.84
C ASP A 79 -7.17 -3.80 -13.92
N MET A 80 -7.23 -3.02 -12.83
CA MET A 80 -8.10 -1.85 -12.78
C MET A 80 -7.54 -0.71 -13.63
N GLY A 81 -6.21 -0.62 -13.68
CA GLY A 81 -5.58 0.44 -14.45
C GLY A 81 -4.67 1.31 -13.62
N LEU A 82 -4.92 1.34 -12.31
CA LEU A 82 -4.11 2.14 -11.40
C LEU A 82 -2.64 1.76 -11.51
N GLU A 83 -1.94 2.40 -12.44
CA GLU A 83 -0.52 2.14 -12.64
C GLU A 83 0.32 2.83 -11.57
N GLU A 84 0.01 4.11 -11.31
CA GLU A 84 0.74 4.88 -10.32
C GLU A 84 0.94 4.08 -9.04
N GLY A 85 -0.17 3.76 -8.36
CA GLY A 85 -0.10 3.01 -7.13
C GLY A 85 0.87 1.84 -7.22
N VAL A 86 0.77 1.08 -8.30
CA VAL A 86 1.65 -0.07 -8.50
C VAL A 86 3.12 0.32 -8.39
N ARG A 87 3.58 1.13 -9.33
CA ARG A 87 4.97 1.59 -9.34
C ARG A 87 5.37 2.13 -7.97
N LEU A 88 4.48 2.93 -7.38
CA LEU A 88 4.73 3.53 -6.08
C LEU A 88 5.00 2.45 -5.04
N LEU A 89 4.11 1.47 -4.96
CA LEU A 89 4.26 0.37 -4.00
C LEU A 89 5.65 -0.23 -4.08
N ARG A 90 6.12 -0.47 -5.30
CA ARG A 90 7.44 -1.05 -5.51
C ARG A 90 8.53 -0.12 -4.97
N GLY A 91 8.37 1.18 -5.19
CA GLY A 91 9.35 2.14 -4.72
C GLY A 91 10.73 1.89 -5.29
N PRO A 92 11.48 2.97 -5.52
CA PRO A 92 12.83 2.90 -6.07
C PRO A 92 13.83 2.29 -5.08
N GLU A 93 14.54 1.25 -5.51
CA GLU A 93 15.51 0.58 -4.66
C GLU A 93 16.94 0.98 -5.05
N THR A 94 17.08 2.21 -5.53
CA THR A 94 18.38 2.72 -5.94
C THR A 94 18.79 3.94 -5.11
N ARG A 95 20.09 4.15 -4.99
CA ARG A 95 20.61 5.28 -4.23
C ARG A 95 22.06 5.58 -4.61
N ASP A 96 22.39 6.85 -4.70
CA ASP A 96 23.75 7.28 -5.05
C ASP A 96 24.45 7.90 -3.86
N LYS A 97 25.28 7.12 -3.19
CA LYS A 97 26.02 7.60 -2.02
C LYS A 97 27.33 6.84 -1.85
N LEU A 98 28.45 7.55 -2.00
CA LEU A 98 29.76 6.94 -1.86
C LEU A 98 29.93 6.33 -0.48
N PRO A 99 30.71 5.23 -0.41
CA PRO A 99 30.97 4.53 0.85
C PRO A 99 31.87 5.33 1.79
N SER A 100 31.25 6.04 2.72
CA SER A 100 31.99 6.85 3.68
C SER A 100 32.14 6.13 5.01
N THR A 101 33.19 6.47 5.75
CA THR A 101 33.46 5.84 7.05
C THR A 101 33.70 6.89 8.12
N GLU A 102 33.18 6.63 9.32
CA GLU A 102 33.33 7.56 10.44
C GLU A 102 34.54 7.19 11.29
N VAL A 103 35.35 8.18 11.64
CA VAL A 103 36.53 7.95 12.45
C VAL A 103 36.44 8.69 13.78
N SER A 104 36.83 8.02 14.86
CA SER A 104 36.78 8.61 16.19
C SER A 104 37.81 7.96 17.11
N GLY A 105 38.18 8.67 18.17
CA GLY A 105 39.16 8.15 19.12
C GLY A 105 38.76 8.40 20.56
N PRO A 106 39.12 7.46 21.44
CA PRO A 106 38.81 7.56 22.87
C PRO A 106 39.59 8.66 23.57
N SER A 107 39.15 9.04 24.76
CA SER A 107 39.81 10.10 25.53
C SER A 107 40.94 9.52 26.38
N SER A 108 41.92 10.35 26.71
CA SER A 108 43.04 9.93 27.52
C SER A 108 43.68 11.12 28.24
N GLY A 109 44.53 10.83 29.22
CA GLY A 109 45.19 11.89 29.96
C GLY A 109 44.64 12.03 31.38
#